data_2K4V
#
_entry.id   2K4V
#
_entity_poly.entity_id   1
_entity_poly.type   'polypeptide(L)'
_entity_poly.pdbx_seq_one_letter_code
;QGHMFEPGHLHLVSLPGLDQQDINIHIRYEVRQNAESGAYVHFDMDGEIDGKPFSDSFELPRDTAFNFASDATRVAQKHG
LHPKFGAITRVHKEYDAMFEDIRAKLHAHPGEPVDLERIIRHEGS
;
_entity_poly.pdbx_strand_id   A
#
# COMPACT_ATOMS: atom_id res chain seq x y z
N GLN A 1 0.46 -13.13 -10.72
CA GLN A 1 0.91 -11.75 -11.03
C GLN A 1 1.93 -11.22 -10.00
N GLY A 2 2.23 -12.04 -8.96
CA GLY A 2 3.17 -11.68 -7.91
C GLY A 2 2.61 -10.60 -6.98
N HIS A 3 2.79 -9.34 -7.41
CA HIS A 3 2.21 -8.18 -6.71
C HIS A 3 0.76 -7.96 -7.19
N MET A 4 -0.13 -7.59 -6.26
CA MET A 4 -1.57 -7.40 -6.51
C MET A 4 -2.12 -6.38 -5.51
N PHE A 5 -3.06 -5.53 -5.94
CA PHE A 5 -3.74 -4.60 -5.02
C PHE A 5 -5.27 -4.79 -5.09
N GLU A 6 -5.91 -4.63 -3.92
CA GLU A 6 -7.37 -4.65 -3.75
C GLU A 6 -7.75 -3.60 -2.66
N PRO A 7 -8.98 -3.00 -2.68
CA PRO A 7 -9.38 -2.00 -1.66
C PRO A 7 -9.46 -2.65 -0.24
N GLY A 8 -8.39 -2.49 0.54
CA GLY A 8 -8.28 -3.03 1.90
C GLY A 8 -7.01 -3.85 2.15
N HIS A 9 -6.32 -4.27 1.05
CA HIS A 9 -5.16 -5.20 1.13
C HIS A 9 -4.26 -5.13 -0.14
N LEU A 10 -2.97 -5.48 0.03
CA LEU A 10 -1.97 -5.54 -1.05
C LEU A 10 -1.16 -6.86 -0.87
N HIS A 11 -1.12 -7.68 -1.93
CA HIS A 11 -0.34 -8.95 -1.95
C HIS A 11 1.02 -8.73 -2.65
N LEU A 12 2.09 -9.35 -2.11
CA LEU A 12 3.46 -9.25 -2.65
C LEU A 12 4.10 -10.65 -2.76
N VAL A 13 4.44 -11.03 -4.00
CA VAL A 13 5.39 -12.14 -4.33
C VAL A 13 6.27 -11.59 -5.48
N SER A 14 7.45 -12.17 -5.75
CA SER A 14 8.36 -11.62 -6.78
C SER A 14 8.03 -12.33 -8.10
N LEU A 15 7.73 -11.57 -9.16
CA LEU A 15 7.39 -12.14 -10.47
C LEU A 15 8.65 -12.79 -11.11
N PRO A 16 8.50 -13.99 -11.75
CA PRO A 16 9.65 -14.72 -12.36
C PRO A 16 10.34 -13.90 -13.47
N GLY A 17 11.67 -13.85 -13.41
CA GLY A 17 12.49 -13.01 -14.29
C GLY A 17 13.07 -11.82 -13.55
N LEU A 18 12.33 -11.31 -12.54
CA LEU A 18 12.75 -10.14 -11.74
C LEU A 18 13.81 -10.55 -10.69
N ASP A 19 13.41 -11.41 -9.75
CA ASP A 19 14.28 -11.90 -8.66
C ASP A 19 13.75 -13.24 -8.14
N GLN A 20 14.48 -14.33 -8.42
CA GLN A 20 14.12 -15.68 -7.97
C GLN A 20 14.56 -15.88 -6.51
N GLN A 21 13.70 -15.40 -5.60
CA GLN A 21 13.86 -15.53 -4.15
C GLN A 21 12.47 -15.67 -3.54
N ASP A 22 12.36 -16.41 -2.43
CA ASP A 22 11.08 -16.64 -1.75
C ASP A 22 10.70 -15.40 -0.92
N ILE A 23 10.11 -14.40 -1.59
CA ILE A 23 9.53 -13.24 -0.90
C ILE A 23 8.01 -13.34 -1.02
N ASN A 24 7.34 -13.22 0.11
CA ASN A 24 5.88 -13.23 0.19
C ASN A 24 5.47 -12.40 1.40
N ILE A 25 4.63 -11.38 1.14
CA ILE A 25 4.23 -10.35 2.11
C ILE A 25 2.74 -10.06 1.88
N HIS A 26 2.01 -9.87 2.97
CA HIS A 26 0.62 -9.42 2.94
C HIS A 26 0.61 -8.03 3.58
N ILE A 27 -0.07 -7.04 2.99
CA ILE A 27 -0.20 -5.69 3.56
C ILE A 27 -1.69 -5.38 3.70
N ARG A 28 -2.17 -5.42 4.92
CA ARG A 28 -3.58 -5.14 5.26
C ARG A 28 -3.64 -3.74 5.85
N TYR A 29 -4.59 -2.93 5.39
CA TYR A 29 -4.81 -1.59 5.94
C TYR A 29 -6.30 -1.44 6.28
N GLU A 30 -6.57 -1.12 7.54
CA GLU A 30 -7.93 -0.93 8.07
C GLU A 30 -7.98 0.43 8.75
N VAL A 31 -8.81 1.34 8.23
CA VAL A 31 -8.97 2.66 8.81
C VAL A 31 -9.90 2.58 10.03
N ARG A 32 -9.35 2.91 11.18
CA ARG A 32 -10.04 2.92 12.48
C ARG A 32 -10.02 4.35 13.01
N GLN A 33 -10.92 4.67 13.94
CA GLN A 33 -10.99 5.99 14.56
C GLN A 33 -10.50 5.90 16.01
N ASN A 34 -9.43 6.65 16.32
CA ASN A 34 -8.95 6.89 17.70
C ASN A 34 -9.44 8.28 18.17
N ALA A 35 -9.69 8.44 19.47
CA ALA A 35 -10.13 9.73 20.05
C ALA A 35 -8.99 10.78 20.08
N GLU A 36 -7.75 10.32 19.81
CA GLU A 36 -6.55 11.16 19.81
C GLU A 36 -6.47 12.03 18.54
N SER A 37 -6.52 11.39 17.35
CA SER A 37 -6.33 12.08 16.03
C SER A 37 -7.61 12.05 15.19
N GLY A 38 -8.63 11.31 15.66
CA GLY A 38 -9.84 11.06 14.88
C GLY A 38 -9.61 9.86 13.97
N ALA A 39 -9.49 10.10 12.67
CA ALA A 39 -9.15 9.05 11.70
C ALA A 39 -7.66 8.66 11.79
N TYR A 40 -7.40 7.35 11.64
CA TYR A 40 -6.03 6.81 11.45
C TYR A 40 -6.13 5.44 10.74
N VAL A 41 -5.00 4.90 10.23
CA VAL A 41 -4.99 3.58 9.58
C VAL A 41 -4.11 2.61 10.40
N HIS A 42 -4.69 1.46 10.75
CA HIS A 42 -3.98 0.32 11.34
C HIS A 42 -3.50 -0.61 10.22
N PHE A 43 -2.18 -0.82 10.13
CA PHE A 43 -1.57 -1.71 9.10
C PHE A 43 -1.07 -3.01 9.76
N ASP A 44 -1.18 -4.13 9.01
CA ASP A 44 -0.60 -5.44 9.38
C ASP A 44 0.22 -5.96 8.19
N MET A 45 1.48 -6.36 8.42
CA MET A 45 2.30 -7.02 7.38
C MET A 45 2.81 -8.37 7.88
N ASP A 46 2.61 -9.43 7.07
CA ASP A 46 2.95 -10.82 7.47
C ASP A 46 3.24 -11.71 6.24
N GLY A 47 4.14 -12.68 6.41
CA GLY A 47 4.54 -13.63 5.35
C GLY A 47 5.76 -14.43 5.77
N GLU A 48 6.60 -14.89 4.82
CA GLU A 48 7.91 -15.49 5.14
C GLU A 48 8.93 -15.26 4.00
N ILE A 49 9.90 -14.40 4.28
CA ILE A 49 10.98 -14.07 3.32
C ILE A 49 12.27 -14.82 3.64
N ASP A 50 12.81 -15.52 2.61
CA ASP A 50 13.93 -16.47 2.72
C ASP A 50 13.51 -17.66 3.62
N GLY A 51 12.17 -17.85 3.71
CA GLY A 51 11.57 -18.86 4.59
C GLY A 51 11.35 -18.37 6.01
N LYS A 52 11.77 -17.12 6.33
CA LYS A 52 11.67 -16.54 7.68
C LYS A 52 10.31 -15.86 7.90
N PRO A 53 9.42 -16.45 8.78
CA PRO A 53 8.07 -15.91 9.03
C PRO A 53 8.12 -14.63 9.90
N PHE A 54 7.24 -13.68 9.57
CA PHE A 54 7.15 -12.39 10.29
C PHE A 54 5.68 -11.99 10.44
N SER A 55 5.39 -11.29 11.54
CA SER A 55 4.10 -10.67 11.80
C SER A 55 4.37 -9.28 12.42
N ASP A 56 3.96 -8.24 11.71
CA ASP A 56 4.26 -6.84 12.02
C ASP A 56 2.96 -6.03 12.00
N SER A 57 2.87 -5.00 12.86
CA SER A 57 1.74 -4.07 12.86
C SER A 57 2.26 -2.65 13.17
N PHE A 58 1.87 -1.69 12.33
CA PHE A 58 2.24 -0.27 12.50
C PHE A 58 1.02 0.61 12.19
N GLU A 59 0.87 1.70 12.94
CA GLU A 59 -0.31 2.59 12.84
C GLU A 59 0.13 4.03 12.58
N LEU A 60 -0.52 4.68 11.63
CA LEU A 60 -0.23 6.07 11.22
C LEU A 60 -1.52 6.90 11.34
N PRO A 61 -1.48 8.09 12.03
CA PRO A 61 -2.64 9.02 12.10
C PRO A 61 -2.98 9.59 10.71
N ARG A 62 -4.20 10.13 10.56
CA ARG A 62 -4.68 10.79 9.32
C ARG A 62 -3.62 11.76 8.70
N ASP A 63 -2.81 12.39 9.58
CA ASP A 63 -1.80 13.40 9.24
C ASP A 63 -0.59 12.79 8.49
N THR A 64 -0.28 11.51 8.77
CA THR A 64 0.90 10.81 8.22
C THR A 64 0.49 9.44 7.64
N ALA A 65 -0.83 9.27 7.41
CA ALA A 65 -1.39 8.01 6.84
C ALA A 65 -0.88 7.78 5.42
N PHE A 66 -0.86 8.86 4.63
CA PHE A 66 -0.39 8.87 3.22
C PHE A 66 1.15 8.74 3.10
N ASN A 67 1.85 8.70 4.24
CA ASN A 67 3.29 8.46 4.31
C ASN A 67 3.57 6.94 4.41
N PHE A 68 2.48 6.13 4.36
CA PHE A 68 2.53 4.67 4.48
C PHE A 68 3.47 4.03 3.46
N ALA A 69 3.35 4.39 2.16
CA ALA A 69 4.13 3.79 1.05
C ALA A 69 5.65 3.84 1.28
N SER A 70 6.13 4.85 2.02
CA SER A 70 7.54 4.95 2.42
C SER A 70 7.89 3.89 3.48
N ASP A 71 7.07 3.84 4.56
CA ASP A 71 7.33 2.96 5.72
C ASP A 71 7.04 1.47 5.42
N ALA A 72 5.82 1.20 4.90
CA ALA A 72 5.39 -0.15 4.44
C ALA A 72 6.43 -0.85 3.53
N THR A 73 7.10 -0.04 2.69
CA THR A 73 8.20 -0.52 1.84
C THR A 73 9.48 -0.72 2.67
N ARG A 74 9.79 0.26 3.54
CA ARG A 74 11.00 0.29 4.41
C ARG A 74 11.09 -0.98 5.30
N VAL A 75 9.96 -1.35 5.91
CA VAL A 75 9.84 -2.55 6.76
C VAL A 75 9.87 -3.83 5.91
N ALA A 76 9.34 -3.77 4.67
CA ALA A 76 9.28 -4.93 3.75
C ALA A 76 10.69 -5.32 3.30
N GLN A 77 11.51 -4.31 2.97
CA GLN A 77 12.89 -4.49 2.50
C GLN A 77 13.84 -4.79 3.68
N LYS A 78 13.47 -4.32 4.89
CA LYS A 78 14.16 -4.69 6.14
C LYS A 78 13.96 -6.20 6.43
N HIS A 79 12.86 -6.76 5.90
CA HIS A 79 12.55 -8.20 6.02
C HIS A 79 13.22 -9.04 4.89
N GLY A 80 13.99 -8.42 3.97
CA GLY A 80 14.72 -9.17 2.93
C GLY A 80 14.30 -8.89 1.49
N LEU A 81 14.09 -7.60 1.14
CA LEU A 81 13.97 -7.15 -0.27
C LEU A 81 15.15 -6.21 -0.58
N HIS A 82 15.74 -6.36 -1.77
CA HIS A 82 16.76 -5.42 -2.28
C HIS A 82 16.08 -4.38 -3.20
N PRO A 83 16.66 -3.13 -3.35
CA PRO A 83 16.13 -2.09 -4.28
C PRO A 83 16.08 -2.54 -5.76
N LYS A 84 16.79 -3.64 -6.09
CA LYS A 84 16.81 -4.23 -7.44
C LYS A 84 15.43 -4.80 -7.82
N PHE A 85 14.66 -5.21 -6.79
CA PHE A 85 13.26 -5.65 -6.90
C PHE A 85 12.36 -4.51 -7.44
N GLY A 86 12.72 -3.27 -7.08
CA GLY A 86 11.90 -2.09 -7.36
C GLY A 86 10.92 -1.83 -6.23
N ALA A 87 11.44 -1.89 -5.00
CA ALA A 87 10.64 -1.66 -3.78
C ALA A 87 10.27 -0.17 -3.65
N ILE A 88 11.25 0.67 -3.28
CA ILE A 88 11.06 2.14 -3.13
C ILE A 88 11.61 2.88 -4.36
N THR A 89 12.48 2.20 -5.12
CA THR A 89 13.19 2.75 -6.29
C THR A 89 12.33 2.70 -7.59
N ARG A 90 11.13 2.12 -7.49
CA ARG A 90 10.13 2.11 -8.58
C ARG A 90 9.06 3.15 -8.25
N VAL A 91 8.91 4.18 -9.11
CA VAL A 91 7.83 5.17 -8.95
C VAL A 91 6.48 4.49 -9.25
N HIS A 92 5.79 4.05 -8.17
CA HIS A 92 4.48 3.37 -8.28
C HIS A 92 3.45 4.37 -8.83
N LYS A 93 3.06 4.17 -10.10
CA LYS A 93 2.15 5.08 -10.81
C LYS A 93 0.71 4.92 -10.30
N GLU A 94 0.39 3.69 -9.83
CA GLU A 94 -0.92 3.34 -9.24
C GLU A 94 -0.96 3.68 -7.73
N TYR A 95 0.12 4.33 -7.21
CA TYR A 95 0.13 4.86 -5.84
C TYR A 95 -1.00 5.89 -5.66
N ASP A 96 -1.25 6.70 -6.71
CA ASP A 96 -2.30 7.74 -6.70
C ASP A 96 -3.70 7.13 -6.52
N ALA A 97 -3.90 5.90 -7.05
CA ALA A 97 -5.16 5.17 -6.94
C ALA A 97 -5.39 4.66 -5.49
N MET A 98 -4.33 4.12 -4.89
CA MET A 98 -4.32 3.72 -3.45
C MET A 98 -4.49 4.96 -2.51
N PHE A 99 -3.82 6.05 -2.92
CA PHE A 99 -3.82 7.34 -2.22
C PHE A 99 -5.25 7.90 -2.10
N GLU A 100 -5.97 7.93 -3.24
CA GLU A 100 -7.34 8.45 -3.31
C GLU A 100 -8.34 7.52 -2.59
N ASP A 101 -8.05 6.21 -2.59
CA ASP A 101 -8.83 5.22 -1.83
C ASP A 101 -8.80 5.57 -0.33
N ILE A 102 -7.57 5.72 0.19
CA ILE A 102 -7.30 6.01 1.60
C ILE A 102 -7.85 7.40 2.03
N ARG A 103 -7.77 8.44 1.17
CA ARG A 103 -8.29 9.79 1.54
C ARG A 103 -9.83 9.80 1.61
N ALA A 104 -10.48 8.96 0.79
CA ALA A 104 -11.95 8.80 0.81
C ALA A 104 -12.37 7.98 2.04
N LYS A 105 -11.65 6.88 2.28
CA LYS A 105 -11.84 5.98 3.44
C LYS A 105 -11.67 6.71 4.80
N LEU A 106 -10.64 7.57 4.89
CA LEU A 106 -10.41 8.44 6.06
C LEU A 106 -11.57 9.43 6.26
N HIS A 107 -12.20 9.84 5.15
CA HIS A 107 -13.41 10.70 5.18
C HIS A 107 -14.67 9.86 5.47
N ALA A 108 -14.57 8.52 5.23
CA ALA A 108 -15.63 7.50 5.45
C ALA A 108 -16.58 7.44 4.24
N HIS A 109 -17.02 8.61 3.79
CA HIS A 109 -17.86 8.75 2.59
C HIS A 109 -16.95 8.96 1.36
N PRO A 110 -17.30 8.40 0.16
CA PRO A 110 -16.48 8.54 -1.08
C PRO A 110 -16.47 10.00 -1.61
N GLY A 111 -15.46 10.32 -2.43
CA GLY A 111 -15.26 11.67 -2.94
C GLY A 111 -14.19 11.69 -4.02
N GLU A 112 -14.49 11.02 -5.13
CA GLU A 112 -13.55 10.83 -6.25
C GLU A 112 -13.84 11.89 -7.36
N PRO A 113 -12.84 12.78 -7.69
CA PRO A 113 -12.96 13.79 -8.77
C PRO A 113 -13.27 13.17 -10.14
N VAL A 114 -14.46 13.47 -10.68
CA VAL A 114 -14.85 13.10 -12.05
C VAL A 114 -14.07 13.96 -13.07
N ASP A 115 -13.64 13.33 -14.16
CA ASP A 115 -12.71 13.93 -15.14
C ASP A 115 -13.38 14.98 -16.06
N LEU A 116 -14.69 15.26 -15.89
CA LEU A 116 -15.42 16.17 -16.80
C LEU A 116 -14.85 17.61 -16.75
N GLU A 117 -14.36 18.05 -15.57
CA GLU A 117 -13.67 19.35 -15.43
C GLU A 117 -12.30 19.30 -16.13
N ARG A 118 -11.61 18.15 -15.97
CA ARG A 118 -10.26 17.89 -16.51
C ARG A 118 -10.23 18.01 -18.05
N ILE A 119 -11.40 17.87 -18.71
CA ILE A 119 -11.53 17.97 -20.18
C ILE A 119 -11.46 19.46 -20.61
N ILE A 120 -11.98 20.34 -19.73
CA ILE A 120 -12.02 21.79 -19.96
C ILE A 120 -10.67 22.43 -19.57
N ARG A 121 -9.94 21.79 -18.64
CA ARG A 121 -8.65 22.31 -18.12
C ARG A 121 -7.58 22.40 -19.23
N HIS A 122 -7.55 23.58 -19.88
CA HIS A 122 -6.58 23.96 -20.93
C HIS A 122 -6.70 25.48 -21.19
N GLU A 123 -5.82 26.02 -22.05
CA GLU A 123 -5.81 27.45 -22.40
C GLU A 123 -5.19 27.64 -23.80
N GLY A 124 -6.00 28.17 -24.73
CA GLY A 124 -5.55 28.46 -26.09
C GLY A 124 -6.65 29.11 -26.91
N SER A 125 -7.69 28.32 -27.20
CA SER A 125 -8.88 28.76 -27.93
C SER A 125 -10.03 27.74 -27.67
N GLN A 1 6.89 -3.38 -7.26
CA GLN A 1 6.56 -4.72 -6.68
C GLN A 1 5.09 -4.77 -6.22
N GLY A 2 4.53 -6.00 -6.17
CA GLY A 2 3.13 -6.22 -5.84
C GLY A 2 2.32 -6.54 -7.10
N HIS A 3 1.25 -7.35 -6.96
CA HIS A 3 0.39 -7.74 -8.10
C HIS A 3 -1.07 -7.45 -7.78
N MET A 4 -1.70 -8.33 -6.97
CA MET A 4 -3.12 -8.23 -6.62
C MET A 4 -3.34 -7.10 -5.61
N PHE A 5 -3.90 -5.98 -6.08
CA PHE A 5 -4.15 -4.79 -5.28
C PHE A 5 -5.61 -4.36 -5.43
N GLU A 6 -6.21 -3.94 -4.33
CA GLU A 6 -7.58 -3.42 -4.27
C GLU A 6 -7.71 -2.45 -3.08
N PRO A 7 -8.63 -1.44 -3.16
CA PRO A 7 -9.02 -0.62 -2.00
C PRO A 7 -9.53 -1.48 -0.83
N GLY A 8 -8.60 -1.83 0.08
CA GLY A 8 -8.89 -2.69 1.24
C GLY A 8 -7.68 -3.57 1.60
N HIS A 9 -7.01 -4.11 0.55
CA HIS A 9 -5.93 -5.11 0.72
C HIS A 9 -4.93 -5.09 -0.46
N LEU A 10 -3.65 -5.33 -0.14
CA LEU A 10 -2.56 -5.55 -1.11
C LEU A 10 -1.84 -6.86 -0.77
N HIS A 11 -1.57 -7.69 -1.80
CA HIS A 11 -0.65 -8.83 -1.67
C HIS A 11 0.72 -8.39 -2.25
N LEU A 12 1.73 -8.34 -1.38
CA LEU A 12 3.04 -7.80 -1.71
C LEU A 12 3.97 -8.99 -2.05
N VAL A 13 4.31 -9.09 -3.33
CA VAL A 13 5.27 -10.08 -3.88
C VAL A 13 6.19 -9.32 -4.85
N SER A 14 7.50 -9.62 -4.86
CA SER A 14 8.46 -8.92 -5.74
C SER A 14 8.44 -9.61 -7.10
N LEU A 15 8.79 -8.87 -8.17
CA LEU A 15 8.80 -9.43 -9.53
C LEU A 15 10.01 -10.39 -9.68
N PRO A 16 9.77 -11.73 -9.77
CA PRO A 16 10.86 -12.73 -9.79
C PRO A 16 11.66 -12.71 -11.12
N GLY A 17 10.98 -12.36 -12.22
CA GLY A 17 11.56 -12.40 -13.56
C GLY A 17 11.88 -13.81 -14.02
N LEU A 18 13.15 -14.22 -13.82
CA LEU A 18 13.62 -15.61 -14.07
C LEU A 18 13.68 -16.39 -12.74
N ASP A 19 12.94 -15.89 -11.72
CA ASP A 19 12.83 -16.46 -10.36
C ASP A 19 14.18 -16.51 -9.66
N GLN A 20 14.53 -15.40 -8.96
CA GLN A 20 15.79 -15.27 -8.21
C GLN A 20 15.50 -15.17 -6.70
N GLN A 21 14.47 -14.38 -6.31
CA GLN A 21 14.00 -14.29 -4.91
C GLN A 21 12.47 -14.50 -4.85
N ASP A 22 11.99 -15.06 -3.72
CA ASP A 22 10.56 -15.35 -3.52
C ASP A 22 10.10 -14.72 -2.23
N ILE A 23 9.37 -13.60 -2.29
CA ILE A 23 8.80 -12.97 -1.09
C ILE A 23 7.28 -12.92 -1.24
N ASN A 24 6.55 -13.00 -0.13
CA ASN A 24 5.07 -13.01 -0.11
C ASN A 24 4.56 -12.46 1.22
N ILE A 25 3.77 -11.38 1.15
CA ILE A 25 3.38 -10.56 2.34
C ILE A 25 1.90 -10.16 2.22
N HIS A 26 1.21 -10.18 3.35
CA HIS A 26 -0.22 -9.86 3.44
C HIS A 26 -0.36 -8.45 4.04
N ILE A 27 -0.83 -7.46 3.25
CA ILE A 27 -0.96 -6.06 3.73
C ILE A 27 -2.45 -5.70 3.83
N ARG A 28 -2.91 -5.55 5.08
CA ARG A 28 -4.29 -5.16 5.43
C ARG A 28 -4.23 -3.75 6.03
N TYR A 29 -4.99 -2.81 5.46
CA TYR A 29 -5.10 -1.45 6.03
C TYR A 29 -6.59 -1.17 6.34
N GLU A 30 -6.86 -0.74 7.59
CA GLU A 30 -8.22 -0.54 8.09
C GLU A 30 -8.42 0.93 8.48
N VAL A 31 -9.28 1.66 7.76
CA VAL A 31 -9.60 3.06 8.10
C VAL A 31 -10.57 3.07 9.29
N ARG A 32 -10.09 3.62 10.40
CA ARG A 32 -10.77 3.56 11.71
C ARG A 32 -10.51 4.86 12.46
N GLN A 33 -11.25 5.10 13.56
CA GLN A 33 -11.09 6.32 14.38
C GLN A 33 -10.49 5.95 15.76
N ASN A 34 -9.33 6.56 16.09
CA ASN A 34 -8.67 6.46 17.40
C ASN A 34 -8.96 7.72 18.24
N ALA A 35 -8.92 7.58 19.57
CA ALA A 35 -9.19 8.69 20.51
C ALA A 35 -8.04 9.72 20.54
N GLU A 36 -6.84 9.27 20.16
CA GLU A 36 -5.58 10.03 20.26
C GLU A 36 -5.50 11.15 19.19
N SER A 37 -5.75 10.78 17.92
CA SER A 37 -5.49 11.65 16.75
C SER A 37 -6.71 11.65 15.78
N GLY A 38 -7.86 11.21 16.28
CA GLY A 38 -9.11 11.23 15.52
C GLY A 38 -9.17 10.11 14.49
N ALA A 39 -9.12 10.45 13.21
CA ALA A 39 -9.06 9.46 12.13
C ALA A 39 -7.64 8.89 11.99
N TYR A 40 -7.53 7.62 11.59
CA TYR A 40 -6.24 6.94 11.31
C TYR A 40 -6.47 5.72 10.42
N VAL A 41 -5.38 5.00 10.07
CA VAL A 41 -5.45 3.70 9.38
C VAL A 41 -4.51 2.69 10.08
N HIS A 42 -5.04 1.50 10.39
CA HIS A 42 -4.29 0.38 11.00
C HIS A 42 -3.67 -0.45 9.87
N PHE A 43 -2.33 -0.38 9.72
CA PHE A 43 -1.59 -1.18 8.74
C PHE A 43 -1.07 -2.46 9.43
N ASP A 44 -1.36 -3.62 8.84
CA ASP A 44 -1.09 -4.93 9.47
C ASP A 44 -0.49 -5.88 8.42
N MET A 45 0.66 -6.50 8.76
CA MET A 45 1.48 -7.28 7.81
C MET A 45 1.91 -8.62 8.43
N ASP A 46 1.99 -9.67 7.60
CA ASP A 46 2.60 -10.97 7.96
C ASP A 46 2.84 -11.81 6.70
N GLY A 47 3.66 -12.86 6.84
CA GLY A 47 3.96 -13.79 5.74
C GLY A 47 5.37 -14.31 5.85
N GLU A 48 6.11 -14.33 4.73
CA GLU A 48 7.51 -14.79 4.70
C GLU A 48 8.27 -14.12 3.54
N ILE A 49 9.60 -14.33 3.48
CA ILE A 49 10.51 -13.54 2.63
C ILE A 49 11.71 -14.47 2.40
N ASP A 50 11.78 -15.12 1.22
CA ASP A 50 12.81 -16.13 0.90
C ASP A 50 12.85 -17.25 1.97
N GLY A 51 11.65 -17.67 2.40
CA GLY A 51 11.48 -18.69 3.45
C GLY A 51 11.38 -18.14 4.87
N LYS A 52 11.95 -16.94 5.12
CA LYS A 52 12.03 -16.32 6.45
C LYS A 52 10.68 -15.66 6.85
N PRO A 53 9.93 -16.23 7.85
CA PRO A 53 8.60 -15.70 8.28
C PRO A 53 8.69 -14.50 9.25
N PHE A 54 7.65 -13.62 9.22
CA PHE A 54 7.54 -12.47 10.14
C PHE A 54 6.06 -12.03 10.33
N SER A 55 5.81 -11.30 11.42
CA SER A 55 4.52 -10.62 11.68
C SER A 55 4.78 -9.23 12.30
N ASP A 56 4.37 -8.16 11.60
CA ASP A 56 4.58 -6.76 12.03
C ASP A 56 3.32 -5.93 11.74
N SER A 57 3.07 -4.89 12.55
CA SER A 57 1.94 -3.97 12.34
C SER A 57 2.29 -2.58 12.89
N PHE A 58 1.93 -1.54 12.13
CA PHE A 58 2.15 -0.13 12.49
C PHE A 58 0.88 0.66 12.17
N GLU A 59 0.57 1.67 13.00
CA GLU A 59 -0.67 2.46 12.87
C GLU A 59 -0.31 3.95 12.77
N LEU A 60 -0.77 4.60 11.69
CA LEU A 60 -0.43 6.00 11.38
C LEU A 60 -1.72 6.83 11.32
N PRO A 61 -1.74 8.04 11.99
CA PRO A 61 -2.88 8.99 11.92
C PRO A 61 -3.22 9.43 10.47
N ARG A 62 -4.42 10.00 10.31
CA ARG A 62 -4.87 10.66 9.06
C ARG A 62 -3.80 11.61 8.45
N ASP A 63 -3.06 12.29 9.34
CA ASP A 63 -1.99 13.25 8.99
C ASP A 63 -0.78 12.58 8.31
N THR A 64 -0.54 11.28 8.62
CA THR A 64 0.65 10.54 8.17
C THR A 64 0.26 9.18 7.55
N ALA A 65 -1.03 9.00 7.21
CA ALA A 65 -1.54 7.74 6.61
C ALA A 65 -0.99 7.55 5.18
N PHE A 66 -0.77 8.69 4.50
CA PHE A 66 -0.11 8.75 3.19
C PHE A 66 1.39 8.40 3.28
N ASN A 67 1.98 8.58 4.48
CA ASN A 67 3.43 8.32 4.74
C ASN A 67 3.72 6.82 4.88
N PHE A 68 2.65 5.98 4.81
CA PHE A 68 2.73 4.53 5.03
C PHE A 68 3.54 3.80 3.94
N ALA A 69 3.71 4.42 2.75
CA ALA A 69 4.11 3.66 1.53
C ALA A 69 5.58 3.29 1.63
N SER A 70 6.37 4.25 2.12
CA SER A 70 7.80 4.08 2.39
C SER A 70 8.00 3.10 3.55
N ASP A 71 7.06 3.13 4.51
CA ASP A 71 7.14 2.35 5.76
C ASP A 71 6.89 0.86 5.50
N ALA A 72 5.73 0.52 4.90
CA ALA A 72 5.31 -0.87 4.58
C ALA A 72 6.37 -1.64 3.77
N THR A 73 6.96 -0.95 2.79
CA THR A 73 8.05 -1.50 1.98
C THR A 73 9.31 -1.71 2.84
N ARG A 74 9.70 -0.65 3.59
CA ARG A 74 10.88 -0.67 4.50
C ARG A 74 10.79 -1.79 5.56
N VAL A 75 9.56 -2.09 6.06
CA VAL A 75 9.31 -3.17 7.05
C VAL A 75 9.79 -4.51 6.47
N ALA A 76 9.45 -4.74 5.19
CA ALA A 76 9.80 -5.95 4.46
C ALA A 76 11.31 -6.00 4.19
N GLN A 77 11.88 -4.84 3.80
CA GLN A 77 13.31 -4.72 3.46
C GLN A 77 14.21 -5.08 4.66
N LYS A 78 13.75 -4.67 5.86
CA LYS A 78 14.42 -4.96 7.15
C LYS A 78 14.50 -6.48 7.41
N HIS A 79 13.52 -7.24 6.90
CA HIS A 79 13.42 -8.70 7.14
C HIS A 79 14.15 -9.50 6.02
N GLY A 80 15.13 -8.87 5.35
CA GLY A 80 16.01 -9.58 4.42
C GLY A 80 15.48 -9.53 3.00
N LEU A 81 15.14 -8.32 2.57
CA LEU A 81 14.55 -8.08 1.25
C LEU A 81 15.27 -6.86 0.62
N HIS A 82 15.74 -7.06 -0.61
CA HIS A 82 16.40 -6.04 -1.44
C HIS A 82 16.66 -6.66 -2.81
N PRO A 83 15.75 -6.47 -3.82
CA PRO A 83 15.92 -7.02 -5.18
C PRO A 83 17.22 -6.52 -5.85
N LYS A 84 18.30 -7.29 -5.67
CA LYS A 84 19.64 -6.99 -6.22
C LYS A 84 19.67 -7.34 -7.73
N PHE A 85 18.88 -8.35 -8.11
CA PHE A 85 18.57 -8.68 -9.51
C PHE A 85 17.59 -7.66 -10.10
N GLY A 86 16.84 -6.98 -9.19
CA GLY A 86 15.77 -6.05 -9.55
C GLY A 86 16.26 -4.79 -10.24
N ALA A 87 16.51 -4.92 -11.56
CA ALA A 87 16.85 -3.80 -12.45
C ALA A 87 15.57 -2.99 -12.81
N ILE A 88 14.41 -3.59 -12.48
CA ILE A 88 13.09 -2.95 -12.54
C ILE A 88 13.04 -1.64 -11.71
N THR A 89 13.16 -0.49 -12.39
CA THR A 89 13.06 0.84 -11.76
C THR A 89 11.69 1.50 -12.08
N ARG A 90 11.09 1.09 -13.22
CA ARG A 90 9.81 1.68 -13.72
C ARG A 90 8.58 0.94 -13.14
N VAL A 91 8.79 0.24 -12.02
CA VAL A 91 7.74 -0.50 -11.31
C VAL A 91 7.13 0.38 -10.20
N HIS A 92 6.43 1.43 -10.65
CA HIS A 92 5.78 2.39 -9.73
C HIS A 92 4.72 1.67 -8.86
N LYS A 93 4.75 1.94 -7.56
CA LYS A 93 3.88 1.29 -6.56
C LYS A 93 2.45 1.90 -6.59
N GLU A 94 2.24 2.86 -7.54
CA GLU A 94 0.95 3.50 -7.81
C GLU A 94 0.46 4.27 -6.58
N TYR A 95 1.43 4.92 -5.91
CA TYR A 95 1.21 5.73 -4.72
C TYR A 95 0.23 6.89 -5.01
N ASP A 96 0.28 7.45 -6.23
CA ASP A 96 -0.68 8.47 -6.70
C ASP A 96 -2.14 8.00 -6.59
N ALA A 97 -2.42 6.75 -7.01
CA ALA A 97 -3.77 6.17 -6.98
C ALA A 97 -4.21 5.91 -5.53
N MET A 98 -3.31 5.26 -4.76
CA MET A 98 -3.51 4.96 -3.33
C MET A 98 -3.71 6.25 -2.48
N PHE A 99 -2.96 7.30 -2.85
CA PHE A 99 -3.04 8.65 -2.24
C PHE A 99 -4.50 9.16 -2.29
N GLU A 100 -5.12 8.99 -3.46
CA GLU A 100 -6.51 9.43 -3.69
C GLU A 100 -7.53 8.57 -2.95
N ASP A 101 -7.19 7.29 -2.71
CA ASP A 101 -8.01 6.38 -1.91
C ASP A 101 -8.02 6.83 -0.43
N ILE A 102 -6.81 6.98 0.15
CA ILE A 102 -6.62 7.43 1.56
C ILE A 102 -7.34 8.78 1.82
N ARG A 103 -7.13 9.75 0.91
CA ARG A 103 -7.69 11.12 1.05
C ARG A 103 -9.23 11.07 1.01
N ALA A 104 -9.77 10.05 0.31
CA ALA A 104 -11.22 9.80 0.22
C ALA A 104 -11.78 9.14 1.51
N LYS A 105 -11.20 8.00 1.92
CA LYS A 105 -11.71 7.18 3.04
C LYS A 105 -11.60 7.87 4.42
N LEU A 106 -10.50 8.60 4.63
CA LEU A 106 -10.33 9.44 5.83
C LEU A 106 -11.30 10.66 5.82
N HIS A 107 -11.73 11.06 4.62
CA HIS A 107 -12.82 12.05 4.41
C HIS A 107 -14.20 11.37 4.65
N ALA A 108 -14.19 10.00 4.61
CA ALA A 108 -15.34 9.11 4.89
C ALA A 108 -16.37 9.08 3.75
N HIS A 109 -15.98 9.66 2.61
CA HIS A 109 -16.83 9.81 1.41
C HIS A 109 -15.90 9.76 0.17
N PRO A 110 -16.33 9.14 -1.00
CA PRO A 110 -15.47 9.01 -2.21
C PRO A 110 -14.87 10.37 -2.67
N GLY A 111 -13.59 10.35 -3.09
CA GLY A 111 -12.81 11.56 -3.38
C GLY A 111 -13.38 12.43 -4.50
N GLU A 112 -14.19 11.82 -5.35
CA GLU A 112 -14.88 12.50 -6.47
C GLU A 112 -16.24 11.84 -6.71
N PRO A 113 -17.24 12.58 -7.29
CA PRO A 113 -18.51 11.97 -7.77
C PRO A 113 -18.24 10.99 -8.92
N VAL A 114 -19.08 9.93 -9.03
CA VAL A 114 -18.92 8.90 -10.07
C VAL A 114 -19.23 9.48 -11.46
N ASP A 115 -18.47 9.05 -12.48
CA ASP A 115 -18.56 9.62 -13.85
C ASP A 115 -19.10 8.60 -14.86
N LEU A 116 -19.80 7.57 -14.38
CA LEU A 116 -20.30 6.44 -15.21
C LEU A 116 -21.20 6.92 -16.37
N GLU A 117 -22.03 7.96 -16.09
CA GLU A 117 -22.99 8.53 -17.07
C GLU A 117 -22.32 9.62 -17.93
N ARG A 118 -21.14 10.10 -17.49
CA ARG A 118 -20.46 11.25 -18.13
C ARG A 118 -19.69 10.81 -19.39
N ILE A 119 -19.56 9.48 -19.56
CA ILE A 119 -19.12 8.87 -20.83
C ILE A 119 -20.34 8.70 -21.75
N ILE A 120 -21.48 8.36 -21.12
CA ILE A 120 -22.75 8.05 -21.80
C ILE A 120 -23.56 9.36 -22.10
N ARG A 121 -22.91 10.54 -21.99
CA ARG A 121 -23.54 11.84 -22.33
C ARG A 121 -23.56 12.02 -23.88
N HIS A 122 -24.68 11.64 -24.50
CA HIS A 122 -24.88 11.79 -25.95
C HIS A 122 -26.40 11.83 -26.26
N GLU A 123 -26.80 12.79 -27.11
CA GLU A 123 -28.19 12.95 -27.56
C GLU A 123 -28.26 12.64 -29.07
N GLY A 124 -27.43 13.35 -29.85
CA GLY A 124 -27.36 13.15 -31.30
C GLY A 124 -26.58 14.25 -32.03
N SER A 125 -25.65 14.89 -31.30
CA SER A 125 -24.82 15.99 -31.82
C SER A 125 -23.34 15.75 -31.40
N GLN A 1 1.17 -12.93 -9.83
CA GLN A 1 1.74 -13.45 -8.57
C GLN A 1 2.20 -12.29 -7.68
N GLY A 2 3.03 -11.41 -8.27
CA GLY A 2 3.75 -10.37 -7.53
C GLY A 2 2.88 -9.37 -6.77
N HIS A 3 1.76 -8.96 -7.38
CA HIS A 3 0.92 -7.87 -6.83
C HIS A 3 -0.58 -8.22 -6.95
N MET A 4 -1.20 -8.58 -5.82
CA MET A 4 -2.66 -8.76 -5.70
C MET A 4 -3.17 -7.69 -4.75
N PHE A 5 -4.19 -6.93 -5.14
CA PHE A 5 -4.72 -5.82 -4.31
C PHE A 5 -6.26 -5.87 -4.26
N GLU A 6 -6.80 -5.63 -3.07
CA GLU A 6 -8.25 -5.55 -2.81
C GLU A 6 -8.49 -4.45 -1.74
N PRO A 7 -9.72 -3.82 -1.71
CA PRO A 7 -10.09 -2.84 -0.65
C PRO A 7 -10.00 -3.45 0.77
N GLY A 8 -8.91 -3.13 1.49
CA GLY A 8 -8.70 -3.61 2.87
C GLY A 8 -7.46 -4.47 3.03
N HIS A 9 -6.87 -4.95 1.91
CA HIS A 9 -5.72 -5.89 1.97
C HIS A 9 -4.90 -5.86 0.65
N LEU A 10 -3.60 -5.56 0.77
CA LEU A 10 -2.60 -5.72 -0.31
C LEU A 10 -1.76 -6.99 -0.02
N HIS A 11 -1.77 -7.96 -0.95
CA HIS A 11 -0.92 -9.16 -0.86
C HIS A 11 0.32 -8.97 -1.75
N LEU A 12 1.51 -9.06 -1.14
CA LEU A 12 2.79 -9.08 -1.87
C LEU A 12 3.26 -10.53 -2.01
N VAL A 13 3.75 -10.87 -3.20
CA VAL A 13 4.55 -12.09 -3.50
C VAL A 13 5.63 -11.62 -4.49
N SER A 14 6.63 -12.42 -4.82
CA SER A 14 7.54 -12.12 -5.93
C SER A 14 7.03 -12.80 -7.23
N LEU A 15 7.46 -12.31 -8.41
CA LEU A 15 7.14 -12.97 -9.69
C LEU A 15 8.43 -13.52 -10.37
N PRO A 16 8.67 -14.87 -10.27
CA PRO A 16 9.87 -15.54 -10.84
C PRO A 16 10.04 -15.25 -12.36
N GLY A 17 11.18 -14.62 -12.70
CA GLY A 17 11.47 -14.18 -14.06
C GLY A 17 12.09 -12.79 -14.04
N LEU A 18 11.32 -11.83 -13.49
CA LEU A 18 11.78 -10.45 -13.24
C LEU A 18 12.14 -10.30 -11.75
N ASP A 19 12.24 -11.45 -11.06
CA ASP A 19 12.50 -11.53 -9.62
C ASP A 19 13.06 -12.93 -9.32
N GLN A 20 14.12 -13.00 -8.49
CA GLN A 20 14.83 -14.25 -8.17
C GLN A 20 14.96 -14.43 -6.64
N GLN A 21 13.86 -14.13 -5.91
CA GLN A 21 13.81 -14.24 -4.44
C GLN A 21 12.36 -14.55 -4.00
N ASP A 22 12.18 -15.17 -2.81
CA ASP A 22 10.85 -15.64 -2.35
C ASP A 22 10.29 -14.68 -1.27
N ILE A 23 9.91 -13.47 -1.69
CA ILE A 23 9.23 -12.51 -0.80
C ILE A 23 7.74 -12.76 -0.92
N ASN A 24 7.05 -12.80 0.23
CA ASN A 24 5.60 -12.94 0.29
C ASN A 24 5.07 -12.38 1.62
N ILE A 25 4.35 -11.25 1.51
CA ILE A 25 3.95 -10.39 2.64
C ILE A 25 2.43 -10.21 2.66
N HIS A 26 1.85 -10.15 3.87
CA HIS A 26 0.42 -9.87 4.08
C HIS A 26 0.33 -8.43 4.59
N ILE A 27 -0.24 -7.51 3.78
CA ILE A 27 -0.46 -6.12 4.21
C ILE A 27 -1.97 -5.93 4.36
N ARG A 28 -2.43 -5.80 5.60
CA ARG A 28 -3.86 -5.64 5.91
C ARG A 28 -4.07 -4.24 6.52
N TYR A 29 -4.90 -3.41 5.86
CA TYR A 29 -5.19 -2.04 6.32
C TYR A 29 -6.70 -1.87 6.56
N GLU A 30 -7.05 -1.29 7.73
CA GLU A 30 -8.45 -1.01 8.11
C GLU A 30 -8.58 0.45 8.58
N VAL A 31 -9.46 1.21 7.91
CA VAL A 31 -9.81 2.58 8.34
C VAL A 31 -10.64 2.51 9.64
N ARG A 32 -10.18 3.21 10.68
CA ARG A 32 -10.79 3.19 12.03
C ARG A 32 -10.63 4.58 12.68
N GLN A 33 -11.37 4.85 13.76
CA GLN A 33 -11.27 6.09 14.56
C GLN A 33 -10.76 5.73 15.97
N ASN A 34 -9.55 6.20 16.33
CA ASN A 34 -9.02 6.12 17.73
C ASN A 34 -9.18 7.48 18.42
N ALA A 35 -9.39 7.46 19.75
CA ALA A 35 -9.52 8.68 20.57
C ALA A 35 -8.17 9.43 20.67
N GLU A 36 -7.07 8.66 20.53
CA GLU A 36 -5.70 9.17 20.65
C GLU A 36 -5.34 10.15 19.52
N SER A 37 -5.51 9.70 18.26
CA SER A 37 -5.00 10.40 17.06
C SER A 37 -6.13 10.79 16.09
N GLY A 38 -7.40 10.54 16.47
CA GLY A 38 -8.57 10.91 15.64
C GLY A 38 -8.90 9.84 14.61
N ALA A 39 -9.16 10.26 13.36
CA ALA A 39 -9.30 9.33 12.23
C ALA A 39 -7.92 8.81 11.84
N TYR A 40 -7.84 7.52 11.48
CA TYR A 40 -6.58 6.89 11.04
C TYR A 40 -6.83 5.60 10.26
N VAL A 41 -5.74 4.98 9.79
CA VAL A 41 -5.78 3.62 9.21
C VAL A 41 -4.75 2.75 9.95
N HIS A 42 -5.17 1.54 10.34
CA HIS A 42 -4.34 0.54 11.03
C HIS A 42 -3.72 -0.39 9.98
N PHE A 43 -2.40 -0.60 10.02
CA PHE A 43 -1.67 -1.43 9.04
C PHE A 43 -0.99 -2.62 9.74
N ASP A 44 -0.97 -3.77 9.05
CA ASP A 44 -0.27 -5.00 9.50
C ASP A 44 0.61 -5.53 8.36
N MET A 45 1.81 -6.03 8.69
CA MET A 45 2.68 -6.75 7.75
C MET A 45 3.20 -8.03 8.44
N ASP A 46 3.04 -9.19 7.79
CA ASP A 46 3.51 -10.49 8.35
C ASP A 46 3.65 -11.52 7.24
N GLY A 47 4.41 -12.59 7.52
CA GLY A 47 4.62 -13.67 6.57
C GLY A 47 6.07 -14.12 6.59
N GLU A 48 6.73 -14.08 5.42
CA GLU A 48 8.13 -14.51 5.26
C GLU A 48 8.76 -13.80 4.03
N ILE A 49 10.11 -13.81 3.93
CA ILE A 49 10.86 -13.00 2.95
C ILE A 49 12.19 -13.76 2.76
N ASP A 50 12.43 -14.34 1.58
CA ASP A 50 13.64 -15.15 1.28
C ASP A 50 13.74 -16.34 2.30
N GLY A 51 12.57 -16.95 2.60
CA GLY A 51 12.47 -18.04 3.57
C GLY A 51 12.15 -17.61 5.00
N LYS A 52 12.74 -16.49 5.43
CA LYS A 52 12.72 -16.05 6.84
C LYS A 52 11.39 -15.36 7.21
N PRO A 53 10.71 -15.78 8.33
CA PRO A 53 9.42 -15.17 8.78
C PRO A 53 9.60 -13.82 9.53
N PHE A 54 8.48 -13.06 9.66
CA PHE A 54 8.45 -11.78 10.42
C PHE A 54 7.00 -11.45 10.86
N SER A 55 6.87 -10.57 11.89
CA SER A 55 5.59 -9.97 12.29
C SER A 55 5.81 -8.51 12.77
N ASP A 56 5.26 -7.56 11.99
CA ASP A 56 5.33 -6.10 12.26
C ASP A 56 3.94 -5.47 12.06
N SER A 57 3.68 -4.35 12.74
CA SER A 57 2.43 -3.58 12.57
C SER A 57 2.67 -2.11 12.90
N PHE A 58 2.08 -1.20 12.10
CA PHE A 58 2.21 0.26 12.28
C PHE A 58 0.86 0.94 12.02
N GLU A 59 0.61 2.09 12.70
CA GLU A 59 -0.66 2.83 12.58
C GLU A 59 -0.34 4.30 12.28
N LEU A 60 -0.93 4.84 11.20
CA LEU A 60 -0.71 6.23 10.75
C LEU A 60 -2.04 7.01 10.76
N PRO A 61 -2.06 8.28 11.32
CA PRO A 61 -3.28 9.14 11.29
C PRO A 61 -3.69 9.54 9.86
N ARG A 62 -4.98 9.93 9.70
CA ARG A 62 -5.59 10.35 8.41
C ARG A 62 -4.68 11.25 7.53
N ASP A 63 -3.94 12.16 8.19
CA ASP A 63 -3.10 13.16 7.52
C ASP A 63 -1.85 12.55 6.84
N THR A 64 -1.39 11.39 7.35
CA THR A 64 -0.11 10.76 6.93
C THR A 64 -0.30 9.26 6.61
N ALA A 65 -1.57 8.79 6.59
CA ALA A 65 -1.92 7.37 6.35
C ALA A 65 -1.45 6.88 4.97
N PHE A 66 -1.59 7.77 4.00
CA PHE A 66 -1.27 7.52 2.57
C PHE A 66 0.24 7.34 2.31
N ASN A 67 1.08 7.71 3.29
CA ASN A 67 2.55 7.55 3.23
C ASN A 67 2.97 6.09 3.55
N PHE A 68 1.98 5.21 3.80
CA PHE A 68 2.20 3.81 4.21
C PHE A 68 2.90 2.99 3.12
N ALA A 69 2.95 3.50 1.87
CA ALA A 69 3.54 2.75 0.75
C ALA A 69 5.06 2.75 0.92
N SER A 70 5.57 3.89 1.42
CA SER A 70 6.99 4.07 1.76
C SER A 70 7.33 3.30 3.04
N ASP A 71 6.41 3.34 4.03
CA ASP A 71 6.58 2.65 5.34
C ASP A 71 6.64 1.13 5.14
N ALA A 72 5.62 0.60 4.44
CA ALA A 72 5.52 -0.83 4.07
C ALA A 72 6.76 -1.33 3.32
N THR A 73 7.20 -0.59 2.28
CA THR A 73 8.42 -0.92 1.50
C THR A 73 9.69 -0.78 2.39
N ARG A 74 9.64 0.10 3.40
CA ARG A 74 10.77 0.32 4.34
C ARG A 74 10.89 -0.87 5.30
N VAL A 75 9.74 -1.38 5.77
CA VAL A 75 9.64 -2.52 6.70
C VAL A 75 10.02 -3.83 5.95
N ALA A 76 9.71 -3.87 4.65
CA ALA A 76 9.96 -5.03 3.79
C ALA A 76 11.48 -5.17 3.53
N GLN A 77 12.09 -4.04 3.12
CA GLN A 77 13.56 -3.95 2.85
C GLN A 77 14.38 -4.05 4.14
N LYS A 78 13.80 -3.61 5.27
CA LYS A 78 14.38 -3.79 6.61
C LYS A 78 14.55 -5.29 6.93
N HIS A 79 13.68 -6.13 6.35
CA HIS A 79 13.70 -7.59 6.57
C HIS A 79 14.25 -8.34 5.33
N GLY A 80 15.00 -7.63 4.47
CA GLY A 80 15.81 -8.28 3.44
C GLY A 80 15.10 -8.46 2.12
N LEU A 81 14.32 -7.43 1.72
CA LEU A 81 13.75 -7.36 0.36
C LEU A 81 14.90 -7.11 -0.66
N HIS A 82 15.87 -6.25 -0.22
CA HIS A 82 17.11 -5.88 -0.97
C HIS A 82 16.84 -4.86 -2.11
N PRO A 83 17.91 -4.21 -2.68
CA PRO A 83 17.85 -3.56 -4.03
C PRO A 83 17.83 -4.64 -5.15
N LYS A 84 16.86 -5.55 -5.00
CA LYS A 84 16.86 -6.88 -5.62
C LYS A 84 16.67 -6.83 -7.15
N PHE A 85 15.69 -6.02 -7.57
CA PHE A 85 15.27 -5.90 -8.99
C PHE A 85 16.43 -5.40 -9.86
N GLY A 86 17.29 -4.54 -9.28
CA GLY A 86 18.35 -3.86 -10.04
C GLY A 86 17.80 -2.97 -11.15
N ALA A 87 16.52 -2.58 -11.01
CA ALA A 87 15.75 -1.91 -12.07
C ALA A 87 14.51 -1.18 -11.49
N ILE A 88 14.59 -0.78 -10.20
CA ILE A 88 13.51 0.04 -9.57
C ILE A 88 13.60 1.52 -10.04
N THR A 89 14.67 1.81 -10.81
CA THR A 89 14.89 3.12 -11.46
C THR A 89 13.69 3.49 -12.37
N ARG A 90 13.23 2.52 -13.19
CA ARG A 90 12.02 2.66 -14.02
C ARG A 90 10.95 1.67 -13.53
N VAL A 91 9.78 2.21 -13.16
CA VAL A 91 8.66 1.46 -12.58
C VAL A 91 7.37 2.32 -12.65
N HIS A 92 6.21 1.66 -12.85
CA HIS A 92 4.90 2.34 -12.84
C HIS A 92 4.51 2.69 -11.38
N LYS A 93 4.09 3.95 -11.17
CA LYS A 93 3.70 4.45 -9.84
C LYS A 93 2.17 4.53 -9.74
N GLU A 94 1.59 3.72 -8.84
CA GLU A 94 0.13 3.68 -8.59
C GLU A 94 -0.20 4.37 -7.26
N TYR A 95 0.74 5.23 -6.80
CA TYR A 95 0.66 5.93 -5.51
C TYR A 95 -0.55 6.89 -5.48
N ASP A 96 -0.78 7.60 -6.60
CA ASP A 96 -1.91 8.56 -6.74
C ASP A 96 -3.28 7.85 -6.68
N ALA A 97 -3.36 6.67 -7.33
CA ALA A 97 -4.62 5.88 -7.43
C ALA A 97 -5.06 5.35 -6.04
N MET A 98 -4.11 4.77 -5.34
CA MET A 98 -4.27 4.31 -3.94
C MET A 98 -4.52 5.48 -2.95
N PHE A 99 -3.75 6.57 -3.15
CA PHE A 99 -3.90 7.85 -2.39
C PHE A 99 -5.35 8.34 -2.38
N GLU A 100 -5.97 8.39 -3.58
CA GLU A 100 -7.33 8.92 -3.74
C GLU A 100 -8.37 7.88 -3.29
N ASP A 101 -8.01 6.58 -3.39
CA ASP A 101 -8.86 5.45 -2.99
C ASP A 101 -9.12 5.48 -1.47
N ILE A 102 -8.04 5.40 -0.69
CA ILE A 102 -8.10 5.43 0.78
C ILE A 102 -8.65 6.78 1.30
N ARG A 103 -8.31 7.90 0.62
CA ARG A 103 -8.84 9.25 0.99
C ARG A 103 -10.36 9.28 0.77
N ALA A 104 -10.84 8.48 -0.21
CA ALA A 104 -12.28 8.34 -0.52
C ALA A 104 -12.97 7.48 0.56
N LYS A 105 -12.29 6.44 1.05
CA LYS A 105 -12.77 5.62 2.17
C LYS A 105 -12.84 6.42 3.51
N LEU A 106 -11.87 7.33 3.69
CA LEU A 106 -11.89 8.34 4.79
C LEU A 106 -13.09 9.32 4.61
N HIS A 107 -13.43 9.61 3.34
CA HIS A 107 -14.63 10.42 2.97
C HIS A 107 -15.94 9.57 3.10
N ALA A 108 -15.76 8.23 3.17
CA ALA A 108 -16.81 7.20 3.40
C ALA A 108 -17.28 6.54 2.08
N HIS A 109 -17.20 7.27 0.97
CA HIS A 109 -17.62 6.78 -0.37
C HIS A 109 -16.62 7.20 -1.46
N PRO A 110 -16.43 6.38 -2.55
CA PRO A 110 -15.55 6.74 -3.69
C PRO A 110 -16.11 7.94 -4.51
N GLY A 111 -15.64 9.14 -4.17
CA GLY A 111 -15.94 10.37 -4.90
C GLY A 111 -14.70 10.94 -5.56
N GLU A 112 -14.50 10.62 -6.85
CA GLU A 112 -13.31 11.07 -7.63
C GLU A 112 -13.24 12.62 -7.73
N PRO A 113 -12.00 13.23 -7.69
CA PRO A 113 -11.82 14.69 -7.80
C PRO A 113 -11.55 15.14 -9.26
N VAL A 114 -12.55 15.75 -9.90
CA VAL A 114 -12.42 16.22 -11.29
C VAL A 114 -11.45 17.44 -11.35
N ASP A 115 -10.24 17.18 -11.89
CA ASP A 115 -9.06 18.06 -11.74
C ASP A 115 -9.04 19.20 -12.79
N LEU A 116 -10.23 19.53 -13.36
CA LEU A 116 -10.39 20.70 -14.25
C LEU A 116 -10.16 22.02 -13.47
N GLU A 117 -10.43 21.95 -12.15
CA GLU A 117 -10.27 23.08 -11.20
C GLU A 117 -8.77 23.43 -11.01
N ARG A 118 -7.87 22.57 -11.51
CA ARG A 118 -6.41 22.71 -11.35
C ARG A 118 -5.77 23.55 -12.47
N ILE A 119 -6.48 23.71 -13.61
CA ILE A 119 -5.96 24.45 -14.78
C ILE A 119 -6.27 25.94 -14.58
N ILE A 120 -5.49 26.56 -13.66
CA ILE A 120 -5.47 28.02 -13.39
C ILE A 120 -6.76 28.52 -12.65
N ARG A 121 -7.76 27.62 -12.45
CA ARG A 121 -9.06 28.00 -11.87
C ARG A 121 -8.89 28.34 -10.37
N HIS A 122 -8.31 27.39 -9.63
CA HIS A 122 -7.80 27.61 -8.26
C HIS A 122 -6.28 27.49 -8.28
N GLU A 123 -5.61 28.40 -7.57
CA GLU A 123 -4.14 28.43 -7.42
C GLU A 123 -3.76 29.11 -6.10
N GLY A 124 -4.53 30.15 -5.71
CA GLY A 124 -4.39 30.85 -4.43
C GLY A 124 -2.98 31.35 -4.14
N SER A 125 -2.40 30.86 -3.04
CA SER A 125 -1.03 31.17 -2.62
C SER A 125 -0.55 30.06 -1.64
N GLN A 1 1.15 -15.08 -11.15
CA GLN A 1 -0.04 -14.99 -10.28
C GLN A 1 0.15 -13.87 -9.25
N GLY A 2 -0.95 -13.40 -8.66
CA GLY A 2 -0.94 -12.36 -7.63
C GLY A 2 -1.68 -11.11 -8.08
N HIS A 3 -1.04 -9.94 -7.88
CA HIS A 3 -1.61 -8.59 -8.18
C HIS A 3 -2.91 -8.32 -7.38
N MET A 4 -3.08 -9.07 -6.27
CA MET A 4 -4.29 -8.99 -5.43
C MET A 4 -4.29 -7.69 -4.60
N PHE A 5 -5.01 -6.68 -5.10
CA PHE A 5 -5.19 -5.40 -4.40
C PHE A 5 -6.66 -5.03 -4.38
N GLU A 6 -7.16 -4.70 -3.19
CA GLU A 6 -8.56 -4.36 -2.90
C GLU A 6 -8.59 -3.23 -1.84
N PRO A 7 -9.70 -2.42 -1.75
CA PRO A 7 -9.88 -1.44 -0.65
C PRO A 7 -9.92 -2.13 0.73
N GLY A 8 -8.79 -2.06 1.47
CA GLY A 8 -8.65 -2.69 2.78
C GLY A 8 -7.45 -3.63 2.88
N HIS A 9 -7.00 -4.19 1.74
CA HIS A 9 -5.96 -5.26 1.73
C HIS A 9 -5.14 -5.26 0.42
N LEU A 10 -3.84 -5.53 0.56
CA LEU A 10 -2.90 -5.78 -0.54
C LEU A 10 -2.08 -7.04 -0.20
N HIS A 11 -1.95 -7.95 -1.18
CA HIS A 11 -1.09 -9.14 -1.08
C HIS A 11 0.13 -8.92 -1.99
N LEU A 12 1.33 -8.89 -1.37
CA LEU A 12 2.60 -8.80 -2.10
C LEU A 12 3.08 -10.21 -2.44
N VAL A 13 3.40 -10.43 -3.70
CA VAL A 13 4.28 -11.52 -4.14
C VAL A 13 5.37 -10.87 -5.00
N SER A 14 6.49 -11.54 -5.21
CA SER A 14 7.62 -10.99 -5.98
C SER A 14 7.33 -11.01 -7.49
N LEU A 15 8.14 -10.26 -8.26
CA LEU A 15 8.06 -10.20 -9.73
C LEU A 15 8.06 -11.62 -10.40
N PRO A 16 7.30 -11.83 -11.53
CA PRO A 16 7.26 -13.12 -12.27
C PRO A 16 8.52 -13.32 -13.17
N GLY A 17 8.37 -14.12 -14.26
CA GLY A 17 9.44 -14.32 -15.24
C GLY A 17 10.56 -15.21 -14.72
N LEU A 18 11.75 -14.63 -14.50
CA LEU A 18 12.91 -15.33 -13.90
C LEU A 18 12.69 -15.56 -12.40
N ASP A 19 11.96 -14.61 -11.77
CA ASP A 19 11.72 -14.58 -10.31
C ASP A 19 13.07 -14.55 -9.57
N GLN A 20 13.67 -13.35 -9.51
CA GLN A 20 14.99 -13.12 -8.87
C GLN A 20 14.99 -13.57 -7.39
N GLN A 21 13.85 -13.38 -6.76
CA GLN A 21 13.63 -13.68 -5.35
C GLN A 21 12.16 -14.05 -5.13
N ASP A 22 11.87 -14.75 -4.04
CA ASP A 22 10.50 -15.16 -3.67
C ASP A 22 10.12 -14.46 -2.37
N ILE A 23 9.31 -13.39 -2.45
CA ILE A 23 8.73 -12.74 -1.26
C ILE A 23 7.19 -12.93 -1.30
N ASN A 24 6.57 -13.11 -0.12
CA ASN A 24 5.11 -13.31 0.01
C ASN A 24 4.64 -12.63 1.32
N ILE A 25 3.92 -11.50 1.20
CA ILE A 25 3.58 -10.62 2.34
C ILE A 25 2.08 -10.28 2.33
N HIS A 26 1.47 -10.27 3.52
CA HIS A 26 0.06 -9.94 3.72
C HIS A 26 0.01 -8.54 4.33
N ILE A 27 -0.49 -7.55 3.58
CA ILE A 27 -0.62 -6.15 4.07
C ILE A 27 -2.12 -5.83 4.19
N ARG A 28 -2.58 -5.50 5.39
CA ARG A 28 -3.93 -4.99 5.61
C ARG A 28 -3.82 -3.52 6.00
N TYR A 29 -4.46 -2.62 5.28
CA TYR A 29 -4.59 -1.22 5.69
C TYR A 29 -6.07 -1.00 6.03
N GLU A 30 -6.35 -0.69 7.30
CA GLU A 30 -7.72 -0.65 7.82
C GLU A 30 -8.00 0.71 8.47
N VAL A 31 -8.88 1.49 7.83
CA VAL A 31 -9.23 2.83 8.29
C VAL A 31 -10.28 2.75 9.41
N ARG A 32 -9.92 3.27 10.58
CA ARG A 32 -10.81 3.34 11.75
C ARG A 32 -10.71 4.77 12.29
N GLN A 33 -11.83 5.29 12.83
CA GLN A 33 -11.92 6.68 13.31
C GLN A 33 -11.83 6.66 14.84
N ASN A 34 -10.74 7.22 15.40
CA ASN A 34 -10.56 7.35 16.85
C ASN A 34 -10.90 8.78 17.27
N ALA A 35 -11.54 8.94 18.44
CA ALA A 35 -11.97 10.24 18.96
C ALA A 35 -10.79 11.14 19.37
N GLU A 36 -9.60 10.52 19.54
CA GLU A 36 -8.38 11.19 20.01
C GLU A 36 -7.74 12.07 18.91
N SER A 37 -7.62 11.51 17.69
CA SER A 37 -6.82 12.12 16.60
C SER A 37 -7.63 12.28 15.30
N GLY A 38 -8.82 11.65 15.25
CA GLY A 38 -9.65 11.64 14.03
C GLY A 38 -9.50 10.31 13.30
N ALA A 39 -9.43 10.35 11.97
CA ALA A 39 -9.14 9.16 11.17
C ALA A 39 -7.71 8.63 11.43
N TYR A 40 -7.54 7.30 11.42
CA TYR A 40 -6.22 6.64 11.44
C TYR A 40 -6.33 5.32 10.67
N VAL A 41 -5.17 4.73 10.32
CA VAL A 41 -5.15 3.46 9.55
C VAL A 41 -4.20 2.45 10.24
N HIS A 42 -4.67 1.20 10.35
CA HIS A 42 -3.90 0.06 10.90
C HIS A 42 -3.24 -0.70 9.74
N PHE A 43 -1.90 -0.67 9.68
CA PHE A 43 -1.11 -1.36 8.62
C PHE A 43 -0.49 -2.63 9.22
N ASP A 44 -0.90 -3.79 8.72
CA ASP A 44 -0.57 -5.09 9.32
C ASP A 44 0.18 -5.94 8.29
N MET A 45 1.43 -6.34 8.61
CA MET A 45 2.32 -7.06 7.64
C MET A 45 2.84 -8.38 8.25
N ASP A 46 2.81 -9.46 7.47
CA ASP A 46 3.36 -10.78 7.88
C ASP A 46 3.49 -11.71 6.67
N GLY A 47 4.04 -12.91 6.89
CA GLY A 47 4.14 -13.93 5.84
C GLY A 47 5.50 -14.59 5.87
N GLU A 48 6.20 -14.56 4.73
CA GLU A 48 7.55 -15.14 4.57
C GLU A 48 8.32 -14.38 3.48
N ILE A 49 9.65 -14.60 3.38
CA ILE A 49 10.57 -13.87 2.51
C ILE A 49 11.76 -14.84 2.33
N ASP A 50 11.89 -15.48 1.13
CA ASP A 50 12.91 -16.53 0.85
C ASP A 50 12.67 -17.76 1.76
N GLY A 51 11.38 -18.11 1.93
CA GLY A 51 10.95 -19.18 2.84
C GLY A 51 10.88 -18.78 4.31
N LYS A 52 11.63 -17.74 4.72
CA LYS A 52 11.82 -17.34 6.12
C LYS A 52 10.63 -16.46 6.59
N PRO A 53 9.82 -16.92 7.59
CA PRO A 53 8.60 -16.20 8.03
C PRO A 53 8.88 -14.94 8.89
N PHE A 54 7.86 -14.06 9.00
CA PHE A 54 7.91 -12.84 9.84
C PHE A 54 6.51 -12.35 10.19
N SER A 55 6.44 -11.45 11.19
CA SER A 55 5.24 -10.70 11.55
C SER A 55 5.63 -9.36 12.20
N ASP A 56 5.19 -8.24 11.61
CA ASP A 56 5.42 -6.87 12.15
C ASP A 56 4.33 -5.91 11.64
N SER A 57 3.92 -4.93 12.48
CA SER A 57 2.74 -4.07 12.22
C SER A 57 2.97 -2.65 12.77
N PHE A 58 2.41 -1.65 12.07
CA PHE A 58 2.49 -0.22 12.45
C PHE A 58 1.15 0.50 12.15
N GLU A 59 0.83 1.52 12.94
CA GLU A 59 -0.37 2.37 12.74
C GLU A 59 0.08 3.81 12.49
N LEU A 60 -0.52 4.46 11.48
CA LEU A 60 -0.28 5.88 11.17
C LEU A 60 -1.63 6.63 11.18
N PRO A 61 -1.76 7.73 12.01
CA PRO A 61 -2.95 8.63 11.97
C PRO A 61 -3.07 9.36 10.62
N ARG A 62 -4.23 10.02 10.37
CA ARG A 62 -4.49 10.83 9.15
C ARG A 62 -3.32 11.80 8.82
N ASP A 63 -2.69 12.32 9.88
CA ASP A 63 -1.53 13.24 9.79
C ASP A 63 -0.32 12.60 9.05
N THR A 64 -0.13 11.29 9.21
CA THR A 64 1.07 10.57 8.70
C THR A 64 0.68 9.31 7.89
N ALA A 65 -0.62 9.12 7.60
CA ALA A 65 -1.16 7.90 6.96
C ALA A 65 -0.55 7.66 5.57
N PHE A 66 -0.40 8.76 4.83
CA PHE A 66 0.14 8.77 3.45
C PHE A 66 1.63 8.41 3.37
N ASN A 67 2.31 8.39 4.53
CA ASN A 67 3.74 8.01 4.65
C ASN A 67 3.91 6.47 4.66
N PHE A 68 2.80 5.74 4.45
CA PHE A 68 2.74 4.27 4.60
C PHE A 68 3.43 3.52 3.45
N ALA A 69 3.50 4.13 2.25
CA ALA A 69 3.82 3.38 1.02
C ALA A 69 5.33 3.08 0.99
N SER A 70 6.10 4.12 1.31
CA SER A 70 7.56 4.04 1.43
C SER A 70 7.95 3.31 2.72
N ASP A 71 7.13 3.48 3.78
CA ASP A 71 7.41 2.91 5.12
C ASP A 71 7.20 1.38 5.14
N ALA A 72 6.02 0.92 4.68
CA ALA A 72 5.69 -0.53 4.51
C ALA A 72 6.74 -1.27 3.66
N THR A 73 7.19 -0.60 2.58
CA THR A 73 8.29 -1.13 1.73
C THR A 73 9.58 -1.26 2.56
N ARG A 74 9.92 -0.18 3.30
CA ARG A 74 11.06 -0.15 4.26
C ARG A 74 10.98 -1.29 5.28
N VAL A 75 9.77 -1.52 5.83
CA VAL A 75 9.49 -2.54 6.88
C VAL A 75 9.79 -3.94 6.34
N ALA A 76 9.42 -4.18 5.08
CA ALA A 76 9.64 -5.44 4.39
C ALA A 76 11.14 -5.64 4.07
N GLN A 77 11.79 -4.55 3.61
CA GLN A 77 13.23 -4.54 3.22
C GLN A 77 14.15 -4.75 4.41
N LYS A 78 13.68 -4.36 5.61
CA LYS A 78 14.36 -4.66 6.88
C LYS A 78 14.39 -6.17 7.17
N HIS A 79 13.47 -6.94 6.54
CA HIS A 79 13.42 -8.41 6.64
C HIS A 79 13.89 -9.06 5.30
N GLY A 80 14.65 -8.30 4.48
CA GLY A 80 15.36 -8.87 3.34
C GLY A 80 14.50 -9.00 2.10
N LEU A 81 13.65 -7.98 1.86
CA LEU A 81 12.76 -7.91 0.68
C LEU A 81 13.59 -7.82 -0.60
N HIS A 82 14.60 -6.91 -0.58
CA HIS A 82 15.38 -6.47 -1.75
C HIS A 82 14.45 -5.74 -2.75
N PRO A 83 14.59 -4.36 -2.91
CA PRO A 83 13.74 -3.52 -3.80
C PRO A 83 13.28 -4.23 -5.10
N LYS A 84 11.99 -4.68 -5.09
CA LYS A 84 11.39 -5.51 -6.16
C LYS A 84 11.59 -4.87 -7.55
N PHE A 85 10.98 -3.69 -7.74
CA PHE A 85 11.23 -2.85 -8.93
C PHE A 85 12.39 -1.88 -8.64
N GLY A 86 12.43 -1.38 -7.40
CA GLY A 86 13.46 -0.45 -6.94
C GLY A 86 12.96 0.99 -7.00
N ALA A 87 13.14 1.63 -8.16
CA ALA A 87 12.70 3.01 -8.38
C ALA A 87 11.20 3.03 -8.73
N ILE A 88 10.36 3.10 -7.67
CA ILE A 88 8.89 3.18 -7.81
C ILE A 88 8.46 4.47 -8.57
N THR A 89 9.37 5.46 -8.56
CA THR A 89 9.23 6.74 -9.27
C THR A 89 9.22 6.57 -10.81
N ARG A 90 9.80 5.46 -11.31
CA ARG A 90 9.76 5.11 -12.74
C ARG A 90 8.37 4.54 -13.10
N VAL A 91 8.13 3.26 -12.75
CA VAL A 91 6.86 2.56 -13.03
C VAL A 91 6.24 2.16 -11.68
N HIS A 92 4.89 2.10 -11.65
CA HIS A 92 4.09 1.94 -10.41
C HIS A 92 4.18 3.21 -9.56
N LYS A 93 4.28 4.36 -10.27
CA LYS A 93 4.29 5.72 -9.68
C LYS A 93 2.81 6.18 -9.45
N GLU A 94 1.98 5.21 -9.01
CA GLU A 94 0.56 5.41 -8.67
C GLU A 94 0.43 5.65 -7.15
N TYR A 95 1.50 6.26 -6.58
CA TYR A 95 1.54 6.73 -5.20
C TYR A 95 0.46 7.79 -4.97
N ASP A 96 0.20 8.59 -6.02
CA ASP A 96 -0.85 9.62 -6.04
C ASP A 96 -2.24 8.99 -5.91
N ALA A 97 -2.41 7.80 -6.49
CA ALA A 97 -3.66 7.05 -6.43
C ALA A 97 -3.92 6.51 -5.01
N MET A 98 -2.90 5.86 -4.42
CA MET A 98 -2.94 5.37 -3.02
C MET A 98 -3.14 6.50 -1.98
N PHE A 99 -2.41 7.61 -2.21
CA PHE A 99 -2.57 8.88 -1.46
C PHE A 99 -4.06 9.28 -1.44
N GLU A 100 -4.69 9.21 -2.62
CA GLU A 100 -6.09 9.61 -2.81
C GLU A 100 -7.09 8.53 -2.33
N ASP A 101 -6.65 7.27 -2.34
CA ASP A 101 -7.45 6.11 -1.89
C ASP A 101 -7.70 6.20 -0.37
N ILE A 102 -6.59 6.23 0.39
CA ILE A 102 -6.61 6.42 1.85
C ILE A 102 -7.26 7.76 2.29
N ARG A 103 -6.97 8.88 1.56
CA ARG A 103 -7.55 10.22 1.91
C ARG A 103 -9.08 10.20 1.71
N ALA A 104 -9.54 9.37 0.75
CA ALA A 104 -10.97 9.23 0.42
C ALA A 104 -11.70 8.48 1.54
N LYS A 105 -11.12 7.37 2.00
CA LYS A 105 -11.67 6.58 3.12
C LYS A 105 -11.56 7.33 4.49
N LEU A 106 -10.51 8.16 4.62
CA LEU A 106 -10.33 9.07 5.79
C LEU A 106 -11.46 10.14 5.87
N HIS A 107 -12.09 10.41 4.71
CA HIS A 107 -13.29 11.28 4.59
C HIS A 107 -14.55 10.56 5.16
N ALA A 108 -14.44 9.22 5.34
CA ALA A 108 -15.48 8.30 5.89
C ALA A 108 -16.53 7.91 4.84
N HIS A 109 -16.29 8.34 3.60
CA HIS A 109 -17.06 7.97 2.39
C HIS A 109 -16.09 8.06 1.20
N PRO A 110 -16.06 7.04 0.28
CA PRO A 110 -15.00 6.93 -0.76
C PRO A 110 -15.09 8.05 -1.83
N GLY A 111 -14.49 9.21 -1.50
CA GLY A 111 -14.40 10.33 -2.43
C GLY A 111 -13.15 10.21 -3.28
N GLU A 112 -13.02 9.06 -3.95
CA GLU A 112 -11.84 8.69 -4.74
C GLU A 112 -12.05 9.11 -6.21
N PRO A 113 -10.96 9.57 -6.91
CA PRO A 113 -11.05 10.00 -8.33
C PRO A 113 -11.29 8.80 -9.28
N VAL A 114 -12.26 8.97 -10.20
CA VAL A 114 -12.54 7.98 -11.26
C VAL A 114 -11.44 8.16 -12.35
N ASP A 115 -10.69 7.09 -12.64
CA ASP A 115 -9.47 7.17 -13.46
C ASP A 115 -9.78 7.36 -14.95
N LEU A 116 -11.00 6.97 -15.39
CA LEU A 116 -11.40 7.10 -16.81
C LEU A 116 -11.34 8.57 -17.29
N GLU A 117 -11.50 9.50 -16.31
CA GLU A 117 -11.43 10.95 -16.54
C GLU A 117 -10.01 11.37 -17.00
N ARG A 118 -8.99 10.67 -16.45
CA ARG A 118 -7.56 10.99 -16.66
C ARG A 118 -7.14 10.73 -18.13
N ILE A 119 -7.84 9.79 -18.78
CA ILE A 119 -7.56 9.40 -20.17
C ILE A 119 -8.06 10.50 -21.13
N ILE A 120 -9.36 10.81 -21.07
CA ILE A 120 -10.00 11.86 -21.90
C ILE A 120 -10.52 12.98 -20.99
N ARG A 121 -9.76 14.09 -20.94
CA ARG A 121 -10.16 15.31 -20.20
C ARG A 121 -10.63 16.38 -21.20
N HIS A 122 -9.73 16.78 -22.11
CA HIS A 122 -9.96 17.87 -23.08
C HIS A 122 -8.86 17.85 -24.15
N GLU A 123 -9.21 18.29 -25.38
CA GLU A 123 -8.25 18.46 -26.48
C GLU A 123 -7.28 19.62 -26.14
N GLY A 124 -6.04 19.27 -25.74
CA GLY A 124 -5.00 20.24 -25.36
C GLY A 124 -4.62 21.20 -26.50
N SER A 125 -4.79 20.72 -27.75
CA SER A 125 -4.58 21.52 -28.95
C SER A 125 -5.89 22.27 -29.32
N GLN A 1 3.55 -3.08 -10.56
CA GLN A 1 2.82 -4.29 -10.98
C GLN A 1 2.30 -5.01 -9.73
N GLY A 2 1.27 -4.41 -9.10
CA GLY A 2 0.57 -5.00 -7.97
C GLY A 2 -0.42 -6.06 -8.44
N HIS A 3 -0.06 -7.34 -8.24
CA HIS A 3 -0.82 -8.48 -8.80
C HIS A 3 -2.23 -8.53 -8.20
N MET A 4 -2.32 -8.32 -6.87
CA MET A 4 -3.61 -8.20 -6.17
C MET A 4 -3.65 -6.88 -5.39
N PHE A 5 -4.28 -5.86 -6.00
CA PHE A 5 -4.59 -4.58 -5.35
C PHE A 5 -6.12 -4.37 -5.36
N GLU A 6 -6.68 -4.14 -4.17
CA GLU A 6 -8.13 -3.93 -3.98
C GLU A 6 -8.35 -2.86 -2.88
N PRO A 7 -9.50 -2.12 -2.91
CA PRO A 7 -9.84 -1.14 -1.84
C PRO A 7 -9.92 -1.80 -0.45
N GLY A 8 -8.90 -1.55 0.39
CA GLY A 8 -8.82 -2.12 1.75
C GLY A 8 -7.59 -3.01 1.95
N HIS A 9 -7.01 -3.52 0.84
CA HIS A 9 -5.95 -4.54 0.92
C HIS A 9 -5.04 -4.52 -0.34
N LEU A 10 -3.73 -4.38 -0.10
CA LEU A 10 -2.68 -4.64 -1.09
C LEU A 10 -2.01 -5.99 -0.76
N HIS A 11 -1.55 -6.72 -1.79
CA HIS A 11 -0.68 -7.88 -1.62
C HIS A 11 0.61 -7.64 -2.41
N LEU A 12 1.76 -7.55 -1.71
CA LEU A 12 3.08 -7.42 -2.35
C LEU A 12 3.62 -8.81 -2.62
N VAL A 13 3.67 -9.19 -3.88
CA VAL A 13 4.37 -10.40 -4.34
C VAL A 13 5.35 -9.99 -5.42
N SER A 14 6.22 -10.90 -5.82
CA SER A 14 6.96 -10.82 -7.07
C SER A 14 6.92 -12.22 -7.69
N LEU A 15 7.16 -12.35 -9.00
CA LEU A 15 6.98 -13.63 -9.73
C LEU A 15 7.75 -14.80 -9.03
N PRO A 16 7.02 -15.90 -8.64
CA PRO A 16 7.50 -16.91 -7.67
C PRO A 16 8.60 -17.82 -8.22
N GLY A 17 9.42 -18.38 -7.31
CA GLY A 17 10.49 -19.29 -7.71
C GLY A 17 11.59 -19.42 -6.69
N LEU A 18 11.55 -18.57 -5.61
CA LEU A 18 12.55 -18.52 -4.51
C LEU A 18 13.89 -17.85 -4.96
N ASP A 19 14.41 -18.28 -6.12
CA ASP A 19 15.70 -17.82 -6.68
C ASP A 19 15.70 -16.31 -7.04
N GLN A 20 14.51 -15.78 -7.35
CA GLN A 20 14.32 -14.34 -7.66
C GLN A 20 14.16 -13.50 -6.38
N GLN A 21 13.81 -14.20 -5.28
CA GLN A 21 13.42 -13.69 -3.95
C GLN A 21 11.90 -13.76 -3.85
N ASP A 22 11.44 -14.50 -2.84
CA ASP A 22 10.03 -14.86 -2.69
C ASP A 22 9.41 -13.94 -1.64
N ILE A 23 9.26 -12.66 -2.01
CA ILE A 23 8.71 -11.64 -1.13
C ILE A 23 7.18 -11.62 -1.28
N ASN A 24 6.48 -11.90 -0.17
CA ASN A 24 5.02 -12.09 -0.14
C ASN A 24 4.48 -11.46 1.15
N ILE A 25 3.74 -10.35 0.99
CA ILE A 25 3.37 -9.46 2.10
C ILE A 25 1.89 -9.12 1.99
N HIS A 26 1.14 -9.28 3.08
CA HIS A 26 -0.29 -8.97 3.13
C HIS A 26 -0.42 -7.60 3.80
N ILE A 27 -0.78 -6.57 3.03
CA ILE A 27 -0.93 -5.21 3.57
C ILE A 27 -2.43 -4.92 3.72
N ARG A 28 -2.89 -4.88 4.96
CA ARG A 28 -4.28 -4.59 5.30
C ARG A 28 -4.34 -3.21 5.96
N TYR A 29 -4.95 -2.25 5.26
CA TYR A 29 -5.10 -0.87 5.75
C TYR A 29 -6.58 -0.63 6.07
N GLU A 30 -6.86 -0.35 7.36
CA GLU A 30 -8.23 -0.26 7.90
C GLU A 30 -8.40 1.12 8.57
N VAL A 31 -9.29 1.96 8.03
CA VAL A 31 -9.68 3.21 8.70
C VAL A 31 -10.53 2.87 9.95
N ARG A 32 -10.04 3.31 11.10
CA ARG A 32 -10.69 3.11 12.40
C ARG A 32 -10.54 4.42 13.18
N GLN A 33 -11.45 4.67 14.13
CA GLN A 33 -11.49 5.96 14.85
C GLN A 33 -10.90 5.83 16.27
N ASN A 34 -9.84 6.61 16.54
CA ASN A 34 -9.27 6.80 17.90
C ASN A 34 -9.68 8.18 18.48
N ALA A 35 -9.72 8.30 19.82
CA ALA A 35 -10.06 9.57 20.50
C ALA A 35 -8.92 10.60 20.37
N GLU A 36 -7.70 10.10 20.12
CA GLU A 36 -6.47 10.92 20.01
C GLU A 36 -6.50 11.83 18.76
N SER A 37 -6.71 11.23 17.58
CA SER A 37 -6.58 11.93 16.28
C SER A 37 -7.90 11.91 15.48
N GLY A 38 -8.97 11.38 16.10
CA GLY A 38 -10.25 11.19 15.41
C GLY A 38 -10.18 9.98 14.50
N ALA A 39 -10.01 10.20 13.20
CA ALA A 39 -9.74 9.12 12.23
C ALA A 39 -8.24 8.77 12.21
N TYR A 40 -7.95 7.49 11.99
CA TYR A 40 -6.58 6.98 11.71
C TYR A 40 -6.68 5.71 10.86
N VAL A 41 -5.53 5.18 10.41
CA VAL A 41 -5.50 3.91 9.66
C VAL A 41 -4.52 2.94 10.34
N HIS A 42 -4.95 1.70 10.55
CA HIS A 42 -4.12 0.61 11.06
C HIS A 42 -3.60 -0.22 9.88
N PHE A 43 -2.30 -0.55 9.89
CA PHE A 43 -1.64 -1.27 8.78
C PHE A 43 -1.05 -2.59 9.30
N ASP A 44 -1.41 -3.71 8.66
CA ASP A 44 -0.80 -5.04 8.92
C ASP A 44 0.08 -5.43 7.74
N MET A 45 1.15 -6.19 8.03
CA MET A 45 2.03 -6.82 7.03
C MET A 45 2.42 -8.22 7.53
N ASP A 46 2.32 -9.25 6.68
CA ASP A 46 2.67 -10.64 7.07
C ASP A 46 2.75 -11.55 5.84
N GLY A 47 3.45 -12.68 5.99
CA GLY A 47 3.62 -13.64 4.91
C GLY A 47 4.97 -14.31 5.01
N GLU A 48 5.78 -14.18 3.95
CA GLU A 48 7.19 -14.61 3.93
C GLU A 48 7.99 -13.59 3.13
N ILE A 49 9.33 -13.71 3.16
CA ILE A 49 10.24 -12.76 2.49
C ILE A 49 11.51 -13.57 2.21
N ASP A 50 11.70 -13.98 0.94
CA ASP A 50 12.85 -14.79 0.52
C ASP A 50 12.86 -16.12 1.32
N GLY A 51 11.67 -16.74 1.40
CA GLY A 51 11.45 -17.98 2.16
C GLY A 51 11.07 -17.76 3.64
N LYS A 52 11.65 -16.72 4.26
CA LYS A 52 11.54 -16.45 5.71
C LYS A 52 10.20 -15.79 6.10
N PRO A 53 9.30 -16.52 6.84
CA PRO A 53 8.01 -15.97 7.35
C PRO A 53 8.20 -14.78 8.32
N PHE A 54 7.25 -13.82 8.30
CA PHE A 54 7.34 -12.60 9.16
C PHE A 54 5.92 -12.08 9.50
N SER A 55 5.84 -11.21 10.53
CA SER A 55 4.61 -10.47 10.88
C SER A 55 4.94 -9.14 11.60
N ASP A 56 4.56 -8.02 10.96
CA ASP A 56 4.68 -6.65 11.53
C ASP A 56 3.34 -5.91 11.38
N SER A 57 3.14 -4.86 12.19
CA SER A 57 1.97 -3.97 12.07
C SER A 57 2.27 -2.60 12.69
N PHE A 58 1.92 -1.54 11.96
CA PHE A 58 2.15 -0.14 12.38
C PHE A 58 0.87 0.68 12.16
N GLU A 59 0.62 1.66 13.05
CA GLU A 59 -0.55 2.55 12.96
C GLU A 59 -0.06 3.97 12.68
N LEU A 60 -0.82 4.73 11.88
CA LEU A 60 -0.52 6.13 11.54
C LEU A 60 -1.82 6.94 11.61
N PRO A 61 -1.79 8.20 12.17
CA PRO A 61 -2.96 9.11 12.13
C PRO A 61 -3.30 9.50 10.68
N ARG A 62 -4.59 9.76 10.40
CA ARG A 62 -5.13 10.10 9.06
C ARG A 62 -4.25 11.09 8.24
N ASP A 63 -3.68 12.11 8.92
CA ASP A 63 -2.91 13.20 8.28
C ASP A 63 -1.53 12.74 7.77
N THR A 64 -1.02 11.62 8.30
CA THR A 64 0.32 11.09 7.98
C THR A 64 0.23 9.60 7.62
N ALA A 65 -1.02 9.10 7.45
CA ALA A 65 -1.31 7.71 7.07
C ALA A 65 -0.79 7.41 5.66
N PHE A 66 -0.78 8.45 4.83
CA PHE A 66 -0.30 8.40 3.43
C PHE A 66 1.22 8.20 3.31
N ASN A 67 1.94 8.33 4.44
CA ASN A 67 3.39 8.07 4.52
C ASN A 67 3.67 6.54 4.66
N PHE A 68 2.60 5.72 4.60
CA PHE A 68 2.65 4.27 4.81
C PHE A 68 3.38 3.54 3.68
N ALA A 69 3.50 4.17 2.50
CA ALA A 69 3.99 3.47 1.30
C ALA A 69 5.50 3.35 1.38
N SER A 70 6.13 4.48 1.72
CA SER A 70 7.57 4.60 1.93
C SER A 70 7.97 3.84 3.21
N ASP A 71 7.07 3.88 4.23
CA ASP A 71 7.29 3.25 5.54
C ASP A 71 7.23 1.71 5.46
N ALA A 72 6.11 1.19 4.92
CA ALA A 72 5.89 -0.26 4.68
C ALA A 72 7.05 -0.89 3.90
N THR A 73 7.49 -0.21 2.83
CA THR A 73 8.66 -0.62 2.04
C THR A 73 9.93 -0.60 2.91
N ARG A 74 10.13 0.52 3.62
CA ARG A 74 11.29 0.74 4.52
C ARG A 74 11.48 -0.41 5.52
N VAL A 75 10.40 -0.75 6.25
CA VAL A 75 10.43 -1.77 7.32
C VAL A 75 10.54 -3.19 6.71
N ALA A 76 9.95 -3.39 5.51
CA ALA A 76 9.93 -4.70 4.85
C ALA A 76 11.34 -5.06 4.35
N GLN A 77 12.03 -4.05 3.79
CA GLN A 77 13.42 -4.16 3.26
C GLN A 77 14.42 -4.72 4.30
N LYS A 78 14.15 -4.42 5.60
CA LYS A 78 15.03 -4.82 6.71
C LYS A 78 14.90 -6.33 7.03
N HIS A 79 13.93 -7.01 6.38
CA HIS A 79 13.74 -8.48 6.47
C HIS A 79 14.49 -9.19 5.33
N GLY A 80 15.30 -8.44 4.55
CA GLY A 80 16.07 -8.99 3.43
C GLY A 80 15.36 -8.87 2.08
N LEU A 81 15.14 -7.62 1.60
CA LEU A 81 14.71 -7.35 0.20
C LEU A 81 15.90 -6.85 -0.61
N HIS A 82 15.98 -7.26 -1.88
CA HIS A 82 16.89 -6.70 -2.88
C HIS A 82 16.04 -5.96 -3.93
N PRO A 83 15.92 -4.58 -3.83
CA PRO A 83 15.18 -3.73 -4.83
C PRO A 83 15.76 -3.82 -6.27
N LYS A 84 16.91 -4.52 -6.41
CA LYS A 84 17.53 -4.85 -7.70
C LYS A 84 16.54 -5.66 -8.58
N PHE A 85 15.78 -6.59 -7.95
CA PHE A 85 14.71 -7.33 -8.66
C PHE A 85 13.36 -6.58 -8.59
N GLY A 86 13.22 -5.67 -7.60
CA GLY A 86 11.99 -4.89 -7.38
C GLY A 86 11.77 -3.78 -8.42
N ALA A 87 11.50 -2.54 -7.95
CA ALA A 87 11.25 -1.39 -8.84
C ALA A 87 11.79 -0.10 -8.18
N ILE A 88 13.03 0.27 -8.55
CA ILE A 88 13.72 1.46 -8.00
C ILE A 88 13.61 2.66 -8.98
N THR A 89 13.77 2.38 -10.29
CA THR A 89 13.66 3.40 -11.36
C THR A 89 12.20 3.48 -11.86
N ARG A 90 11.51 2.31 -11.85
CA ARG A 90 10.09 2.22 -12.21
C ARG A 90 9.23 2.75 -11.06
N VAL A 91 9.03 4.08 -11.05
CA VAL A 91 8.24 4.77 -10.03
C VAL A 91 6.74 4.53 -10.33
N HIS A 92 6.21 3.47 -9.69
CA HIS A 92 4.84 3.00 -9.93
C HIS A 92 3.79 3.94 -9.28
N LYS A 93 2.94 4.56 -10.14
CA LYS A 93 1.85 5.48 -9.71
C LYS A 93 0.63 4.71 -9.16
N GLU A 94 0.83 3.40 -8.90
CA GLU A 94 -0.11 2.57 -8.13
C GLU A 94 -0.21 3.08 -6.68
N TYR A 95 0.87 3.77 -6.22
CA TYR A 95 0.84 4.52 -4.96
C TYR A 95 -0.21 5.63 -5.05
N ASP A 96 -0.19 6.44 -6.14
CA ASP A 96 -1.18 7.52 -6.35
C ASP A 96 -2.63 7.00 -6.30
N ALA A 97 -2.82 5.76 -6.77
CA ALA A 97 -4.11 5.07 -6.75
C ALA A 97 -4.56 4.76 -5.30
N MET A 98 -3.64 4.15 -4.51
CA MET A 98 -3.90 3.73 -3.11
C MET A 98 -3.98 4.93 -2.15
N PHE A 99 -3.14 5.93 -2.41
CA PHE A 99 -3.14 7.25 -1.74
C PHE A 99 -4.54 7.86 -1.78
N GLU A 100 -5.14 7.84 -2.99
CA GLU A 100 -6.48 8.38 -3.21
C GLU A 100 -7.58 7.44 -2.70
N ASP A 101 -7.31 6.13 -2.71
CA ASP A 101 -8.22 5.10 -2.19
C ASP A 101 -8.45 5.30 -0.68
N ILE A 102 -7.33 5.42 0.06
CA ILE A 102 -7.32 5.71 1.51
C ILE A 102 -7.98 7.07 1.83
N ARG A 103 -7.59 8.15 1.10
CA ARG A 103 -8.13 9.51 1.37
C ARG A 103 -9.65 9.57 1.14
N ALA A 104 -10.14 8.72 0.20
CA ALA A 104 -11.56 8.61 -0.14
C ALA A 104 -12.31 7.89 0.99
N LYS A 105 -11.72 6.78 1.47
CA LYS A 105 -12.26 5.97 2.60
C LYS A 105 -12.26 6.76 3.92
N LEU A 106 -11.25 7.63 4.09
CA LEU A 106 -11.12 8.57 5.23
C LEU A 106 -12.16 9.68 5.16
N HIS A 107 -12.68 9.93 3.94
CA HIS A 107 -13.84 10.83 3.73
C HIS A 107 -15.16 10.03 3.82
N ALA A 108 -15.04 8.68 3.67
CA ALA A 108 -16.12 7.69 3.80
C ALA A 108 -17.07 7.74 2.59
N HIS A 109 -17.86 8.83 2.51
CA HIS A 109 -18.80 9.08 1.41
C HIS A 109 -18.03 9.42 0.13
N PRO A 110 -18.38 8.81 -1.06
CA PRO A 110 -17.75 9.14 -2.36
C PRO A 110 -18.21 10.53 -2.87
N GLY A 111 -17.59 11.58 -2.30
CA GLY A 111 -17.89 12.97 -2.66
C GLY A 111 -17.10 13.45 -3.87
N GLU A 112 -15.98 12.76 -4.15
CA GLU A 112 -15.08 13.06 -5.27
C GLU A 112 -14.85 11.77 -6.11
N PRO A 113 -14.70 11.89 -7.47
CA PRO A 113 -14.30 10.76 -8.33
C PRO A 113 -12.82 10.39 -8.08
N VAL A 114 -12.60 9.27 -7.37
CA VAL A 114 -11.25 8.82 -7.00
C VAL A 114 -10.48 8.36 -8.25
N ASP A 115 -9.28 8.94 -8.45
CA ASP A 115 -8.52 8.87 -9.71
C ASP A 115 -7.74 7.53 -9.86
N LEU A 116 -7.98 6.56 -8.94
CA LEU A 116 -7.31 5.23 -8.97
C LEU A 116 -7.51 4.48 -10.31
N GLU A 117 -8.62 4.79 -10.98
CA GLU A 117 -8.99 4.17 -12.25
C GLU A 117 -8.10 4.66 -13.40
N ARG A 118 -7.68 5.94 -13.32
CA ARG A 118 -7.05 6.64 -14.46
C ARG A 118 -5.55 6.28 -14.58
N ILE A 119 -5.03 5.54 -13.59
CA ILE A 119 -3.68 4.94 -13.64
C ILE A 119 -3.60 3.89 -14.79
N ILE A 120 -4.79 3.41 -15.24
CA ILE A 120 -5.00 2.31 -16.20
C ILE A 120 -4.89 0.97 -15.46
N ARG A 121 -6.03 0.29 -15.36
CA ARG A 121 -6.21 -0.95 -14.60
C ARG A 121 -7.13 -1.93 -15.37
N HIS A 122 -7.33 -1.65 -16.68
CA HIS A 122 -8.17 -2.50 -17.56
C HIS A 122 -7.50 -3.86 -17.80
N GLU A 123 -8.28 -4.93 -17.63
CA GLU A 123 -7.83 -6.31 -17.85
C GLU A 123 -8.56 -6.93 -19.06
N GLY A 124 -9.87 -6.64 -19.17
CA GLY A 124 -10.69 -7.18 -20.25
C GLY A 124 -12.18 -7.08 -19.97
N SER A 125 -12.98 -7.79 -20.77
CA SER A 125 -14.44 -7.86 -20.62
C SER A 125 -14.83 -9.24 -20.01
N GLN A 1 -2.83 -21.40 -6.81
CA GLN A 1 -3.58 -21.07 -5.58
C GLN A 1 -2.82 -19.99 -4.79
N GLY A 2 -3.55 -18.94 -4.37
CA GLY A 2 -2.98 -17.82 -3.63
C GLY A 2 -3.97 -16.67 -3.47
N HIS A 3 -3.60 -15.67 -2.66
CA HIS A 3 -4.46 -14.50 -2.40
C HIS A 3 -4.26 -13.42 -3.47
N MET A 4 -5.15 -12.42 -3.46
CA MET A 4 -5.25 -11.39 -4.50
C MET A 4 -5.47 -10.01 -3.83
N PHE A 5 -5.41 -8.93 -4.63
CA PHE A 5 -5.74 -7.58 -4.15
C PHE A 5 -7.26 -7.41 -4.11
N GLU A 6 -7.74 -6.99 -2.95
CA GLU A 6 -9.13 -6.63 -2.69
C GLU A 6 -9.13 -5.32 -1.88
N PRO A 7 -10.21 -4.49 -1.94
CA PRO A 7 -10.41 -3.37 -1.01
C PRO A 7 -10.30 -3.83 0.47
N GLY A 8 -9.23 -3.41 1.15
CA GLY A 8 -8.98 -3.76 2.55
C GLY A 8 -7.69 -4.56 2.74
N HIS A 9 -7.21 -5.22 1.66
CA HIS A 9 -6.07 -6.14 1.71
C HIS A 9 -5.30 -6.17 0.37
N LEU A 10 -4.01 -5.81 0.44
CA LEU A 10 -3.06 -5.92 -0.70
C LEU A 10 -2.17 -7.15 -0.48
N HIS A 11 -1.82 -7.86 -1.56
CA HIS A 11 -0.88 -9.00 -1.51
C HIS A 11 0.34 -8.72 -2.43
N LEU A 12 1.56 -8.79 -1.88
CA LEU A 12 2.80 -8.67 -2.65
C LEU A 12 3.42 -10.06 -2.87
N VAL A 13 3.74 -10.38 -4.14
CA VAL A 13 4.72 -11.43 -4.50
C VAL A 13 5.77 -10.79 -5.41
N SER A 14 6.96 -11.41 -5.53
CA SER A 14 8.12 -10.79 -6.19
C SER A 14 7.85 -10.64 -7.71
N LEU A 15 8.08 -9.41 -8.21
CA LEU A 15 7.81 -9.04 -9.61
C LEU A 15 8.75 -9.83 -10.56
N PRO A 16 8.18 -10.81 -11.34
CA PRO A 16 8.98 -11.87 -12.02
C PRO A 16 9.95 -11.32 -13.09
N GLY A 17 11.16 -11.94 -13.17
CA GLY A 17 12.19 -11.56 -14.15
C GLY A 17 13.52 -11.22 -13.50
N LEU A 18 13.49 -10.79 -12.23
CA LEU A 18 14.69 -10.35 -11.48
C LEU A 18 15.32 -11.53 -10.70
N ASP A 19 14.63 -11.95 -9.64
CA ASP A 19 15.10 -12.99 -8.69
C ASP A 19 13.88 -13.65 -8.05
N GLN A 20 13.81 -14.99 -8.13
CA GLN A 20 12.67 -15.77 -7.60
C GLN A 20 12.92 -16.07 -6.10
N GLN A 21 12.86 -15.02 -5.27
CA GLN A 21 12.81 -15.17 -3.81
C GLN A 21 11.37 -15.49 -3.38
N ASP A 22 11.25 -16.34 -2.33
CA ASP A 22 9.95 -16.86 -1.88
C ASP A 22 9.32 -15.89 -0.88
N ILE A 23 8.88 -14.74 -1.40
CA ILE A 23 8.24 -13.68 -0.61
C ILE A 23 6.73 -13.65 -0.91
N ASN A 24 5.97 -13.40 0.16
CA ASN A 24 4.55 -13.10 0.10
C ASN A 24 4.24 -12.22 1.31
N ILE A 25 3.58 -11.10 1.05
CA ILE A 25 3.34 -10.06 2.04
C ILE A 25 1.86 -9.73 2.07
N HIS A 26 1.29 -9.74 3.27
CA HIS A 26 -0.11 -9.41 3.49
C HIS A 26 -0.10 -7.99 4.05
N ILE A 27 -0.55 -7.01 3.27
CA ILE A 27 -0.66 -5.63 3.73
C ILE A 27 -2.13 -5.39 4.06
N ARG A 28 -2.39 -5.36 5.36
CA ARG A 28 -3.71 -5.16 5.92
C ARG A 28 -3.80 -3.71 6.37
N TYR A 29 -4.58 -2.91 5.65
CA TYR A 29 -4.79 -1.50 5.96
C TYR A 29 -6.24 -1.35 6.41
N GLU A 30 -6.41 -0.95 7.68
CA GLU A 30 -7.71 -0.82 8.34
C GLU A 30 -7.89 0.62 8.78
N VAL A 31 -8.83 1.35 8.15
CA VAL A 31 -9.12 2.75 8.51
C VAL A 31 -10.10 2.76 9.68
N ARG A 32 -9.63 3.28 10.81
CA ARG A 32 -10.41 3.37 12.06
C ARG A 32 -10.38 4.81 12.55
N GLN A 33 -11.39 5.20 13.33
CA GLN A 33 -11.43 6.53 13.95
C GLN A 33 -11.13 6.38 15.45
N ASN A 34 -9.97 6.90 15.86
CA ASN A 34 -9.55 6.98 17.27
C ASN A 34 -9.86 8.39 17.84
N ALA A 35 -10.20 8.48 19.12
CA ALA A 35 -10.53 9.76 19.79
C ALA A 35 -9.25 10.62 19.99
N GLU A 36 -8.08 9.98 19.91
CA GLU A 36 -6.77 10.64 20.05
C GLU A 36 -6.47 11.57 18.86
N SER A 37 -6.56 11.04 17.63
CA SER A 37 -6.09 11.73 16.41
C SER A 37 -7.20 11.85 15.33
N GLY A 38 -8.42 11.45 15.69
CA GLY A 38 -9.56 11.47 14.75
C GLY A 38 -9.50 10.29 13.79
N ALA A 39 -9.32 10.57 12.49
CA ALA A 39 -9.12 9.54 11.48
C ALA A 39 -7.67 9.05 11.49
N TYR A 40 -7.48 7.73 11.36
CA TYR A 40 -6.14 7.12 11.17
C TYR A 40 -6.31 5.79 10.41
N VAL A 41 -5.19 5.25 9.92
CA VAL A 41 -5.16 3.92 9.28
C VAL A 41 -4.12 3.05 10.01
N HIS A 42 -4.57 1.90 10.54
CA HIS A 42 -3.69 0.86 11.08
C HIS A 42 -3.15 0.03 9.91
N PHE A 43 -1.85 0.05 9.71
CA PHE A 43 -1.18 -0.77 8.70
C PHE A 43 -0.56 -1.99 9.40
N ASP A 44 -0.74 -3.16 8.82
CA ASP A 44 -0.29 -4.44 9.38
C ASP A 44 0.32 -5.29 8.28
N MET A 45 1.40 -6.01 8.59
CA MET A 45 2.18 -6.80 7.61
C MET A 45 2.56 -8.14 8.21
N ASP A 46 2.34 -9.22 7.45
CA ASP A 46 2.77 -10.58 7.83
C ASP A 46 3.04 -11.41 6.57
N GLY A 47 3.52 -12.65 6.76
CA GLY A 47 3.74 -13.59 5.67
C GLY A 47 5.04 -14.34 5.85
N GLU A 48 5.82 -14.46 4.76
CA GLU A 48 7.16 -15.06 4.79
C GLU A 48 8.00 -14.45 3.67
N ILE A 49 9.32 -14.70 3.70
CA ILE A 49 10.29 -13.97 2.88
C ILE A 49 11.52 -14.90 2.80
N ASP A 50 11.77 -15.48 1.61
CA ASP A 50 12.87 -16.46 1.38
C ASP A 50 12.64 -17.71 2.27
N GLY A 51 11.35 -18.04 2.49
CA GLY A 51 10.95 -19.11 3.42
C GLY A 51 10.75 -18.66 4.88
N LYS A 52 11.42 -17.57 5.30
CA LYS A 52 11.39 -17.07 6.70
C LYS A 52 10.12 -16.22 6.97
N PRO A 53 9.23 -16.64 7.94
CA PRO A 53 8.02 -15.85 8.31
C PRO A 53 8.37 -14.54 9.07
N PHE A 54 7.54 -13.50 8.88
CA PHE A 54 7.72 -12.19 9.54
C PHE A 54 6.35 -11.59 9.91
N SER A 55 6.31 -10.79 10.99
CA SER A 55 5.09 -10.03 11.39
C SER A 55 5.50 -8.69 12.04
N ASP A 56 5.01 -7.57 11.46
CA ASP A 56 5.22 -6.21 12.00
C ASP A 56 3.99 -5.34 11.63
N SER A 57 3.70 -4.31 12.46
CA SER A 57 2.52 -3.44 12.27
C SER A 57 2.83 -2.00 12.76
N PHE A 58 2.40 -1.00 11.96
CA PHE A 58 2.60 0.43 12.26
C PHE A 58 1.31 1.21 11.95
N GLU A 59 0.98 2.18 12.81
CA GLU A 59 -0.26 2.98 12.70
C GLU A 59 0.11 4.43 12.36
N LEU A 60 -0.53 4.99 11.31
CA LEU A 60 -0.28 6.37 10.86
C LEU A 60 -1.61 7.15 10.86
N PRO A 61 -1.66 8.37 11.50
CA PRO A 61 -2.85 9.26 11.46
C PRO A 61 -3.15 9.76 10.03
N ARG A 62 -4.37 10.30 9.83
CA ARG A 62 -4.84 10.82 8.52
C ARG A 62 -3.81 11.77 7.83
N ASP A 63 -3.05 12.51 8.65
CA ASP A 63 -2.08 13.51 8.21
C ASP A 63 -0.84 12.86 7.57
N THR A 64 -0.47 11.66 8.05
CA THR A 64 0.80 10.99 7.68
C THR A 64 0.52 9.58 7.15
N ALA A 65 -0.77 9.27 6.85
CA ALA A 65 -1.23 7.94 6.40
C ALA A 65 -0.54 7.51 5.09
N PHE A 66 -0.41 8.49 4.17
CA PHE A 66 0.16 8.29 2.82
C PHE A 66 1.68 8.02 2.84
N ASN A 67 2.32 8.16 4.02
CA ASN A 67 3.76 7.88 4.19
C ASN A 67 4.04 6.37 4.36
N PHE A 68 2.97 5.55 4.29
CA PHE A 68 3.02 4.08 4.43
C PHE A 68 3.77 3.39 3.28
N ALA A 69 3.96 4.08 2.14
CA ALA A 69 4.32 3.41 0.87
C ALA A 69 5.80 3.02 0.90
N SER A 70 6.62 4.01 1.25
CA SER A 70 8.06 3.84 1.42
C SER A 70 8.36 3.08 2.73
N ASP A 71 7.48 3.27 3.74
CA ASP A 71 7.65 2.68 5.08
C ASP A 71 7.44 1.15 5.06
N ALA A 72 6.24 0.71 4.62
CA ALA A 72 5.87 -0.71 4.49
C ALA A 72 6.88 -1.52 3.65
N THR A 73 7.26 -0.97 2.48
CA THR A 73 8.28 -1.57 1.61
C THR A 73 9.62 -1.74 2.38
N ARG A 74 10.03 -0.66 3.08
CA ARG A 74 11.22 -0.66 3.95
C ARG A 74 11.15 -1.73 5.06
N VAL A 75 9.95 -1.94 5.64
CA VAL A 75 9.73 -2.94 6.71
C VAL A 75 10.09 -4.34 6.19
N ALA A 76 9.57 -4.66 4.99
CA ALA A 76 9.71 -5.99 4.37
C ALA A 76 11.14 -6.25 3.88
N GLN A 77 11.79 -5.21 3.29
CA GLN A 77 13.18 -5.34 2.77
C GLN A 77 14.22 -5.39 3.88
N LYS A 78 13.88 -4.85 5.08
CA LYS A 78 14.68 -5.09 6.30
C LYS A 78 14.62 -6.58 6.71
N HIS A 79 13.59 -7.30 6.24
CA HIS A 79 13.40 -8.74 6.50
C HIS A 79 13.87 -9.57 5.29
N GLY A 80 14.48 -8.91 4.27
CA GLY A 80 14.95 -9.56 3.06
C GLY A 80 14.41 -8.86 1.82
N LEU A 81 13.30 -9.40 1.30
CA LEU A 81 12.54 -8.92 0.13
C LEU A 81 13.43 -8.71 -1.12
N HIS A 82 14.14 -7.58 -1.16
CA HIS A 82 14.97 -7.16 -2.30
C HIS A 82 16.19 -6.34 -1.79
N PRO A 83 17.30 -6.25 -2.58
CA PRO A 83 18.43 -5.33 -2.28
C PRO A 83 18.13 -3.87 -2.72
N LYS A 84 19.18 -3.03 -2.72
CA LYS A 84 19.10 -1.61 -3.15
C LYS A 84 18.70 -1.52 -4.64
N PHE A 85 19.22 -2.48 -5.45
CA PHE A 85 18.89 -2.60 -6.89
C PHE A 85 17.37 -2.82 -7.11
N GLY A 86 16.70 -3.46 -6.12
CA GLY A 86 15.26 -3.67 -6.16
C GLY A 86 14.47 -2.44 -5.72
N ALA A 87 14.56 -1.38 -6.53
CA ALA A 87 13.84 -0.13 -6.27
C ALA A 87 12.42 -0.21 -6.87
N ILE A 88 11.48 -0.76 -6.08
CA ILE A 88 10.07 -0.89 -6.48
C ILE A 88 9.35 0.49 -6.35
N THR A 89 9.86 1.31 -5.42
CA THR A 89 9.34 2.67 -5.17
C THR A 89 9.84 3.69 -6.23
N ARG A 90 10.85 3.28 -7.03
CA ARG A 90 11.31 4.03 -8.22
C ARG A 90 10.17 4.10 -9.25
N VAL A 91 9.49 2.96 -9.43
CA VAL A 91 8.31 2.83 -10.30
C VAL A 91 7.04 3.04 -9.45
N HIS A 92 5.96 3.55 -10.05
CA HIS A 92 4.65 3.64 -9.39
C HIS A 92 3.92 2.30 -9.55
N LYS A 93 4.19 1.37 -8.61
CA LYS A 93 3.50 0.07 -8.53
C LYS A 93 2.12 0.28 -7.86
N GLU A 94 1.22 0.92 -8.64
CA GLU A 94 -0.21 1.10 -8.29
C GLU A 94 -0.43 1.81 -6.94
N TYR A 95 0.57 2.62 -6.55
CA TYR A 95 0.54 3.46 -5.35
C TYR A 95 -0.58 4.49 -5.45
N ASP A 96 -0.71 5.09 -6.65
CA ASP A 96 -1.72 6.13 -6.94
C ASP A 96 -3.16 5.63 -6.66
N ALA A 97 -3.38 4.32 -6.88
CA ALA A 97 -4.69 3.67 -6.63
C ALA A 97 -4.98 3.60 -5.13
N MET A 98 -4.00 3.15 -4.34
CA MET A 98 -4.11 3.07 -2.87
C MET A 98 -4.24 4.48 -2.24
N PHE A 99 -3.44 5.43 -2.77
CA PHE A 99 -3.38 6.84 -2.33
C PHE A 99 -4.76 7.49 -2.36
N GLU A 100 -5.44 7.38 -3.51
CA GLU A 100 -6.76 7.99 -3.72
C GLU A 100 -7.85 7.30 -2.89
N ASP A 101 -7.68 5.99 -2.63
CA ASP A 101 -8.65 5.20 -1.84
C ASP A 101 -8.59 5.59 -0.35
N ILE A 102 -7.36 5.69 0.18
CA ILE A 102 -7.12 6.13 1.58
C ILE A 102 -7.64 7.56 1.79
N ARG A 103 -7.35 8.48 0.83
CA ARG A 103 -7.82 9.89 0.94
C ARG A 103 -9.36 9.96 0.87
N ALA A 104 -9.97 8.99 0.17
CA ALA A 104 -11.43 8.89 0.00
C ALA A 104 -12.09 8.41 1.30
N LYS A 105 -11.51 7.37 1.92
CA LYS A 105 -12.02 6.82 3.19
C LYS A 105 -11.76 7.78 4.39
N LEU A 106 -10.68 8.56 4.28
CA LEU A 106 -10.37 9.67 5.24
C LEU A 106 -11.36 10.83 5.05
N HIS A 107 -11.85 11.01 3.81
CA HIS A 107 -12.99 11.91 3.48
C HIS A 107 -14.33 11.31 3.97
N ALA A 108 -14.30 9.98 4.24
CA ALA A 108 -15.42 9.16 4.78
C ALA A 108 -16.44 8.77 3.70
N HIS A 109 -16.27 9.30 2.48
CA HIS A 109 -17.15 9.03 1.33
C HIS A 109 -16.27 8.85 0.07
N PRO A 110 -16.63 7.91 -0.88
CA PRO A 110 -15.83 7.63 -2.10
C PRO A 110 -15.48 8.91 -2.89
N GLY A 111 -14.18 9.05 -3.19
CA GLY A 111 -13.63 10.25 -3.83
C GLY A 111 -12.51 9.87 -4.78
N GLU A 112 -12.90 9.50 -6.01
CA GLU A 112 -11.97 9.20 -7.12
C GLU A 112 -11.43 10.53 -7.73
N PRO A 113 -10.42 10.50 -8.67
CA PRO A 113 -9.97 11.71 -9.41
C PRO A 113 -10.95 12.12 -10.54
N VAL A 114 -12.25 12.19 -10.21
CA VAL A 114 -13.29 12.66 -11.13
C VAL A 114 -13.13 14.18 -11.31
N ASP A 115 -13.11 14.62 -12.56
CA ASP A 115 -12.85 16.03 -12.92
C ASP A 115 -14.15 16.74 -13.32
N LEU A 116 -15.30 16.30 -12.74
CA LEU A 116 -16.65 16.82 -13.08
C LEU A 116 -16.75 18.35 -12.91
N GLU A 117 -15.96 18.89 -11.96
CA GLU A 117 -15.93 20.33 -11.67
C GLU A 117 -15.04 21.07 -12.68
N ARG A 118 -13.97 20.38 -13.15
CA ARG A 118 -12.87 20.99 -13.94
C ARG A 118 -13.35 21.50 -15.32
N ILE A 119 -14.52 21.01 -15.79
CA ILE A 119 -15.14 21.48 -17.03
C ILE A 119 -15.60 22.94 -16.86
N ILE A 120 -16.38 23.21 -15.79
CA ILE A 120 -16.87 24.56 -15.45
C ILE A 120 -16.67 24.83 -13.94
N ARG A 121 -15.57 25.50 -13.61
CA ARG A 121 -15.33 26.05 -12.26
C ARG A 121 -15.61 27.57 -12.28
N HIS A 122 -15.07 28.19 -13.34
CA HIS A 122 -15.19 29.64 -13.61
C HIS A 122 -14.88 29.86 -15.10
N GLU A 123 -15.56 30.84 -15.72
CA GLU A 123 -15.49 31.14 -17.18
C GLU A 123 -16.19 30.03 -18.00
N GLY A 124 -16.77 30.43 -19.14
CA GLY A 124 -17.54 29.52 -19.99
C GLY A 124 -19.04 29.63 -19.73
N SER A 125 -19.43 29.43 -18.46
CA SER A 125 -20.83 29.55 -18.03
C SER A 125 -20.87 29.81 -16.49
N GLN A 1 0.75 -12.84 -8.70
CA GLN A 1 2.10 -12.83 -8.10
C GLN A 1 2.73 -11.44 -8.24
N GLY A 2 3.66 -11.10 -7.34
CA GLY A 2 4.20 -9.74 -7.23
C GLY A 2 3.50 -8.99 -6.11
N HIS A 3 2.17 -8.83 -6.27
CA HIS A 3 1.31 -8.13 -5.33
C HIS A 3 -0.18 -8.35 -5.72
N MET A 4 -0.85 -9.26 -5.00
CA MET A 4 -2.30 -9.49 -5.14
C MET A 4 -3.03 -8.51 -4.21
N PHE A 5 -3.49 -7.39 -4.80
CA PHE A 5 -4.11 -6.29 -4.07
C PHE A 5 -5.64 -6.34 -4.20
N GLU A 6 -6.30 -6.01 -3.10
CA GLU A 6 -7.76 -5.85 -3.01
C GLU A 6 -8.07 -4.71 -2.01
N PRO A 7 -9.25 -4.03 -2.10
CA PRO A 7 -9.66 -3.01 -1.11
C PRO A 7 -9.77 -3.62 0.31
N GLY A 8 -8.78 -3.30 1.17
CA GLY A 8 -8.75 -3.75 2.57
C GLY A 8 -7.56 -4.65 2.88
N HIS A 9 -6.95 -5.27 1.84
CA HIS A 9 -5.86 -6.25 2.03
C HIS A 9 -4.92 -6.29 0.81
N LEU A 10 -3.62 -6.48 1.06
CA LEU A 10 -2.57 -6.63 0.05
C LEU A 10 -1.76 -7.90 0.39
N HIS A 11 -1.36 -8.65 -0.63
CA HIS A 11 -0.55 -9.88 -0.46
C HIS A 11 0.69 -9.80 -1.37
N LEU A 12 1.88 -9.87 -0.78
CA LEU A 12 3.16 -9.84 -1.53
C LEU A 12 3.71 -11.27 -1.68
N VAL A 13 4.04 -11.63 -2.92
CA VAL A 13 4.84 -12.83 -3.28
C VAL A 13 5.82 -12.35 -4.37
N SER A 14 7.02 -12.94 -4.51
CA SER A 14 7.97 -12.48 -5.55
C SER A 14 7.64 -13.19 -6.86
N LEU A 15 7.22 -12.43 -7.88
CA LEU A 15 6.92 -12.98 -9.21
C LEU A 15 8.23 -13.39 -9.92
N PRO A 16 8.24 -14.49 -10.71
CA PRO A 16 9.39 -14.84 -11.56
C PRO A 16 9.58 -13.83 -12.71
N GLY A 17 10.77 -13.21 -12.78
CA GLY A 17 11.12 -12.30 -13.88
C GLY A 17 11.90 -11.09 -13.40
N LEU A 18 11.21 -10.21 -12.65
CA LEU A 18 11.81 -8.99 -12.08
C LEU A 18 12.77 -9.36 -10.94
N ASP A 19 12.28 -10.25 -10.07
CA ASP A 19 13.06 -10.84 -8.96
C ASP A 19 12.70 -12.32 -8.84
N GLN A 20 13.30 -12.98 -7.83
CA GLN A 20 12.90 -14.33 -7.40
C GLN A 20 13.54 -14.62 -6.03
N GLN A 21 12.72 -14.58 -4.99
CA GLN A 21 13.11 -14.82 -3.59
C GLN A 21 11.85 -15.20 -2.79
N ASP A 22 12.04 -15.75 -1.58
CA ASP A 22 10.92 -16.28 -0.76
C ASP A 22 10.35 -15.18 0.17
N ILE A 23 9.99 -14.03 -0.43
CA ILE A 23 9.22 -12.98 0.26
C ILE A 23 7.72 -13.26 0.07
N ASN A 24 7.04 -13.54 1.19
CA ASN A 24 5.62 -13.89 1.21
C ASN A 24 5.00 -13.16 2.43
N ILE A 25 4.21 -12.13 2.16
CA ILE A 25 3.82 -11.11 3.17
C ILE A 25 2.30 -10.86 3.10
N HIS A 26 1.66 -10.84 4.27
CA HIS A 26 0.23 -10.54 4.44
C HIS A 26 0.13 -9.12 5.00
N ILE A 27 -0.43 -8.17 4.23
CA ILE A 27 -0.61 -6.78 4.68
C ILE A 27 -2.11 -6.50 4.82
N ARG A 28 -2.58 -6.40 6.06
CA ARG A 28 -3.98 -6.08 6.35
C ARG A 28 -4.07 -4.61 6.76
N TYR A 29 -4.67 -3.76 5.90
CA TYR A 29 -4.81 -2.32 6.20
C TYR A 29 -6.30 -2.02 6.44
N GLU A 30 -6.61 -1.46 7.61
CA GLU A 30 -7.98 -1.24 8.06
C GLU A 30 -8.21 0.27 8.26
N VAL A 31 -9.09 0.84 7.43
CA VAL A 31 -9.48 2.24 7.55
C VAL A 31 -10.48 2.37 8.71
N ARG A 32 -10.10 3.13 9.72
CA ARG A 32 -10.85 3.27 10.98
C ARG A 32 -10.79 4.73 11.44
N GLN A 33 -11.73 5.12 12.30
CA GLN A 33 -11.75 6.45 12.92
C GLN A 33 -11.42 6.31 14.42
N ASN A 34 -10.28 6.85 14.84
CA ASN A 34 -9.90 6.98 16.28
C ASN A 34 -10.26 8.38 16.77
N ALA A 35 -10.61 8.50 18.06
CA ALA A 35 -10.95 9.79 18.70
C ALA A 35 -9.70 10.70 18.84
N GLU A 36 -8.51 10.07 18.77
CA GLU A 36 -7.22 10.73 18.96
C GLU A 36 -6.85 11.64 17.77
N SER A 37 -7.05 11.16 16.52
CA SER A 37 -6.59 11.88 15.31
C SER A 37 -7.68 11.94 14.22
N GLY A 38 -8.86 11.39 14.52
CA GLY A 38 -9.96 11.33 13.53
C GLY A 38 -9.81 10.10 12.65
N ALA A 39 -9.60 10.31 11.35
CA ALA A 39 -9.32 9.22 10.41
C ALA A 39 -7.88 8.70 10.59
N TYR A 40 -7.70 7.39 10.44
CA TYR A 40 -6.36 6.76 10.35
C TYR A 40 -6.50 5.38 9.71
N VAL A 41 -5.37 4.72 9.41
CA VAL A 41 -5.36 3.34 8.90
C VAL A 41 -4.36 2.49 9.71
N HIS A 42 -4.81 1.32 10.19
CA HIS A 42 -3.97 0.33 10.89
C HIS A 42 -3.35 -0.62 9.86
N PHE A 43 -2.01 -0.61 9.74
CA PHE A 43 -1.28 -1.49 8.82
C PHE A 43 -0.65 -2.64 9.61
N ASP A 44 -1.17 -3.85 9.42
CA ASP A 44 -0.63 -5.08 10.03
C ASP A 44 0.10 -5.89 8.95
N MET A 45 1.26 -6.48 9.30
CA MET A 45 2.07 -7.30 8.35
C MET A 45 2.67 -8.52 9.06
N ASP A 46 2.68 -9.67 8.37
CA ASP A 46 3.22 -10.93 8.89
C ASP A 46 3.44 -11.92 7.75
N GLY A 47 4.31 -12.91 7.94
CA GLY A 47 4.59 -13.91 6.90
C GLY A 47 5.96 -14.52 7.06
N GLU A 48 6.76 -14.50 5.97
CA GLU A 48 8.10 -15.11 5.90
C GLU A 48 8.91 -14.42 4.81
N ILE A 49 10.27 -14.55 4.86
CA ILE A 49 11.19 -13.78 4.00
C ILE A 49 12.49 -14.61 3.99
N ASP A 50 12.79 -15.28 2.85
CA ASP A 50 13.87 -16.28 2.73
C ASP A 50 13.60 -17.45 3.72
N GLY A 51 12.31 -17.86 3.77
CA GLY A 51 11.83 -18.92 4.66
C GLY A 51 11.54 -18.46 6.09
N LYS A 52 12.26 -17.43 6.55
CA LYS A 52 12.29 -16.99 7.96
C LYS A 52 11.08 -16.09 8.28
N PRO A 53 10.21 -16.48 9.27
CA PRO A 53 8.97 -15.72 9.61
C PRO A 53 9.26 -14.34 10.22
N PHE A 54 8.32 -13.40 10.03
CA PHE A 54 8.36 -12.06 10.66
C PHE A 54 6.93 -11.58 10.94
N SER A 55 6.74 -10.83 12.04
CA SER A 55 5.43 -10.22 12.38
C SER A 55 5.64 -8.82 13.00
N ASP A 56 5.09 -7.78 12.33
CA ASP A 56 5.20 -6.37 12.77
C ASP A 56 3.96 -5.58 12.29
N SER A 57 3.60 -4.48 12.98
CA SER A 57 2.48 -3.61 12.59
C SER A 57 2.80 -2.15 12.94
N PHE A 58 2.32 -1.23 12.09
CA PHE A 58 2.46 0.23 12.28
C PHE A 58 1.13 0.92 11.94
N GLU A 59 0.72 1.89 12.77
CA GLU A 59 -0.54 2.62 12.61
C GLU A 59 -0.19 4.07 12.28
N LEU A 60 -0.72 4.57 11.16
CA LEU A 60 -0.44 5.93 10.68
C LEU A 60 -1.76 6.74 10.64
N PRO A 61 -1.80 7.96 11.25
CA PRO A 61 -2.94 8.90 11.12
C PRO A 61 -3.18 9.32 9.65
N ARG A 62 -4.41 9.79 9.38
CA ARG A 62 -4.85 10.27 8.04
C ARG A 62 -3.81 11.15 7.30
N ASP A 63 -3.12 12.03 8.04
CA ASP A 63 -2.16 13.01 7.49
C ASP A 63 -0.82 12.36 7.07
N THR A 64 -0.57 11.12 7.53
CA THR A 64 0.69 10.38 7.25
C THR A 64 0.42 8.93 6.77
N ALA A 65 -0.88 8.57 6.58
CA ALA A 65 -1.31 7.20 6.18
C ALA A 65 -0.75 6.80 4.82
N PHE A 66 -0.57 7.82 3.96
CA PHE A 66 -0.04 7.68 2.60
C PHE A 66 1.42 7.21 2.59
N ASN A 67 2.16 7.48 3.70
CA ASN A 67 3.62 7.20 3.80
C ASN A 67 3.92 5.69 3.96
N PHE A 68 2.85 4.86 4.02
CA PHE A 68 2.96 3.40 4.25
C PHE A 68 3.56 2.68 3.02
N ALA A 69 3.54 3.33 1.85
CA ALA A 69 3.81 2.63 0.57
C ALA A 69 5.31 2.34 0.48
N SER A 70 6.09 3.36 0.84
CA SER A 70 7.54 3.27 1.01
C SER A 70 7.92 2.53 2.32
N ASP A 71 7.12 2.75 3.39
CA ASP A 71 7.44 2.25 4.76
C ASP A 71 7.28 0.72 4.87
N ALA A 72 6.08 0.21 4.54
CA ALA A 72 5.77 -1.25 4.53
C ALA A 72 6.82 -2.06 3.75
N THR A 73 7.22 -1.53 2.58
CA THR A 73 8.27 -2.14 1.75
C THR A 73 9.61 -2.13 2.48
N ARG A 74 9.96 -0.96 3.08
CA ARG A 74 11.19 -0.80 3.90
C ARG A 74 11.28 -1.85 5.01
N VAL A 75 10.15 -2.10 5.72
CA VAL A 75 10.11 -3.06 6.86
C VAL A 75 10.49 -4.48 6.38
N ALA A 76 10.02 -4.83 5.17
CA ALA A 76 10.33 -6.10 4.52
C ALA A 76 11.80 -6.15 4.09
N GLN A 77 12.28 -5.02 3.53
CA GLN A 77 13.69 -4.84 3.07
C GLN A 77 14.69 -5.01 4.22
N LYS A 78 14.26 -4.59 5.42
CA LYS A 78 15.03 -4.75 6.66
C LYS A 78 15.26 -6.23 7.00
N HIS A 79 14.27 -7.12 6.72
CA HIS A 79 14.40 -8.56 7.04
C HIS A 79 15.08 -9.29 5.87
N GLY A 80 14.83 -8.85 4.62
CA GLY A 80 15.77 -9.10 3.51
C GLY A 80 15.09 -9.14 2.12
N LEU A 81 14.14 -8.21 1.89
CA LEU A 81 13.48 -8.02 0.57
C LEU A 81 14.40 -7.13 -0.30
N HIS A 82 14.62 -7.57 -1.55
CA HIS A 82 15.47 -6.89 -2.54
C HIS A 82 14.93 -5.47 -2.85
N PRO A 83 15.80 -4.40 -2.76
CA PRO A 83 15.45 -3.06 -3.27
C PRO A 83 15.13 -3.09 -4.78
N LYS A 84 13.84 -3.31 -5.08
CA LYS A 84 13.31 -3.50 -6.44
C LYS A 84 13.61 -2.30 -7.35
N PHE A 85 13.75 -1.11 -6.74
CA PHE A 85 14.06 0.15 -7.45
C PHE A 85 15.34 0.02 -8.29
N GLY A 86 16.43 -0.45 -7.65
CA GLY A 86 17.74 -0.55 -8.29
C GLY A 86 18.29 0.83 -8.69
N ALA A 87 18.00 1.22 -9.94
CA ALA A 87 18.40 2.52 -10.52
C ALA A 87 17.51 2.83 -11.73
N ILE A 88 16.44 3.63 -11.50
CA ILE A 88 15.46 3.97 -12.55
C ILE A 88 14.80 5.34 -12.27
N THR A 89 14.86 6.24 -13.26
CA THR A 89 14.23 7.58 -13.19
C THR A 89 12.79 7.53 -13.75
N ARG A 90 12.58 6.69 -14.77
CA ARG A 90 11.26 6.54 -15.44
C ARG A 90 10.35 5.59 -14.65
N VAL A 91 9.88 6.06 -13.48
CA VAL A 91 8.95 5.31 -12.62
C VAL A 91 7.51 5.76 -12.91
N HIS A 92 6.58 4.80 -12.89
CA HIS A 92 5.13 5.08 -13.08
C HIS A 92 4.51 5.44 -11.72
N LYS A 93 3.50 6.33 -11.71
CA LYS A 93 2.93 6.88 -10.47
C LYS A 93 1.99 5.87 -9.77
N GLU A 94 2.59 4.99 -8.96
CA GLU A 94 1.87 4.01 -8.13
C GLU A 94 1.38 4.69 -6.84
N TYR A 95 2.33 5.36 -6.17
CA TYR A 95 2.13 6.09 -4.92
C TYR A 95 1.06 7.17 -5.10
N ASP A 96 1.20 7.97 -6.16
CA ASP A 96 0.30 9.10 -6.48
C ASP A 96 -1.18 8.66 -6.65
N ALA A 97 -1.38 7.49 -7.26
CA ALA A 97 -2.74 6.97 -7.54
C ALA A 97 -3.40 6.44 -6.25
N MET A 98 -2.67 5.59 -5.49
CA MET A 98 -3.14 5.04 -4.20
C MET A 98 -3.31 6.14 -3.14
N PHE A 99 -2.45 7.17 -3.23
CA PHE A 99 -2.57 8.44 -2.45
C PHE A 99 -4.00 9.00 -2.61
N GLU A 100 -4.50 9.01 -3.86
CA GLU A 100 -5.83 9.53 -4.20
C GLU A 100 -6.95 8.57 -3.77
N ASP A 101 -6.64 7.27 -3.72
CA ASP A 101 -7.61 6.25 -3.27
C ASP A 101 -7.88 6.40 -1.75
N ILE A 102 -6.79 6.38 -0.96
CA ILE A 102 -6.82 6.56 0.50
C ILE A 102 -7.41 7.93 0.92
N ARG A 103 -7.05 9.01 0.20
CA ARG A 103 -7.58 10.37 0.50
C ARG A 103 -9.10 10.42 0.30
N ALA A 104 -9.58 9.61 -0.66
CA ALA A 104 -11.01 9.51 -1.00
C ALA A 104 -11.77 8.69 0.08
N LYS A 105 -11.26 7.49 0.38
CA LYS A 105 -11.80 6.58 1.40
C LYS A 105 -11.89 7.23 2.79
N LEU A 106 -10.78 7.80 3.27
CA LEU A 106 -10.71 8.49 4.58
C LEU A 106 -11.64 9.72 4.64
N HIS A 107 -11.91 10.32 3.47
CA HIS A 107 -12.90 11.41 3.33
C HIS A 107 -14.32 10.85 3.56
N ALA A 108 -14.50 9.56 3.16
CA ALA A 108 -15.69 8.72 3.47
C ALA A 108 -16.93 9.10 2.66
N HIS A 109 -16.81 10.13 1.84
CA HIS A 109 -17.87 10.61 0.96
C HIS A 109 -17.26 10.88 -0.41
N PRO A 110 -17.84 10.34 -1.54
CA PRO A 110 -17.39 10.66 -2.92
C PRO A 110 -17.54 12.17 -3.23
N GLY A 111 -16.54 12.94 -2.79
CA GLY A 111 -16.59 14.40 -2.83
C GLY A 111 -15.41 14.99 -3.57
N GLU A 112 -15.20 14.49 -4.78
CA GLU A 112 -14.17 15.02 -5.70
C GLU A 112 -14.65 16.38 -6.25
N PRO A 113 -13.72 17.33 -6.64
CA PRO A 113 -14.13 18.63 -7.24
C PRO A 113 -15.00 18.42 -8.51
N VAL A 114 -16.32 18.39 -8.28
CA VAL A 114 -17.32 18.20 -9.33
C VAL A 114 -17.55 19.53 -10.06
N ASP A 115 -17.77 19.44 -11.37
CA ASP A 115 -17.95 20.60 -12.25
C ASP A 115 -19.45 20.83 -12.53
N LEU A 116 -20.27 20.73 -11.45
CA LEU A 116 -21.72 21.03 -11.50
C LEU A 116 -21.92 22.49 -11.91
N GLU A 117 -20.99 23.34 -11.46
CA GLU A 117 -20.86 24.71 -11.90
C GLU A 117 -19.50 24.87 -12.60
N ARG A 118 -19.50 24.57 -13.89
CA ARG A 118 -18.42 24.92 -14.83
C ARG A 118 -19.07 25.51 -16.11
N ILE A 119 -20.37 25.86 -15.98
CA ILE A 119 -21.21 26.21 -17.12
C ILE A 119 -21.49 27.72 -17.12
N ILE A 120 -22.18 28.21 -16.07
CA ILE A 120 -22.55 29.63 -15.92
C ILE A 120 -21.41 30.38 -15.20
N ARG A 121 -20.30 30.54 -15.92
CA ARG A 121 -19.10 31.23 -15.41
C ARG A 121 -18.97 32.60 -16.09
N HIS A 122 -19.67 33.58 -15.51
CA HIS A 122 -19.71 34.98 -16.00
C HIS A 122 -19.94 35.96 -14.83
N GLU A 123 -19.92 37.27 -15.15
CA GLU A 123 -20.01 38.36 -14.17
C GLU A 123 -20.91 39.50 -14.72
N GLY A 124 -21.55 40.25 -13.79
CA GLY A 124 -22.39 41.40 -14.15
C GLY A 124 -23.75 41.00 -14.68
N SER A 125 -23.84 40.82 -16.02
CA SER A 125 -25.09 40.45 -16.72
C SER A 125 -24.74 39.63 -17.99
N GLN A 1 -4.33 -12.00 -8.66
CA GLN A 1 -3.30 -12.33 -9.66
C GLN A 1 -2.05 -11.45 -9.46
N GLY A 2 -0.92 -12.12 -9.10
CA GLY A 2 0.36 -11.44 -8.87
C GLY A 2 0.36 -10.57 -7.61
N HIS A 3 0.88 -9.35 -7.74
CA HIS A 3 0.89 -8.36 -6.65
C HIS A 3 -0.24 -7.34 -6.88
N MET A 4 -1.47 -7.88 -6.91
CA MET A 4 -2.70 -7.12 -7.19
C MET A 4 -3.10 -6.23 -5.99
N PHE A 5 -3.63 -5.04 -6.28
CA PHE A 5 -4.22 -4.15 -5.27
C PHE A 5 -5.76 -4.16 -5.39
N GLU A 6 -6.41 -4.02 -4.23
CA GLU A 6 -7.87 -3.94 -4.08
C GLU A 6 -8.19 -2.92 -2.94
N PRO A 7 -9.39 -2.26 -2.95
CA PRO A 7 -9.79 -1.35 -1.85
C PRO A 7 -9.89 -2.09 -0.49
N GLY A 8 -8.81 -2.00 0.30
CA GLY A 8 -8.72 -2.60 1.64
C GLY A 8 -7.44 -3.40 1.86
N HIS A 9 -6.84 -3.91 0.76
CA HIS A 9 -5.73 -4.89 0.82
C HIS A 9 -4.82 -4.76 -0.42
N LEU A 10 -3.51 -5.02 -0.22
CA LEU A 10 -2.50 -5.11 -1.28
C LEU A 10 -1.77 -6.45 -1.13
N HIS A 11 -1.58 -7.15 -2.26
CA HIS A 11 -0.81 -8.39 -2.32
C HIS A 11 0.61 -8.04 -2.80
N LEU A 12 1.63 -8.66 -2.18
CA LEU A 12 3.03 -8.50 -2.59
C LEU A 12 3.63 -9.88 -2.89
N VAL A 13 3.91 -10.13 -4.16
CA VAL A 13 4.85 -11.18 -4.63
C VAL A 13 5.75 -10.52 -5.66
N SER A 14 6.84 -11.18 -6.08
CA SER A 14 7.73 -10.63 -7.09
C SER A 14 7.45 -11.34 -8.42
N LEU A 15 7.42 -10.57 -9.53
CA LEU A 15 7.24 -11.14 -10.87
C LEU A 15 8.49 -11.96 -11.26
N PRO A 16 8.34 -13.26 -11.68
CA PRO A 16 9.49 -14.11 -12.03
C PRO A 16 10.20 -13.63 -13.32
N GLY A 17 11.52 -13.84 -13.36
CA GLY A 17 12.36 -13.39 -14.46
C GLY A 17 13.80 -13.31 -14.03
N LEU A 18 14.13 -12.26 -13.27
CA LEU A 18 15.48 -12.05 -12.69
C LEU A 18 15.35 -11.49 -11.26
N ASP A 19 14.14 -11.63 -10.69
CA ASP A 19 13.77 -11.05 -9.38
C ASP A 19 13.20 -12.16 -8.48
N GLN A 20 13.71 -13.39 -8.68
CA GLN A 20 13.08 -14.62 -8.18
C GLN A 20 13.52 -14.96 -6.73
N GLN A 21 13.54 -13.94 -5.84
CA GLN A 21 13.58 -14.16 -4.39
C GLN A 21 12.15 -14.41 -3.92
N ASP A 22 12.00 -15.39 -3.01
CA ASP A 22 10.69 -15.82 -2.52
C ASP A 22 10.16 -14.81 -1.50
N ILE A 23 9.55 -13.73 -2.03
CA ILE A 23 8.89 -12.70 -1.22
C ILE A 23 7.38 -12.79 -1.42
N ASN A 24 6.66 -12.90 -0.32
CA ASN A 24 5.20 -12.97 -0.29
C ASN A 24 4.74 -12.28 1.00
N ILE A 25 3.98 -11.19 0.86
CA ILE A 25 3.64 -10.25 1.94
C ILE A 25 2.21 -9.73 1.71
N HIS A 26 1.48 -9.49 2.80
CA HIS A 26 0.13 -8.92 2.78
C HIS A 26 0.21 -7.48 3.32
N ILE A 27 -0.61 -6.57 2.81
CA ILE A 27 -0.76 -5.21 3.37
C ILE A 27 -2.26 -4.89 3.52
N ARG A 28 -2.74 -4.85 4.75
CA ARG A 28 -4.08 -4.33 5.07
C ARG A 28 -3.93 -2.89 5.55
N TYR A 29 -4.84 -2.01 5.14
CA TYR A 29 -4.99 -0.70 5.75
C TYR A 29 -6.43 -0.60 6.27
N GLU A 30 -6.56 -0.47 7.60
CA GLU A 30 -7.86 -0.46 8.28
C GLU A 30 -7.96 0.84 9.09
N VAL A 31 -8.87 1.72 8.66
CA VAL A 31 -9.04 3.03 9.27
C VAL A 31 -10.07 2.97 10.40
N ARG A 32 -9.62 3.30 11.62
CA ARG A 32 -10.48 3.39 12.79
C ARG A 32 -10.49 4.85 13.25
N GLN A 33 -11.57 5.26 13.92
CA GLN A 33 -11.69 6.61 14.49
C GLN A 33 -11.67 6.44 16.02
N ASN A 34 -10.61 6.91 16.68
CA ASN A 34 -10.53 6.95 18.15
C ASN A 34 -10.72 8.41 18.61
N ALA A 35 -11.52 8.64 19.68
CA ALA A 35 -11.85 10.00 20.18
C ALA A 35 -10.61 10.75 20.74
N GLU A 36 -9.58 9.96 21.10
CA GLU A 36 -8.32 10.46 21.68
C GLU A 36 -7.49 11.26 20.65
N SER A 37 -7.36 10.73 19.42
CA SER A 37 -6.50 11.33 18.36
C SER A 37 -7.33 11.81 17.17
N GLY A 38 -8.34 11.02 16.79
CA GLY A 38 -9.13 11.24 15.58
C GLY A 38 -9.05 10.04 14.65
N ALA A 39 -9.12 10.31 13.34
CA ALA A 39 -8.98 9.28 12.28
C ALA A 39 -7.52 8.81 12.18
N TYR A 40 -7.32 7.49 12.20
CA TYR A 40 -5.98 6.87 12.05
C TYR A 40 -6.12 5.55 11.27
N VAL A 41 -4.98 5.02 10.80
CA VAL A 41 -4.94 3.75 10.04
C VAL A 41 -4.03 2.73 10.74
N HIS A 42 -4.54 1.52 10.98
CA HIS A 42 -3.73 0.36 11.33
C HIS A 42 -3.29 -0.35 10.04
N PHE A 43 -1.98 -0.31 9.74
CA PHE A 43 -1.41 -1.04 8.60
C PHE A 43 -0.87 -2.38 9.12
N ASP A 44 -1.38 -3.49 8.56
CA ASP A 44 -1.15 -4.84 9.07
C ASP A 44 -0.48 -5.69 7.98
N MET A 45 0.77 -6.12 8.22
CA MET A 45 1.57 -6.90 7.25
C MET A 45 1.95 -8.27 7.83
N ASP A 46 1.99 -9.30 6.96
CA ASP A 46 2.49 -10.65 7.31
C ASP A 46 2.94 -11.36 6.03
N GLY A 47 3.72 -12.44 6.17
CA GLY A 47 4.13 -13.26 5.03
C GLY A 47 5.26 -14.19 5.39
N GLU A 48 6.03 -14.68 4.39
CA GLU A 48 7.27 -15.44 4.66
C GLU A 48 8.32 -15.15 3.57
N ILE A 49 9.37 -14.43 3.98
CA ILE A 49 10.48 -14.09 3.06
C ILE A 49 11.67 -15.03 3.28
N ASP A 50 12.14 -15.64 2.17
CA ASP A 50 13.25 -16.64 2.15
C ASP A 50 12.88 -17.90 2.95
N GLY A 51 11.57 -18.09 3.23
CA GLY A 51 11.08 -19.19 4.08
C GLY A 51 10.66 -18.73 5.47
N LYS A 52 11.16 -17.56 5.91
CA LYS A 52 10.95 -17.04 7.28
C LYS A 52 9.59 -16.32 7.45
N PRO A 53 8.62 -16.89 8.23
CA PRO A 53 7.33 -16.24 8.49
C PRO A 53 7.46 -15.06 9.48
N PHE A 54 6.68 -14.00 9.25
CA PHE A 54 6.70 -12.78 10.08
C PHE A 54 5.31 -12.13 10.10
N SER A 55 5.11 -11.25 11.10
CA SER A 55 3.94 -10.38 11.17
C SER A 55 4.37 -9.05 11.84
N ASP A 56 4.18 -7.94 11.12
CA ASP A 56 4.65 -6.60 11.53
C ASP A 56 3.54 -5.58 11.21
N SER A 57 3.40 -4.55 12.05
CA SER A 57 2.34 -3.55 11.89
C SER A 57 2.83 -2.15 12.29
N PHE A 58 2.34 -1.12 11.58
CA PHE A 58 2.62 0.29 11.87
C PHE A 58 1.32 1.09 11.73
N GLU A 59 1.07 2.01 12.66
CA GLU A 59 -0.16 2.82 12.68
C GLU A 59 0.20 4.28 12.44
N LEU A 60 -0.45 4.91 11.44
CA LEU A 60 -0.22 6.31 11.06
C LEU A 60 -1.56 7.05 10.99
N PRO A 61 -1.72 8.19 11.73
CA PRO A 61 -2.93 9.05 11.62
C PRO A 61 -3.02 9.73 10.23
N ARG A 62 -4.21 10.26 9.89
CA ARG A 62 -4.48 10.97 8.60
C ARG A 62 -3.39 12.00 8.23
N ASP A 63 -2.88 12.67 9.26
CA ASP A 63 -1.86 13.74 9.14
C ASP A 63 -0.52 13.21 8.56
N THR A 64 -0.22 11.92 8.80
CA THR A 64 1.04 11.27 8.37
C THR A 64 0.76 9.93 7.65
N ALA A 65 -0.52 9.71 7.30
CA ALA A 65 -0.97 8.49 6.58
C ALA A 65 -0.31 8.35 5.20
N PHE A 66 0.06 9.51 4.63
CA PHE A 66 0.72 9.61 3.31
C PHE A 66 2.19 9.10 3.31
N ASN A 67 2.71 8.67 4.47
CA ASN A 67 4.03 8.05 4.62
C ASN A 67 3.91 6.51 4.59
N PHE A 68 2.68 6.02 4.35
CA PHE A 68 2.33 4.59 4.42
C PHE A 68 3.21 3.72 3.53
N ALA A 69 3.37 4.12 2.24
CA ALA A 69 3.97 3.28 1.20
C ALA A 69 5.48 3.18 1.35
N SER A 70 6.10 4.29 1.79
CA SER A 70 7.55 4.39 1.95
C SER A 70 7.99 3.53 3.14
N ASP A 71 7.19 3.59 4.22
CA ASP A 71 7.38 2.75 5.41
C ASP A 71 7.14 1.26 5.06
N ALA A 72 5.93 0.96 4.53
CA ALA A 72 5.53 -0.40 4.05
C ALA A 72 6.59 -1.08 3.15
N THR A 73 7.22 -0.28 2.28
CA THR A 73 8.29 -0.76 1.39
C THR A 73 9.58 -1.03 2.20
N ARG A 74 9.93 -0.09 3.09
CA ARG A 74 11.15 -0.15 3.91
C ARG A 74 11.14 -1.36 4.85
N VAL A 75 10.03 -1.54 5.60
CA VAL A 75 9.88 -2.60 6.60
C VAL A 75 9.80 -3.98 5.93
N ALA A 76 9.19 -4.04 4.73
CA ALA A 76 9.17 -5.25 3.89
C ALA A 76 10.60 -5.68 3.54
N GLN A 77 11.44 -4.66 3.26
CA GLN A 77 12.84 -4.84 2.86
C GLN A 77 13.72 -5.23 4.06
N LYS A 78 13.43 -4.64 5.24
CA LYS A 78 14.13 -4.96 6.50
C LYS A 78 13.87 -6.44 6.91
N HIS A 79 12.66 -6.93 6.61
CA HIS A 79 12.25 -8.31 6.92
C HIS A 79 12.78 -9.34 5.89
N GLY A 80 13.58 -8.92 4.88
CA GLY A 80 14.35 -9.86 4.07
C GLY A 80 14.36 -9.51 2.58
N LEU A 81 13.25 -8.91 2.12
CA LEU A 81 13.08 -8.48 0.72
C LEU A 81 14.21 -7.52 0.30
N HIS A 82 14.94 -7.88 -0.76
CA HIS A 82 15.99 -7.02 -1.35
C HIS A 82 15.75 -6.94 -2.87
N PRO A 83 14.88 -6.00 -3.34
CA PRO A 83 14.55 -5.89 -4.76
C PRO A 83 15.61 -5.08 -5.54
N LYS A 84 15.86 -5.50 -6.79
CA LYS A 84 16.67 -4.75 -7.76
C LYS A 84 15.90 -3.49 -8.23
N PHE A 85 14.59 -3.46 -7.90
CA PHE A 85 13.74 -2.27 -7.98
C PHE A 85 14.36 -1.15 -7.12
N GLY A 86 14.69 -1.51 -5.86
CA GLY A 86 15.22 -0.57 -4.88
C GLY A 86 14.14 0.37 -4.35
N ALA A 87 13.71 1.32 -5.20
CA ALA A 87 12.62 2.27 -4.89
C ALA A 87 11.81 2.60 -6.16
N ILE A 88 12.11 1.95 -7.31
CA ILE A 88 11.38 2.17 -8.58
C ILE A 88 10.22 1.15 -8.70
N THR A 89 9.10 1.56 -9.31
CA THR A 89 7.91 0.73 -9.45
C THR A 89 8.10 -0.33 -10.57
N ARG A 90 8.76 0.10 -11.68
CA ARG A 90 8.95 -0.69 -12.93
C ARG A 90 7.63 -0.85 -13.71
N VAL A 91 6.62 -1.41 -13.03
CA VAL A 91 5.22 -1.42 -13.49
C VAL A 91 4.69 0.03 -13.58
N HIS A 92 3.64 0.26 -14.39
CA HIS A 92 2.98 1.58 -14.49
C HIS A 92 2.47 2.03 -13.10
N LYS A 93 2.70 3.31 -12.75
CA LYS A 93 2.27 3.86 -11.46
C LYS A 93 0.75 3.85 -11.35
N GLU A 94 0.23 3.12 -10.35
CA GLU A 94 -1.19 3.20 -9.93
C GLU A 94 -1.27 3.76 -8.50
N TYR A 95 -0.10 4.29 -8.03
CA TYR A 95 0.10 4.78 -6.67
C TYR A 95 -0.90 5.87 -6.27
N ASP A 96 -1.16 6.80 -7.20
CA ASP A 96 -2.07 7.95 -6.98
C ASP A 96 -3.47 7.50 -6.52
N ALA A 97 -4.00 6.44 -7.16
CA ALA A 97 -5.31 5.86 -6.84
C ALA A 97 -5.36 5.37 -5.39
N MET A 98 -4.30 4.62 -5.00
CA MET A 98 -4.12 4.10 -3.63
C MET A 98 -4.02 5.24 -2.59
N PHE A 99 -3.12 6.18 -2.89
CA PHE A 99 -2.81 7.37 -2.05
C PHE A 99 -4.07 8.16 -1.65
N GLU A 100 -4.89 8.50 -2.65
CA GLU A 100 -6.08 9.34 -2.47
C GLU A 100 -7.30 8.55 -1.96
N ASP A 101 -7.35 7.23 -2.27
CA ASP A 101 -8.41 6.35 -1.75
C ASP A 101 -8.26 6.20 -0.22
N ILE A 102 -6.99 6.16 0.25
CA ILE A 102 -6.66 6.22 1.68
C ILE A 102 -7.19 7.51 2.34
N ARG A 103 -6.82 8.71 1.81
CA ARG A 103 -7.26 10.01 2.40
C ARG A 103 -8.81 10.12 2.45
N ALA A 104 -9.46 9.42 1.50
CA ALA A 104 -10.92 9.33 1.42
C ALA A 104 -11.48 8.45 2.56
N LYS A 105 -10.87 7.26 2.73
CA LYS A 105 -11.20 6.32 3.84
C LYS A 105 -11.00 6.97 5.23
N LEU A 106 -9.98 7.85 5.34
CA LEU A 106 -9.70 8.63 6.56
C LEU A 106 -10.84 9.63 6.89
N HIS A 107 -11.64 10.01 5.89
CA HIS A 107 -12.85 10.84 6.11
C HIS A 107 -13.97 9.99 6.79
N ALA A 108 -13.81 8.64 6.71
CA ALA A 108 -14.69 7.61 7.31
C ALA A 108 -15.91 7.30 6.42
N HIS A 109 -15.87 7.81 5.18
CA HIS A 109 -16.84 7.50 4.11
C HIS A 109 -16.09 7.45 2.76
N PRO A 110 -16.40 6.44 1.88
CA PRO A 110 -15.61 6.18 0.65
C PRO A 110 -15.75 7.29 -0.43
N GLY A 111 -14.82 8.25 -0.41
CA GLY A 111 -14.67 9.24 -1.48
C GLY A 111 -13.70 8.76 -2.55
N GLU A 112 -13.99 7.56 -3.09
CA GLU A 112 -13.10 6.81 -3.98
C GLU A 112 -12.87 7.56 -5.31
N PRO A 113 -11.64 7.46 -5.91
CA PRO A 113 -11.37 8.03 -7.26
C PRO A 113 -11.98 7.19 -8.40
N VAL A 114 -11.75 7.65 -9.63
CA VAL A 114 -12.06 6.89 -10.83
C VAL A 114 -10.81 6.87 -11.73
N ASP A 115 -10.28 5.67 -11.96
CA ASP A 115 -9.07 5.44 -12.77
C ASP A 115 -9.38 4.42 -13.86
N LEU A 116 -10.54 4.63 -14.52
CA LEU A 116 -10.98 3.77 -15.64
C LEU A 116 -10.03 3.95 -16.84
N GLU A 117 -9.54 5.20 -17.04
CA GLU A 117 -8.61 5.55 -18.13
C GLU A 117 -7.20 5.02 -17.84
N ARG A 118 -6.91 4.71 -16.56
CA ARG A 118 -5.57 4.27 -16.12
C ARG A 118 -5.27 2.84 -16.61
N ILE A 119 -6.33 2.05 -16.78
CA ILE A 119 -6.27 0.71 -17.36
C ILE A 119 -6.16 0.82 -18.90
N ILE A 120 -6.78 1.89 -19.45
CA ILE A 120 -6.85 2.16 -20.90
C ILE A 120 -5.50 2.71 -21.44
N ARG A 121 -4.63 3.22 -20.54
CA ARG A 121 -3.32 3.84 -20.91
C ARG A 121 -2.49 2.91 -21.83
N HIS A 122 -2.46 3.25 -23.12
CA HIS A 122 -1.66 2.53 -24.11
C HIS A 122 -0.25 3.15 -24.11
N GLU A 123 0.77 2.30 -23.96
CA GLU A 123 2.17 2.74 -23.79
C GLU A 123 3.09 1.68 -24.39
N GLY A 124 3.86 2.08 -25.40
CA GLY A 124 4.77 1.19 -26.11
C GLY A 124 5.91 1.95 -26.77
N SER A 125 6.72 2.62 -25.93
CA SER A 125 7.92 3.34 -26.37
C SER A 125 9.17 2.64 -25.78
N GLN A 1 -8.20 -12.79 -5.74
CA GLN A 1 -6.91 -13.37 -5.31
C GLN A 1 -5.97 -13.51 -6.53
N GLY A 2 -4.89 -12.71 -6.56
CA GLY A 2 -3.94 -12.72 -7.67
C GLY A 2 -2.55 -12.30 -7.19
N HIS A 3 -2.07 -11.14 -7.66
CA HIS A 3 -0.78 -10.56 -7.21
C HIS A 3 -0.77 -9.04 -7.33
N MET A 4 -1.95 -8.44 -7.62
CA MET A 4 -2.10 -6.98 -7.83
C MET A 4 -3.05 -6.35 -6.81
N PHE A 5 -3.17 -5.01 -6.87
CA PHE A 5 -3.83 -4.19 -5.86
C PHE A 5 -5.37 -4.22 -6.01
N GLU A 6 -6.04 -4.10 -4.86
CA GLU A 6 -7.51 -4.13 -4.75
C GLU A 6 -7.97 -3.09 -3.68
N PRO A 7 -9.24 -2.56 -3.77
CA PRO A 7 -9.81 -1.64 -2.74
C PRO A 7 -9.81 -2.24 -1.32
N GLY A 8 -8.82 -1.85 -0.49
CA GLY A 8 -8.72 -2.28 0.91
C GLY A 8 -7.39 -2.96 1.22
N HIS A 9 -6.73 -3.52 0.19
CA HIS A 9 -5.55 -4.39 0.36
C HIS A 9 -4.59 -4.22 -0.84
N LEU A 10 -3.30 -4.42 -0.59
CA LEU A 10 -2.23 -4.37 -1.61
C LEU A 10 -1.48 -5.70 -1.54
N HIS A 11 -1.29 -6.35 -2.70
CA HIS A 11 -0.63 -7.66 -2.80
C HIS A 11 0.86 -7.47 -3.18
N LEU A 12 1.76 -8.19 -2.48
CA LEU A 12 3.21 -8.21 -2.78
C LEU A 12 3.70 -9.65 -2.99
N VAL A 13 4.09 -9.97 -4.21
CA VAL A 13 4.97 -11.12 -4.54
C VAL A 13 6.13 -10.54 -5.37
N SER A 14 7.20 -11.30 -5.62
CA SER A 14 8.38 -10.80 -6.34
C SER A 14 8.08 -10.88 -7.85
N LEU A 15 8.35 -9.81 -8.61
CA LEU A 15 8.14 -9.82 -10.06
C LEU A 15 9.37 -10.51 -10.73
N PRO A 16 9.16 -11.61 -11.50
CA PRO A 16 10.26 -12.32 -12.18
C PRO A 16 10.89 -11.46 -13.30
N GLY A 17 11.98 -10.75 -12.96
CA GLY A 17 12.71 -9.95 -13.92
C GLY A 17 13.75 -9.07 -13.23
N LEU A 18 13.27 -8.25 -12.28
CA LEU A 18 14.12 -7.31 -11.52
C LEU A 18 14.75 -8.04 -10.32
N ASP A 19 13.89 -8.47 -9.39
CA ASP A 19 14.27 -9.21 -8.17
C ASP A 19 13.58 -10.56 -8.19
N GLN A 20 14.27 -11.60 -7.69
CA GLN A 20 13.74 -12.97 -7.63
C GLN A 20 14.11 -13.59 -6.28
N GLN A 21 13.12 -13.67 -5.37
CA GLN A 21 13.28 -14.30 -4.05
C GLN A 21 11.94 -14.89 -3.59
N ASP A 22 11.99 -15.84 -2.62
CA ASP A 22 10.77 -16.39 -1.98
C ASP A 22 10.18 -15.34 -1.02
N ILE A 23 9.48 -14.36 -1.59
CA ILE A 23 8.81 -13.30 -0.83
C ILE A 23 7.32 -13.27 -1.18
N ASN A 24 6.51 -13.09 -0.14
CA ASN A 24 5.06 -12.86 -0.23
C ASN A 24 4.64 -12.06 1.00
N ILE A 25 3.96 -10.92 0.77
CA ILE A 25 3.60 -9.95 1.82
C ILE A 25 2.20 -9.40 1.50
N HIS A 26 1.41 -9.19 2.54
CA HIS A 26 0.10 -8.52 2.46
C HIS A 26 0.28 -7.10 2.99
N ILE A 27 -0.37 -6.09 2.40
CA ILE A 27 -0.41 -4.73 2.99
C ILE A 27 -1.88 -4.29 3.11
N ARG A 28 -2.36 -4.24 4.34
CA ARG A 28 -3.69 -3.75 4.69
C ARG A 28 -3.58 -2.29 5.09
N TYR A 29 -4.52 -1.47 4.65
CA TYR A 29 -4.71 -0.12 5.18
C TYR A 29 -6.17 -0.02 5.65
N GLU A 30 -6.34 0.20 6.95
CA GLU A 30 -7.65 0.24 7.61
C GLU A 30 -7.82 1.60 8.30
N VAL A 31 -8.74 2.41 7.77
CA VAL A 31 -9.01 3.75 8.29
C VAL A 31 -10.02 3.65 9.44
N ARG A 32 -9.58 4.04 10.63
CA ARG A 32 -10.34 3.94 11.86
C ARG A 32 -10.30 5.27 12.61
N GLN A 33 -11.28 5.48 13.51
CA GLN A 33 -11.30 6.62 14.42
C GLN A 33 -11.20 6.07 15.86
N ASN A 34 -10.06 6.30 16.53
CA ASN A 34 -9.88 5.97 17.97
C ASN A 34 -10.08 7.22 18.85
N ALA A 35 -10.52 6.99 20.09
CA ALA A 35 -10.74 8.07 21.09
C ALA A 35 -9.39 8.66 21.56
N GLU A 36 -8.34 7.83 21.48
CA GLU A 36 -6.98 8.17 21.92
C GLU A 36 -6.35 9.28 21.06
N SER A 37 -6.33 9.11 19.73
CA SER A 37 -5.55 9.96 18.81
C SER A 37 -6.40 10.54 17.66
N GLY A 38 -7.71 10.23 17.63
CA GLY A 38 -8.63 10.79 16.61
C GLY A 38 -8.69 9.91 15.36
N ALA A 39 -8.62 10.54 14.17
CA ALA A 39 -8.62 9.83 12.88
C ALA A 39 -7.20 9.31 12.56
N TYR A 40 -7.12 8.02 12.19
CA TYR A 40 -5.83 7.37 11.87
C TYR A 40 -6.03 6.15 10.97
N VAL A 41 -4.93 5.55 10.50
CA VAL A 41 -4.95 4.36 9.63
C VAL A 41 -3.97 3.31 10.17
N HIS A 42 -4.47 2.09 10.40
CA HIS A 42 -3.66 0.92 10.77
C HIS A 42 -3.17 0.22 9.49
N PHE A 43 -1.85 0.12 9.31
CA PHE A 43 -1.23 -0.61 8.20
C PHE A 43 -0.70 -1.95 8.74
N ASP A 44 -1.08 -3.07 8.08
CA ASP A 44 -0.83 -4.43 8.60
C ASP A 44 -0.17 -5.31 7.53
N MET A 45 1.01 -5.89 7.84
CA MET A 45 1.82 -6.68 6.88
C MET A 45 2.08 -8.11 7.42
N ASP A 46 1.86 -9.12 6.57
CA ASP A 46 2.08 -10.55 6.93
C ASP A 46 2.38 -11.40 5.68
N GLY A 47 3.08 -12.51 5.88
CA GLY A 47 3.42 -13.47 4.80
C GLY A 47 4.57 -14.36 5.21
N GLU A 48 5.39 -14.87 4.26
CA GLU A 48 6.60 -15.64 4.62
C GLU A 48 7.75 -15.40 3.61
N ILE A 49 8.77 -14.71 4.12
CA ILE A 49 10.01 -14.46 3.36
C ILE A 49 11.09 -15.46 3.76
N ASP A 50 11.64 -16.18 2.75
CA ASP A 50 12.55 -17.34 2.92
C ASP A 50 11.80 -18.48 3.63
N GLY A 51 10.46 -18.47 3.49
CA GLY A 51 9.58 -19.41 4.18
C GLY A 51 9.36 -19.08 5.64
N LYS A 52 9.80 -17.88 6.09
CA LYS A 52 9.67 -17.44 7.49
C LYS A 52 8.41 -16.58 7.69
N PRO A 53 7.34 -17.12 8.40
CA PRO A 53 6.12 -16.36 8.71
C PRO A 53 6.41 -15.16 9.63
N PHE A 54 5.86 -14.00 9.27
CA PHE A 54 6.03 -12.76 10.04
C PHE A 54 4.70 -12.02 10.12
N SER A 55 4.49 -11.32 11.24
CA SER A 55 3.37 -10.40 11.41
C SER A 55 3.93 -9.10 12.00
N ASP A 56 3.87 -8.04 11.20
CA ASP A 56 4.47 -6.75 11.50
C ASP A 56 3.50 -5.66 11.04
N SER A 57 3.30 -4.63 11.86
CA SER A 57 2.28 -3.60 11.60
C SER A 57 2.72 -2.24 12.16
N PHE A 58 2.34 -1.17 11.45
CA PHE A 58 2.65 0.23 11.81
C PHE A 58 1.42 1.09 11.58
N GLU A 59 1.19 2.07 12.47
CA GLU A 59 0.04 2.99 12.39
C GLU A 59 0.56 4.42 12.18
N LEU A 60 -0.15 5.16 11.33
CA LEU A 60 0.08 6.58 11.08
C LEU A 60 -1.26 7.32 11.14
N PRO A 61 -1.35 8.50 11.82
CA PRO A 61 -2.57 9.34 11.84
C PRO A 61 -2.91 9.86 10.43
N ARG A 62 -4.15 10.35 10.29
CA ARG A 62 -4.67 11.03 9.08
C ARG A 62 -3.64 11.96 8.37
N ASP A 63 -2.80 12.66 9.18
CA ASP A 63 -1.86 13.68 8.69
C ASP A 63 -0.57 13.09 8.08
N THR A 64 -0.25 11.82 8.38
CA THR A 64 1.00 11.16 7.92
C THR A 64 0.72 9.78 7.29
N ALA A 65 -0.59 9.43 7.18
CA ALA A 65 -1.06 8.14 6.62
C ALA A 65 -0.51 7.89 5.20
N PHE A 66 -0.49 8.97 4.41
CA PHE A 66 -0.06 8.93 2.99
C PHE A 66 1.46 8.72 2.84
N ASN A 67 2.23 8.96 3.92
CA ASN A 67 3.71 8.81 3.90
C ASN A 67 4.12 7.34 4.12
N PHE A 68 3.12 6.47 4.37
CA PHE A 68 3.31 5.06 4.69
C PHE A 68 4.22 4.33 3.68
N ALA A 69 4.01 4.56 2.36
CA ALA A 69 4.68 3.81 1.26
C ALA A 69 6.22 3.77 1.38
N SER A 70 6.80 4.83 1.97
CA SER A 70 8.25 4.91 2.20
C SER A 70 8.68 3.86 3.26
N ASP A 71 7.92 3.81 4.37
CA ASP A 71 8.18 2.89 5.50
C ASP A 71 7.79 1.44 5.16
N ALA A 72 6.58 1.25 4.60
CA ALA A 72 6.06 -0.05 4.11
C ALA A 72 7.10 -0.82 3.26
N THR A 73 7.83 -0.07 2.43
CA THR A 73 8.93 -0.60 1.62
C THR A 73 10.17 -0.90 2.51
N ARG A 74 10.50 0.05 3.41
CA ARG A 74 11.68 -0.02 4.30
C ARG A 74 11.64 -1.24 5.26
N VAL A 75 10.49 -1.46 5.90
CA VAL A 75 10.30 -2.58 6.84
C VAL A 75 10.21 -3.92 6.08
N ALA A 76 9.67 -3.88 4.85
CA ALA A 76 9.53 -5.08 3.99
C ALA A 76 10.92 -5.59 3.57
N GLN A 77 11.81 -4.65 3.20
CA GLN A 77 13.19 -4.96 2.77
C GLN A 77 14.06 -5.30 4.00
N LYS A 78 13.68 -4.75 5.18
CA LYS A 78 14.25 -5.12 6.49
C LYS A 78 13.86 -6.58 6.86
N HIS A 79 12.70 -7.04 6.35
CA HIS A 79 12.25 -8.46 6.47
C HIS A 79 12.87 -9.35 5.37
N GLY A 80 13.80 -8.78 4.57
CA GLY A 80 14.55 -9.53 3.57
C GLY A 80 13.92 -9.56 2.18
N LEU A 81 13.63 -8.38 1.61
CA LEU A 81 13.32 -8.29 0.16
C LEU A 81 14.61 -8.17 -0.64
N HIS A 82 14.60 -8.73 -1.87
CA HIS A 82 15.63 -8.53 -2.92
C HIS A 82 16.93 -9.31 -2.60
N PRO A 83 17.54 -10.01 -3.60
CA PRO A 83 18.85 -10.73 -3.44
C PRO A 83 20.03 -9.79 -3.06
N LYS A 84 21.23 -10.38 -2.85
CA LYS A 84 22.46 -9.63 -2.53
C LYS A 84 22.94 -8.78 -3.72
N PHE A 85 22.43 -9.10 -4.93
CA PHE A 85 22.60 -8.24 -6.12
C PHE A 85 21.87 -6.90 -5.89
N GLY A 86 20.66 -7.00 -5.31
CA GLY A 86 19.80 -5.84 -5.06
C GLY A 86 18.73 -5.65 -6.12
N ALA A 87 17.99 -4.54 -6.01
CA ALA A 87 16.95 -4.19 -6.96
C ALA A 87 16.58 -2.71 -6.76
N ILE A 88 16.98 -1.86 -7.73
CA ILE A 88 16.60 -0.44 -7.77
C ILE A 88 15.08 -0.32 -8.01
N THR A 89 14.36 0.28 -7.05
CA THR A 89 12.91 0.47 -7.17
C THR A 89 12.60 1.54 -8.23
N ARG A 90 13.32 2.70 -8.14
CA ARG A 90 13.16 3.89 -9.02
C ARG A 90 11.68 4.30 -9.25
N VAL A 91 11.00 3.57 -10.15
CA VAL A 91 9.62 3.85 -10.57
C VAL A 91 8.66 3.91 -9.38
N HIS A 92 7.60 4.71 -9.53
CA HIS A 92 6.57 4.88 -8.51
C HIS A 92 5.82 3.56 -8.35
N LYS A 93 5.77 3.05 -7.11
CA LYS A 93 5.13 1.77 -6.78
C LYS A 93 3.61 1.96 -6.62
N GLU A 94 2.98 2.47 -7.71
CA GLU A 94 1.54 2.74 -7.82
C GLU A 94 1.01 3.61 -6.67
N TYR A 95 1.92 4.45 -6.13
CA TYR A 95 1.68 5.30 -4.98
C TYR A 95 0.66 6.39 -5.31
N ASP A 96 0.81 7.02 -6.49
CA ASP A 96 -0.10 8.10 -6.96
C ASP A 96 -1.60 7.68 -6.94
N ALA A 97 -1.89 6.44 -7.37
CA ALA A 97 -3.26 5.89 -7.38
C ALA A 97 -3.71 5.54 -5.95
N MET A 98 -2.82 4.82 -5.24
CA MET A 98 -2.98 4.45 -3.81
C MET A 98 -3.32 5.68 -2.92
N PHE A 99 -2.60 6.78 -3.22
CA PHE A 99 -2.70 8.07 -2.52
C PHE A 99 -4.13 8.63 -2.58
N GLU A 100 -4.66 8.73 -3.81
CA GLU A 100 -5.99 9.30 -4.05
C GLU A 100 -7.11 8.42 -3.50
N ASP A 101 -6.86 7.10 -3.43
CA ASP A 101 -7.81 6.16 -2.85
C ASP A 101 -7.92 6.36 -1.33
N ILE A 102 -6.77 6.27 -0.65
CA ILE A 102 -6.65 6.44 0.82
C ILE A 102 -7.15 7.82 1.28
N ARG A 103 -6.90 8.89 0.48
CA ARG A 103 -7.33 10.26 0.85
C ARG A 103 -8.86 10.40 0.79
N ALA A 104 -9.49 9.62 -0.12
CA ALA A 104 -10.94 9.56 -0.28
C ALA A 104 -11.56 8.76 0.88
N LYS A 105 -10.89 7.66 1.27
CA LYS A 105 -11.25 6.82 2.43
C LYS A 105 -11.17 7.59 3.77
N LEU A 106 -10.14 8.47 3.91
CA LEU A 106 -10.01 9.40 5.05
C LEU A 106 -11.18 10.40 5.07
N HIS A 107 -11.59 10.85 3.87
CA HIS A 107 -12.76 11.71 3.68
C HIS A 107 -14.05 10.94 4.04
N ALA A 108 -14.00 9.58 3.84
CA ALA A 108 -15.09 8.62 4.15
C ALA A 108 -16.24 8.69 3.15
N HIS A 109 -16.10 9.58 2.15
CA HIS A 109 -17.06 9.85 1.08
C HIS A 109 -16.33 10.57 -0.06
N PRO A 110 -16.66 10.30 -1.36
CA PRO A 110 -16.20 11.13 -2.50
C PRO A 110 -16.65 12.61 -2.38
N GLY A 111 -17.77 12.82 -1.66
CA GLY A 111 -18.39 14.14 -1.51
C GLY A 111 -19.54 14.33 -2.49
N GLU A 112 -19.35 13.78 -3.71
CA GLU A 112 -20.36 13.75 -4.78
C GLU A 112 -21.36 12.60 -4.53
N PRO A 113 -22.71 12.87 -4.55
CA PRO A 113 -23.74 11.83 -4.40
C PRO A 113 -23.74 10.88 -5.63
N VAL A 114 -23.20 9.67 -5.43
CA VAL A 114 -22.89 8.72 -6.52
C VAL A 114 -24.17 8.29 -7.28
N ASP A 115 -24.03 8.10 -8.61
CA ASP A 115 -25.16 7.91 -9.55
C ASP A 115 -25.86 6.57 -9.33
N LEU A 116 -25.10 5.56 -8.86
CA LEU A 116 -25.64 4.21 -8.59
C LEU A 116 -26.60 4.20 -7.39
N GLU A 117 -26.72 5.35 -6.70
CA GLU A 117 -27.62 5.51 -5.55
C GLU A 117 -28.64 6.64 -5.79
N ARG A 118 -28.16 7.77 -6.36
CA ARG A 118 -28.93 9.04 -6.44
C ARG A 118 -29.99 8.96 -7.56
N ILE A 119 -29.71 8.20 -8.64
CA ILE A 119 -30.67 7.99 -9.73
C ILE A 119 -31.84 7.11 -9.24
N ILE A 120 -31.55 6.25 -8.25
CA ILE A 120 -32.51 5.26 -7.72
C ILE A 120 -33.33 5.92 -6.58
N ARG A 121 -34.41 6.64 -6.97
CA ARG A 121 -35.35 7.27 -6.01
C ARG A 121 -36.83 7.05 -6.45
N HIS A 122 -37.11 7.16 -7.77
CA HIS A 122 -38.47 6.91 -8.36
C HIS A 122 -38.34 6.48 -9.84
N GLU A 123 -39.01 5.36 -10.20
CA GLU A 123 -39.12 4.87 -11.59
C GLU A 123 -40.36 3.98 -11.75
N GLY A 124 -40.93 3.96 -12.97
CA GLY A 124 -42.13 3.16 -13.26
C GLY A 124 -42.82 3.63 -14.52
N SER A 125 -43.57 4.74 -14.41
CA SER A 125 -44.27 5.37 -15.55
C SER A 125 -43.28 6.33 -16.28
N GLN A 1 -2.40 -16.31 -7.38
CA GLN A 1 -2.90 -15.43 -6.29
C GLN A 1 -1.84 -14.38 -5.87
N GLY A 2 -0.74 -14.26 -6.64
CA GLY A 2 0.48 -13.53 -6.24
C GLY A 2 0.30 -12.04 -6.00
N HIS A 3 0.80 -11.18 -6.93
CA HIS A 3 0.69 -9.72 -6.78
C HIS A 3 -0.73 -9.27 -7.15
N MET A 4 -1.61 -9.28 -6.14
CA MET A 4 -3.04 -8.97 -6.29
C MET A 4 -3.42 -7.84 -5.30
N PHE A 5 -4.09 -6.81 -5.81
CA PHE A 5 -4.53 -5.65 -5.02
C PHE A 5 -6.06 -5.58 -4.98
N GLU A 6 -6.59 -5.06 -3.87
CA GLU A 6 -8.01 -4.85 -3.62
C GLU A 6 -8.15 -3.63 -2.68
N PRO A 7 -9.32 -2.92 -2.65
CA PRO A 7 -9.55 -1.83 -1.67
C PRO A 7 -9.50 -2.36 -0.22
N GLY A 8 -8.39 -2.06 0.48
CA GLY A 8 -8.18 -2.48 1.87
C GLY A 8 -6.98 -3.40 2.07
N HIS A 9 -6.45 -4.00 0.98
CA HIS A 9 -5.41 -5.05 1.07
C HIS A 9 -4.60 -5.19 -0.25
N LEU A 10 -3.35 -5.63 -0.10
CA LEU A 10 -2.41 -5.93 -1.17
C LEU A 10 -1.63 -7.20 -0.78
N HIS A 11 -1.34 -8.05 -1.77
CA HIS A 11 -0.46 -9.22 -1.61
C HIS A 11 0.66 -9.11 -2.65
N LEU A 12 1.90 -9.42 -2.23
CA LEU A 12 3.08 -9.37 -3.11
C LEU A 12 3.96 -10.61 -2.89
N VAL A 13 4.12 -11.40 -3.96
CA VAL A 13 5.18 -12.42 -4.10
C VAL A 13 6.22 -11.83 -5.07
N SER A 14 7.38 -12.49 -5.30
CA SER A 14 8.34 -12.00 -6.29
C SER A 14 7.85 -12.48 -7.65
N LEU A 15 7.24 -11.56 -8.41
CA LEU A 15 6.56 -11.85 -9.69
C LEU A 15 7.58 -12.29 -10.77
N PRO A 16 7.19 -13.24 -11.68
CA PRO A 16 8.06 -13.67 -12.80
C PRO A 16 8.32 -12.50 -13.78
N GLY A 17 9.39 -11.75 -13.47
CA GLY A 17 9.73 -10.55 -14.20
C GLY A 17 10.69 -9.67 -13.41
N LEU A 18 10.49 -9.62 -12.08
CA LEU A 18 11.37 -8.89 -11.14
C LEU A 18 11.97 -9.87 -10.14
N ASP A 19 13.11 -10.48 -10.53
CA ASP A 19 13.92 -11.40 -9.70
C ASP A 19 13.22 -12.73 -9.34
N GLN A 20 14.03 -13.71 -8.94
CA GLN A 20 13.56 -15.02 -8.48
C GLN A 20 14.08 -15.28 -7.05
N GLN A 21 13.21 -15.00 -6.06
CA GLN A 21 13.49 -15.25 -4.63
C GLN A 21 12.17 -15.37 -3.87
N ASP A 22 12.20 -16.00 -2.70
CA ASP A 22 11.00 -16.33 -1.92
C ASP A 22 10.56 -15.16 -1.00
N ILE A 23 10.30 -13.98 -1.61
CA ILE A 23 9.72 -12.85 -0.87
C ILE A 23 8.18 -12.95 -0.98
N ASN A 24 7.51 -13.07 0.17
CA ASN A 24 6.05 -13.25 0.23
C ASN A 24 5.50 -12.41 1.39
N ILE A 25 4.62 -11.44 1.10
CA ILE A 25 4.17 -10.42 2.08
C ILE A 25 2.66 -10.15 1.88
N HIS A 26 1.96 -10.01 3.00
CA HIS A 26 0.57 -9.54 3.05
C HIS A 26 0.61 -8.11 3.61
N ILE A 27 -0.09 -7.16 2.97
CA ILE A 27 -0.17 -5.76 3.44
C ILE A 27 -1.64 -5.34 3.51
N ARG A 28 -2.16 -5.17 4.72
CA ARG A 28 -3.50 -4.62 4.94
C ARG A 28 -3.37 -3.14 5.31
N TYR A 29 -4.26 -2.30 4.78
CA TYR A 29 -4.49 -0.95 5.28
C TYR A 29 -5.97 -0.86 5.65
N GLU A 30 -6.22 -0.65 6.94
CA GLU A 30 -7.54 -0.75 7.55
C GLU A 30 -7.85 0.57 8.25
N VAL A 31 -8.83 1.32 7.75
CA VAL A 31 -9.17 2.63 8.31
C VAL A 31 -10.04 2.45 9.56
N ARG A 32 -9.67 3.15 10.64
CA ARG A 32 -10.35 3.06 11.93
C ARG A 32 -10.28 4.44 12.61
N GLN A 33 -11.15 4.68 13.60
CA GLN A 33 -11.20 5.94 14.34
C GLN A 33 -10.70 5.73 15.78
N ASN A 34 -9.62 6.45 16.14
CA ASN A 34 -9.11 6.54 17.52
C ASN A 34 -9.63 7.82 18.21
N ALA A 35 -9.87 7.74 19.52
CA ALA A 35 -10.35 8.88 20.33
C ALA A 35 -9.27 9.97 20.52
N GLU A 36 -8.01 9.57 20.31
CA GLU A 36 -6.84 10.45 20.45
C GLU A 36 -6.76 11.49 19.31
N SER A 37 -6.76 11.02 18.05
CA SER A 37 -6.44 11.86 16.87
C SER A 37 -7.60 11.90 15.86
N GLY A 38 -8.71 11.21 16.17
CA GLY A 38 -9.88 11.14 15.28
C GLY A 38 -9.75 9.98 14.30
N ALA A 39 -9.62 10.29 13.00
CA ALA A 39 -9.36 9.28 11.97
C ALA A 39 -7.88 8.87 11.94
N TYR A 40 -7.63 7.58 11.67
CA TYR A 40 -6.28 7.04 11.39
C TYR A 40 -6.44 5.77 10.54
N VAL A 41 -5.31 5.16 10.14
CA VAL A 41 -5.30 3.87 9.43
C VAL A 41 -4.35 2.90 10.15
N HIS A 42 -4.89 1.73 10.55
CA HIS A 42 -4.12 0.61 11.10
C HIS A 42 -3.56 -0.23 9.94
N PHE A 43 -2.23 -0.41 9.90
CA PHE A 43 -1.57 -1.21 8.86
C PHE A 43 -1.08 -2.53 9.48
N ASP A 44 -1.47 -3.66 8.86
CA ASP A 44 -1.17 -5.01 9.37
C ASP A 44 -0.48 -5.83 8.28
N MET A 45 0.79 -6.21 8.51
CA MET A 45 1.58 -7.02 7.56
C MET A 45 2.05 -8.33 8.22
N ASP A 46 2.17 -9.39 7.38
CA ASP A 46 2.75 -10.70 7.77
C ASP A 46 3.00 -11.54 6.50
N GLY A 47 3.77 -12.64 6.65
CA GLY A 47 4.04 -13.56 5.54
C GLY A 47 5.25 -14.42 5.83
N GLU A 48 6.06 -14.76 4.80
CA GLU A 48 7.35 -15.43 5.01
C GLU A 48 8.34 -15.14 3.85
N ILE A 49 9.36 -14.35 4.20
CA ILE A 49 10.47 -14.02 3.27
C ILE A 49 11.70 -14.87 3.54
N ASP A 50 12.19 -15.53 2.48
CA ASP A 50 13.25 -16.58 2.53
C ASP A 50 12.70 -17.81 3.30
N GLY A 51 11.35 -17.93 3.32
CA GLY A 51 10.64 -18.94 4.11
C GLY A 51 10.49 -18.57 5.58
N LYS A 52 11.03 -17.39 5.97
CA LYS A 52 11.06 -16.92 7.36
C LYS A 52 9.76 -16.19 7.74
N PRO A 53 8.88 -16.81 8.62
CA PRO A 53 7.58 -16.19 9.00
C PRO A 53 7.76 -14.96 9.89
N PHE A 54 7.10 -13.86 9.51
CA PHE A 54 7.22 -12.56 10.20
C PHE A 54 5.84 -11.93 10.32
N SER A 55 5.71 -10.97 11.25
CA SER A 55 4.53 -10.12 11.35
C SER A 55 4.95 -8.74 11.88
N ASP A 56 4.52 -7.69 11.16
CA ASP A 56 4.82 -6.28 11.50
C ASP A 56 3.51 -5.48 11.47
N SER A 57 3.36 -4.52 12.39
CA SER A 57 2.16 -3.67 12.47
C SER A 57 2.55 -2.24 12.88
N PHE A 58 2.00 -1.25 12.16
CA PHE A 58 2.21 0.17 12.43
C PHE A 58 0.90 0.93 12.19
N GLU A 59 0.65 1.96 13.01
CA GLU A 59 -0.58 2.78 12.94
C GLU A 59 -0.19 4.24 12.80
N LEU A 60 -0.73 4.92 11.79
CA LEU A 60 -0.40 6.31 11.48
C LEU A 60 -1.69 7.13 11.47
N PRO A 61 -1.75 8.31 12.19
CA PRO A 61 -2.91 9.22 12.16
C PRO A 61 -3.18 9.73 10.72
N ARG A 62 -4.44 10.14 10.46
CA ARG A 62 -4.91 10.62 9.13
C ARG A 62 -3.96 11.62 8.41
N ASP A 63 -3.17 12.38 9.17
CA ASP A 63 -2.25 13.41 8.64
C ASP A 63 -0.95 12.79 8.07
N THR A 64 -0.62 11.56 8.53
CA THR A 64 0.66 10.88 8.20
C THR A 64 0.40 9.45 7.68
N ALA A 65 -0.89 9.09 7.54
CA ALA A 65 -1.35 7.75 7.08
C ALA A 65 -0.75 7.37 5.70
N PHE A 66 -0.64 8.39 4.85
CA PHE A 66 -0.14 8.25 3.46
C PHE A 66 1.39 7.98 3.38
N ASN A 67 2.05 7.88 4.54
CA ASN A 67 3.47 7.51 4.63
C ASN A 67 3.62 5.97 4.72
N PHE A 68 2.47 5.27 4.62
CA PHE A 68 2.40 3.80 4.70
C PHE A 68 3.27 3.12 3.65
N ALA A 69 3.12 3.51 2.36
CA ALA A 69 3.86 2.92 1.24
C ALA A 69 5.38 3.02 1.43
N SER A 70 5.84 4.09 2.11
CA SER A 70 7.27 4.28 2.43
C SER A 70 7.71 3.31 3.54
N ASP A 71 6.94 3.30 4.65
CA ASP A 71 7.23 2.49 5.85
C ASP A 71 7.12 0.97 5.54
N ALA A 72 5.96 0.55 5.03
CA ALA A 72 5.68 -0.82 4.53
C ALA A 72 6.81 -1.38 3.64
N THR A 73 7.29 -0.56 2.67
CA THR A 73 8.40 -0.94 1.76
C THR A 73 9.74 -0.98 2.52
N ARG A 74 9.89 -0.10 3.53
CA ARG A 74 11.11 -0.01 4.36
C ARG A 74 11.28 -1.28 5.24
N VAL A 75 10.15 -1.76 5.79
CA VAL A 75 10.09 -3.02 6.57
C VAL A 75 10.21 -4.24 5.64
N ALA A 76 9.68 -4.12 4.40
CA ALA A 76 9.72 -5.23 3.42
C ALA A 76 11.17 -5.51 3.01
N GLN A 77 11.89 -4.42 2.69
CA GLN A 77 13.30 -4.48 2.26
C GLN A 77 14.20 -4.87 3.44
N LYS A 78 13.80 -4.45 4.67
CA LYS A 78 14.44 -4.85 5.94
C LYS A 78 14.53 -6.39 6.05
N HIS A 79 13.44 -7.05 5.64
CA HIS A 79 13.29 -8.52 5.76
C HIS A 79 13.80 -9.28 4.51
N GLY A 80 14.47 -8.61 3.55
CA GLY A 80 15.08 -9.36 2.42
C GLY A 80 14.85 -8.78 1.03
N LEU A 81 13.96 -7.77 0.88
CA LEU A 81 13.68 -7.16 -0.46
C LEU A 81 14.73 -6.08 -0.81
N HIS A 82 15.99 -6.51 -1.00
CA HIS A 82 17.06 -5.63 -1.51
C HIS A 82 16.98 -5.63 -3.05
N PRO A 83 16.52 -4.51 -3.72
CA PRO A 83 16.41 -4.44 -5.18
C PRO A 83 17.75 -4.76 -5.87
N LYS A 84 17.85 -5.98 -6.42
CA LYS A 84 19.07 -6.48 -7.08
C LYS A 84 19.33 -5.71 -8.39
N PHE A 85 18.24 -5.32 -9.06
CA PHE A 85 18.28 -4.45 -10.25
C PHE A 85 18.50 -2.97 -9.88
N GLY A 86 18.47 -2.66 -8.56
CA GLY A 86 18.78 -1.32 -8.04
C GLY A 86 17.56 -0.40 -8.00
N ALA A 87 16.88 -0.30 -9.15
CA ALA A 87 15.68 0.51 -9.32
C ALA A 87 14.43 -0.19 -8.73
N ILE A 88 13.25 0.42 -8.94
CA ILE A 88 11.93 -0.14 -8.58
C ILE A 88 10.95 0.06 -9.76
N THR A 89 9.66 -0.25 -9.53
CA THR A 89 8.58 -0.02 -10.50
C THR A 89 8.37 1.49 -10.75
N ARG A 90 8.06 2.21 -9.65
CA ARG A 90 7.99 3.70 -9.57
C ARG A 90 6.93 4.33 -10.51
N VAL A 91 7.26 4.42 -11.82
CA VAL A 91 6.49 5.18 -12.85
C VAL A 91 5.02 4.70 -13.00
N HIS A 92 4.19 5.14 -12.05
CA HIS A 92 2.75 4.80 -11.94
C HIS A 92 2.05 5.89 -11.13
N LYS A 93 0.75 6.07 -11.37
CA LYS A 93 -0.10 7.05 -10.65
C LYS A 93 -1.09 6.33 -9.72
N GLU A 94 -0.80 5.04 -9.42
CA GLU A 94 -1.71 4.16 -8.65
C GLU A 94 -1.75 4.60 -7.18
N TYR A 95 -0.62 5.16 -6.71
CA TYR A 95 -0.50 5.73 -5.37
C TYR A 95 -1.40 6.96 -5.25
N ASP A 96 -1.36 7.86 -6.26
CA ASP A 96 -2.23 9.07 -6.34
C ASP A 96 -3.72 8.67 -6.33
N ALA A 97 -4.00 7.53 -6.97
CA ALA A 97 -5.36 6.98 -7.08
C ALA A 97 -5.92 6.57 -5.71
N MET A 98 -5.12 5.78 -4.98
CA MET A 98 -5.48 5.32 -3.62
C MET A 98 -5.40 6.45 -2.60
N PHE A 99 -4.49 7.41 -2.83
CA PHE A 99 -4.30 8.60 -1.97
C PHE A 99 -5.63 9.32 -1.72
N GLU A 100 -6.32 9.64 -2.82
CA GLU A 100 -7.56 10.44 -2.77
C GLU A 100 -8.76 9.65 -2.21
N ASP A 101 -8.75 8.33 -2.40
CA ASP A 101 -9.79 7.45 -1.86
C ASP A 101 -9.64 7.29 -0.33
N ILE A 102 -8.39 7.06 0.12
CA ILE A 102 -8.04 6.94 1.56
C ILE A 102 -8.32 8.27 2.33
N ARG A 103 -7.89 9.42 1.76
CA ARG A 103 -8.12 10.76 2.41
C ARG A 103 -9.63 11.02 2.58
N ALA A 104 -10.41 10.47 1.63
CA ALA A 104 -11.86 10.57 1.63
C ALA A 104 -12.48 9.63 2.68
N LYS A 105 -11.92 8.41 2.83
CA LYS A 105 -12.34 7.45 3.89
C LYS A 105 -12.02 7.98 5.31
N LEU A 106 -10.93 8.75 5.40
CA LEU A 106 -10.53 9.52 6.60
C LEU A 106 -11.53 10.67 6.89
N HIS A 107 -12.27 11.08 5.84
CA HIS A 107 -13.42 12.02 5.95
C HIS A 107 -14.74 11.23 6.24
N ALA A 108 -14.70 9.91 5.99
CA ALA A 108 -15.76 8.90 6.29
C ALA A 108 -16.77 8.72 5.14
N HIS A 109 -16.41 9.23 3.94
CA HIS A 109 -17.19 9.02 2.69
C HIS A 109 -16.20 8.75 1.53
N PRO A 110 -16.37 7.64 0.73
CA PRO A 110 -15.36 7.22 -0.31
C PRO A 110 -15.14 8.28 -1.42
N GLY A 111 -13.94 8.27 -2.02
CA GLY A 111 -13.55 9.24 -3.06
C GLY A 111 -12.76 8.56 -4.15
N GLU A 112 -13.43 7.61 -4.82
CA GLU A 112 -12.82 6.75 -5.84
C GLU A 112 -12.19 7.58 -7.01
N PRO A 113 -10.99 7.16 -7.51
CA PRO A 113 -10.27 7.85 -8.60
C PRO A 113 -10.83 7.50 -9.99
N VAL A 114 -12.08 7.92 -10.23
CA VAL A 114 -12.77 7.70 -11.52
C VAL A 114 -12.35 8.81 -12.52
N ASP A 115 -11.10 8.70 -12.99
CA ASP A 115 -10.47 9.69 -13.92
C ASP A 115 -10.74 9.32 -15.38
N LEU A 116 -11.99 8.88 -15.66
CA LEU A 116 -12.41 8.41 -16.99
C LEU A 116 -12.33 9.53 -18.06
N GLU A 117 -12.52 10.79 -17.63
CA GLU A 117 -12.54 11.97 -18.52
C GLU A 117 -11.12 12.33 -19.01
N ARG A 118 -10.08 11.85 -18.29
CA ARG A 118 -8.66 12.13 -18.64
C ARG A 118 -8.25 11.44 -19.96
N ILE A 119 -9.06 10.46 -20.41
CA ILE A 119 -8.90 9.83 -21.73
C ILE A 119 -9.34 10.81 -22.83
N ILE A 120 -10.37 11.63 -22.52
CA ILE A 120 -10.92 12.62 -23.44
C ILE A 120 -10.07 13.91 -23.32
N ARG A 121 -8.91 13.85 -23.97
CA ARG A 121 -7.97 14.98 -24.12
C ARG A 121 -7.30 14.95 -25.50
N HIS A 122 -7.44 13.80 -26.21
CA HIS A 122 -6.92 13.62 -27.57
C HIS A 122 -7.71 14.50 -28.54
N GLU A 123 -7.00 15.32 -29.33
CA GLU A 123 -7.60 16.21 -30.34
C GLU A 123 -7.70 15.47 -31.69
N GLY A 124 -8.58 15.95 -32.58
CA GLY A 124 -8.74 15.38 -33.92
C GLY A 124 -7.64 15.82 -34.88
N SER A 125 -6.40 15.37 -34.61
CA SER A 125 -5.21 15.71 -35.39
C SER A 125 -4.98 14.62 -36.48
N GLN A 1 -2.43 -15.11 -6.68
CA GLN A 1 -1.19 -15.10 -7.50
C GLN A 1 -0.89 -13.66 -7.98
N GLY A 2 0.40 -13.39 -8.24
CA GLY A 2 0.84 -12.08 -8.77
C GLY A 2 0.64 -10.92 -7.80
N HIS A 3 0.74 -9.68 -8.32
CA HIS A 3 0.46 -8.47 -7.53
C HIS A 3 -1.08 -8.36 -7.36
N MET A 4 -1.53 -8.39 -6.10
CA MET A 4 -2.95 -8.39 -5.74
C MET A 4 -3.27 -7.18 -4.87
N PHE A 5 -4.32 -6.43 -5.22
CA PHE A 5 -4.77 -5.26 -4.46
C PHE A 5 -6.30 -5.22 -4.46
N GLU A 6 -6.87 -4.94 -3.28
CA GLU A 6 -8.31 -4.77 -3.05
C GLU A 6 -8.52 -3.63 -2.02
N PRO A 7 -9.72 -2.96 -1.98
CA PRO A 7 -10.04 -1.95 -0.93
C PRO A 7 -9.93 -2.53 0.49
N GLY A 8 -8.84 -2.16 1.20
CA GLY A 8 -8.60 -2.58 2.59
C GLY A 8 -7.37 -3.45 2.77
N HIS A 9 -6.89 -4.08 1.67
CA HIS A 9 -5.83 -5.10 1.74
C HIS A 9 -4.97 -5.14 0.45
N LEU A 10 -3.65 -5.20 0.64
CA LEU A 10 -2.65 -5.46 -0.39
C LEU A 10 -1.96 -6.80 -0.10
N HIS A 11 -1.67 -7.58 -1.16
CA HIS A 11 -0.80 -8.78 -1.07
C HIS A 11 0.22 -8.74 -2.23
N LEU A 12 1.51 -8.85 -1.90
CA LEU A 12 2.60 -8.85 -2.88
C LEU A 12 3.45 -10.13 -2.75
N VAL A 13 3.33 -11.00 -3.77
CA VAL A 13 4.26 -12.11 -4.03
C VAL A 13 5.13 -11.67 -5.24
N SER A 14 6.33 -12.27 -5.42
CA SER A 14 7.29 -11.78 -6.44
C SER A 14 6.79 -12.10 -7.86
N LEU A 15 6.92 -11.12 -8.76
CA LEU A 15 6.54 -11.28 -10.18
C LEU A 15 7.67 -12.03 -10.93
N PRO A 16 7.41 -13.29 -11.43
CA PRO A 16 8.46 -14.15 -12.02
C PRO A 16 8.97 -13.64 -13.38
N GLY A 17 10.30 -13.50 -13.48
CA GLY A 17 10.96 -13.06 -14.69
C GLY A 17 12.40 -12.68 -14.39
N LEU A 18 12.57 -11.60 -13.62
CA LEU A 18 13.89 -11.10 -13.18
C LEU A 18 14.26 -11.73 -11.84
N ASP A 19 13.24 -11.95 -10.99
CA ASP A 19 13.40 -12.50 -9.64
C ASP A 19 12.22 -13.41 -9.28
N GLN A 20 12.56 -14.61 -8.76
CA GLN A 20 11.57 -15.57 -8.22
C GLN A 20 11.94 -15.92 -6.76
N GLN A 21 12.33 -14.89 -5.96
CA GLN A 21 12.61 -15.08 -4.52
C GLN A 21 11.29 -15.38 -3.77
N ASP A 22 11.37 -16.00 -2.59
CA ASP A 22 10.19 -16.40 -1.81
C ASP A 22 9.71 -15.23 -0.93
N ILE A 23 9.50 -14.05 -1.55
CA ILE A 23 8.90 -12.89 -0.89
C ILE A 23 7.38 -12.99 -1.07
N ASN A 24 6.69 -13.14 0.05
CA ASN A 24 5.24 -13.31 0.12
C ASN A 24 4.78 -12.46 1.30
N ILE A 25 4.13 -11.32 1.01
CA ILE A 25 3.90 -10.27 2.01
C ILE A 25 2.41 -9.90 2.02
N HIS A 26 1.86 -9.83 3.23
CA HIS A 26 0.49 -9.41 3.49
C HIS A 26 0.58 -8.01 4.11
N ILE A 27 -0.02 -7.00 3.46
CA ILE A 27 -0.13 -5.64 4.01
C ILE A 27 -1.61 -5.26 4.12
N ARG A 28 -2.09 -5.10 5.34
CA ARG A 28 -3.45 -4.65 5.65
C ARG A 28 -3.40 -3.19 6.07
N TYR A 29 -4.32 -2.39 5.55
CA TYR A 29 -4.56 -1.04 6.06
C TYR A 29 -6.04 -0.98 6.47
N GLU A 30 -6.26 -0.78 7.78
CA GLU A 30 -7.60 -0.85 8.39
C GLU A 30 -7.89 0.50 9.05
N VAL A 31 -8.86 1.23 8.48
CA VAL A 31 -9.20 2.56 8.97
C VAL A 31 -10.15 2.45 10.17
N ARG A 32 -9.69 2.97 11.31
CA ARG A 32 -10.48 3.09 12.54
C ARG A 32 -10.47 4.56 12.97
N GLN A 33 -11.44 4.96 13.79
CA GLN A 33 -11.55 6.35 14.27
C GLN A 33 -11.21 6.42 15.77
N ASN A 34 -10.17 7.21 16.10
CA ASN A 34 -9.86 7.62 17.49
C ASN A 34 -10.48 9.00 17.76
N ALA A 35 -10.76 9.32 19.03
CA ALA A 35 -11.32 10.62 19.43
C ALA A 35 -10.28 11.76 19.28
N GLU A 36 -8.99 11.40 19.40
CA GLU A 36 -7.87 12.35 19.43
C GLU A 36 -7.55 12.92 18.04
N SER A 37 -7.31 12.03 17.06
CA SER A 37 -6.85 12.42 15.69
C SER A 37 -7.97 12.24 14.65
N GLY A 38 -9.14 11.73 15.09
CA GLY A 38 -10.25 11.47 14.18
C GLY A 38 -10.05 10.16 13.45
N ALA A 39 -9.80 10.24 12.14
CA ALA A 39 -9.44 9.08 11.32
C ALA A 39 -7.96 8.73 11.50
N TYR A 40 -7.68 7.42 11.61
CA TYR A 40 -6.31 6.87 11.56
C TYR A 40 -6.38 5.48 10.91
N VAL A 41 -5.22 4.94 10.51
CA VAL A 41 -5.15 3.63 9.85
C VAL A 41 -4.15 2.72 10.58
N HIS A 42 -4.62 1.52 10.94
CA HIS A 42 -3.78 0.44 11.48
C HIS A 42 -3.19 -0.37 10.32
N PHE A 43 -1.85 -0.33 10.17
CA PHE A 43 -1.14 -1.07 9.12
C PHE A 43 -0.55 -2.36 9.73
N ASP A 44 -1.10 -3.50 9.33
CA ASP A 44 -0.70 -4.83 9.80
C ASP A 44 0.08 -5.55 8.69
N MET A 45 1.30 -6.00 8.99
CA MET A 45 2.15 -6.71 8.02
C MET A 45 2.59 -8.06 8.58
N ASP A 46 2.61 -9.07 7.72
CA ASP A 46 3.12 -10.41 8.04
C ASP A 46 3.43 -11.17 6.75
N GLY A 47 4.09 -12.32 6.87
CA GLY A 47 4.30 -13.22 5.73
C GLY A 47 5.56 -14.03 5.88
N GLU A 48 6.31 -14.17 4.77
CA GLU A 48 7.58 -14.92 4.71
C GLU A 48 8.45 -14.33 3.60
N ILE A 49 9.79 -14.53 3.65
CA ILE A 49 10.74 -13.80 2.79
C ILE A 49 11.98 -14.71 2.73
N ASP A 50 12.18 -15.39 1.58
CA ASP A 50 13.21 -16.44 1.42
C ASP A 50 12.92 -17.58 2.44
N GLY A 51 11.63 -18.00 2.48
CA GLY A 51 11.16 -19.07 3.36
C GLY A 51 10.79 -18.62 4.78
N LYS A 52 11.54 -17.63 5.31
CA LYS A 52 11.50 -17.24 6.72
C LYS A 52 10.41 -16.19 7.01
N PRO A 53 9.52 -16.43 8.04
CA PRO A 53 8.39 -15.52 8.35
C PRO A 53 8.82 -14.21 9.05
N PHE A 54 7.92 -13.20 9.01
CA PHE A 54 8.13 -11.90 9.67
C PHE A 54 6.75 -11.29 10.00
N SER A 55 6.66 -10.51 11.09
CA SER A 55 5.42 -9.81 11.48
C SER A 55 5.75 -8.41 12.05
N ASP A 56 5.32 -7.36 11.33
CA ASP A 56 5.51 -5.95 11.73
C ASP A 56 4.16 -5.23 11.71
N SER A 57 3.92 -4.31 12.65
CA SER A 57 2.67 -3.52 12.68
C SER A 57 2.98 -2.08 13.15
N PHE A 58 2.41 -1.11 12.44
CA PHE A 58 2.58 0.32 12.73
C PHE A 58 1.30 1.08 12.39
N GLU A 59 1.02 2.17 13.11
CA GLU A 59 -0.18 3.00 12.90
C GLU A 59 0.25 4.43 12.53
N LEU A 60 -0.46 5.02 11.56
CA LEU A 60 -0.28 6.42 11.16
C LEU A 60 -1.66 7.12 11.15
N PRO A 61 -1.78 8.35 11.74
CA PRO A 61 -3.02 9.17 11.63
C PRO A 61 -3.31 9.56 10.17
N ARG A 62 -4.57 9.95 9.88
CA ARG A 62 -5.03 10.28 8.49
C ARG A 62 -4.08 11.23 7.71
N ASP A 63 -3.48 12.19 8.43
CA ASP A 63 -2.63 13.25 7.84
C ASP A 63 -1.27 12.71 7.35
N THR A 64 -0.84 11.56 7.92
CA THR A 64 0.48 10.94 7.63
C THR A 64 0.31 9.48 7.18
N ALA A 65 -0.96 9.06 6.97
CA ALA A 65 -1.33 7.67 6.61
C ALA A 65 -0.64 7.21 5.31
N PHE A 66 -0.58 8.14 4.34
CA PHE A 66 -0.05 7.87 2.98
C PHE A 66 1.48 7.66 2.94
N ASN A 67 2.14 7.88 4.10
CA ASN A 67 3.60 7.64 4.25
C ASN A 67 3.90 6.14 4.44
N PHE A 68 2.82 5.34 4.57
CA PHE A 68 2.89 3.90 4.88
C PHE A 68 3.58 3.08 3.77
N ALA A 69 3.59 3.59 2.52
CA ALA A 69 3.87 2.75 1.34
C ALA A 69 5.38 2.47 1.26
N SER A 70 6.15 3.57 1.37
CA SER A 70 7.60 3.53 1.36
C SER A 70 8.15 2.93 2.67
N ASP A 71 7.39 3.15 3.78
CA ASP A 71 7.73 2.65 5.12
C ASP A 71 7.58 1.11 5.20
N ALA A 72 6.37 0.64 4.82
CA ALA A 72 6.03 -0.80 4.74
C ALA A 72 6.99 -1.57 3.83
N THR A 73 7.36 -0.97 2.70
CA THR A 73 8.37 -1.55 1.79
C THR A 73 9.74 -1.63 2.48
N ARG A 74 10.17 -0.50 3.07
CA ARG A 74 11.46 -0.37 3.80
C ARG A 74 11.61 -1.44 4.91
N VAL A 75 10.54 -1.65 5.70
CA VAL A 75 10.56 -2.57 6.84
C VAL A 75 10.54 -4.03 6.35
N ALA A 76 9.87 -4.29 5.21
CA ALA A 76 9.73 -5.63 4.65
C ALA A 76 11.08 -6.12 4.09
N GLN A 77 11.73 -5.25 3.31
CA GLN A 77 13.00 -5.55 2.60
C GLN A 77 14.16 -5.81 3.58
N LYS A 78 14.04 -5.29 4.81
CA LYS A 78 15.01 -5.51 5.90
C LYS A 78 15.07 -7.00 6.32
N HIS A 79 14.03 -7.78 5.98
CA HIS A 79 13.92 -9.20 6.38
C HIS A 79 14.54 -10.14 5.34
N GLY A 80 15.51 -9.64 4.55
CA GLY A 80 16.33 -10.47 3.67
C GLY A 80 15.85 -10.47 2.23
N LEU A 81 15.63 -9.26 1.68
CA LEU A 81 15.30 -9.08 0.25
C LEU A 81 16.57 -9.20 -0.59
N HIS A 82 16.39 -9.60 -1.86
CA HIS A 82 17.46 -9.67 -2.86
C HIS A 82 17.90 -8.24 -3.30
N PRO A 83 19.09 -8.10 -3.98
CA PRO A 83 19.47 -6.87 -4.71
C PRO A 83 18.30 -6.30 -5.57
N LYS A 84 17.58 -5.33 -5.00
CA LYS A 84 16.35 -4.76 -5.58
C LYS A 84 16.66 -3.66 -6.63
N PHE A 85 17.89 -3.09 -6.56
CA PHE A 85 18.31 -1.95 -7.41
C PHE A 85 18.48 -2.37 -8.89
N GLY A 86 18.42 -3.70 -9.16
CA GLY A 86 18.46 -4.23 -10.53
C GLY A 86 17.12 -4.12 -11.27
N ALA A 87 16.07 -3.66 -10.56
CA ALA A 87 14.74 -3.42 -11.15
C ALA A 87 14.81 -2.27 -12.17
N ILE A 88 14.24 -2.50 -13.37
CA ILE A 88 14.25 -1.51 -14.47
C ILE A 88 13.22 -0.39 -14.24
N THR A 89 13.32 0.69 -15.05
CA THR A 89 12.44 1.87 -14.94
C THR A 89 10.98 1.55 -15.34
N ARG A 90 10.80 0.54 -16.22
CA ARG A 90 9.47 0.14 -16.71
C ARG A 90 8.84 -0.88 -15.75
N VAL A 91 8.25 -0.37 -14.67
CA VAL A 91 7.52 -1.17 -13.66
C VAL A 91 6.30 -0.35 -13.17
N HIS A 92 5.15 -1.02 -13.00
CA HIS A 92 3.91 -0.38 -12.56
C HIS A 92 3.63 -0.71 -11.09
N LYS A 93 3.99 0.23 -10.22
CA LYS A 93 3.62 0.22 -8.81
C LYS A 93 2.51 1.26 -8.64
N GLU A 94 1.25 0.79 -8.56
CA GLU A 94 0.06 1.66 -8.45
C GLU A 94 -0.01 2.29 -7.05
N TYR A 95 0.80 3.34 -6.87
CA TYR A 95 0.87 4.14 -5.64
C TYR A 95 -0.41 4.98 -5.53
N ASP A 96 -0.80 5.56 -6.68
CA ASP A 96 -1.92 6.52 -6.79
C ASP A 96 -3.27 5.84 -6.54
N ALA A 97 -3.41 4.58 -6.96
CA ALA A 97 -4.64 3.79 -6.81
C ALA A 97 -4.92 3.50 -5.32
N MET A 98 -3.89 3.04 -4.61
CA MET A 98 -3.92 2.83 -3.15
C MET A 98 -4.08 4.17 -2.37
N PHE A 99 -3.35 5.18 -2.85
CA PHE A 99 -3.39 6.57 -2.31
C PHE A 99 -4.84 7.09 -2.29
N GLU A 100 -5.55 6.93 -3.43
CA GLU A 100 -6.93 7.42 -3.58
C GLU A 100 -7.93 6.53 -2.83
N ASP A 101 -7.58 5.24 -2.66
CA ASP A 101 -8.40 4.29 -1.89
C ASP A 101 -8.45 4.70 -0.41
N ILE A 102 -7.26 4.81 0.21
CA ILE A 102 -7.11 5.22 1.63
C ILE A 102 -7.69 6.63 1.87
N ARG A 103 -7.43 7.57 0.94
CA ARG A 103 -7.94 8.97 1.06
C ARG A 103 -9.48 8.97 0.97
N ALA A 104 -10.04 7.98 0.24
CA ALA A 104 -11.49 7.78 0.12
C ALA A 104 -12.08 7.30 1.46
N LYS A 105 -11.45 6.25 2.03
CA LYS A 105 -11.83 5.69 3.36
C LYS A 105 -11.76 6.75 4.47
N LEU A 106 -10.71 7.57 4.40
CA LEU A 106 -10.45 8.69 5.36
C LEU A 106 -11.52 9.78 5.23
N HIS A 107 -12.00 9.99 3.99
CA HIS A 107 -13.11 10.92 3.70
C HIS A 107 -14.49 10.23 3.99
N ALA A 108 -14.46 8.88 4.08
CA ALA A 108 -15.64 8.01 4.34
C ALA A 108 -16.61 7.99 3.13
N HIS A 109 -16.11 8.49 1.97
CA HIS A 109 -16.89 8.65 0.72
C HIS A 109 -15.92 8.47 -0.48
N PRO A 110 -16.42 8.00 -1.69
CA PRO A 110 -15.58 7.81 -2.91
C PRO A 110 -14.58 8.96 -3.20
N GLY A 111 -13.29 8.61 -3.21
CA GLY A 111 -12.19 9.58 -3.30
C GLY A 111 -11.74 9.85 -4.72
N GLU A 112 -12.31 9.13 -5.70
CA GLU A 112 -12.03 9.37 -7.13
C GLU A 112 -12.58 10.79 -7.51
N PRO A 113 -11.69 11.75 -7.90
CA PRO A 113 -12.08 13.15 -8.12
C PRO A 113 -12.54 13.42 -9.56
N VAL A 114 -13.77 13.93 -9.70
CA VAL A 114 -14.29 14.41 -10.98
C VAL A 114 -13.73 15.83 -11.26
N ASP A 115 -13.62 16.19 -12.54
CA ASP A 115 -13.00 17.46 -12.97
C ASP A 115 -14.02 18.41 -13.61
N LEU A 116 -15.33 18.17 -13.37
CA LEU A 116 -16.42 18.93 -14.02
C LEU A 116 -16.45 20.41 -13.59
N GLU A 117 -15.89 20.71 -12.41
CA GLU A 117 -15.85 22.07 -11.82
C GLU A 117 -14.39 22.58 -11.71
N ARG A 118 -13.42 21.72 -12.09
CA ARG A 118 -11.97 21.98 -11.89
C ARG A 118 -11.42 23.06 -12.84
N ILE A 119 -12.28 23.53 -13.77
CA ILE A 119 -11.98 24.63 -14.70
C ILE A 119 -12.02 25.99 -13.93
N ILE A 120 -12.46 25.93 -12.65
CA ILE A 120 -12.64 27.10 -11.74
C ILE A 120 -13.67 28.03 -12.40
N ARG A 121 -14.84 27.41 -12.68
CA ARG A 121 -15.86 27.95 -13.58
C ARG A 121 -16.55 29.18 -12.96
N HIS A 122 -15.96 30.36 -13.20
CA HIS A 122 -16.50 31.63 -12.71
C HIS A 122 -17.62 32.10 -13.65
N GLU A 123 -18.75 32.51 -13.07
CA GLU A 123 -19.87 33.06 -13.83
C GLU A 123 -19.53 34.50 -14.30
N GLY A 124 -18.84 35.24 -13.42
CA GLY A 124 -18.40 36.61 -13.70
C GLY A 124 -17.68 37.23 -12.52
N SER A 125 -17.64 38.58 -12.48
CA SER A 125 -16.99 39.34 -11.40
C SER A 125 -18.04 39.70 -10.32
N GLN A 1 7.47 -1.82 -4.93
CA GLN A 1 6.81 -3.09 -4.55
C GLN A 1 5.30 -2.99 -4.79
N GLY A 2 4.56 -4.05 -4.42
CA GLY A 2 3.12 -4.13 -4.69
C GLY A 2 2.86 -4.70 -6.08
N HIS A 3 1.94 -5.68 -6.16
CA HIS A 3 1.62 -6.38 -7.41
C HIS A 3 0.10 -6.61 -7.52
N MET A 4 -0.54 -6.75 -6.36
CA MET A 4 -2.00 -6.92 -6.24
C MET A 4 -2.52 -5.89 -5.22
N PHE A 5 -3.13 -4.79 -5.69
CA PHE A 5 -3.82 -3.84 -4.81
C PHE A 5 -5.35 -3.96 -5.00
N GLU A 6 -6.08 -3.73 -3.91
CA GLU A 6 -7.55 -3.73 -3.89
C GLU A 6 -8.01 -2.80 -2.75
N PRO A 7 -9.27 -2.24 -2.81
CA PRO A 7 -9.80 -1.38 -1.72
C PRO A 7 -9.96 -2.18 -0.39
N GLY A 8 -8.91 -2.15 0.43
CA GLY A 8 -8.89 -2.80 1.74
C GLY A 8 -7.58 -3.54 2.02
N HIS A 9 -6.89 -3.98 0.95
CA HIS A 9 -5.73 -4.89 1.08
C HIS A 9 -4.70 -4.68 -0.06
N LEU A 10 -3.43 -4.97 0.24
CA LEU A 10 -2.31 -4.91 -0.70
C LEU A 10 -1.45 -6.17 -0.52
N HIS A 11 -1.47 -7.04 -1.53
CA HIS A 11 -0.60 -8.21 -1.63
C HIS A 11 0.59 -7.86 -2.53
N LEU A 12 1.81 -8.09 -2.04
CA LEU A 12 3.03 -7.84 -2.80
C LEU A 12 3.83 -9.14 -2.93
N VAL A 13 4.26 -9.39 -4.17
CA VAL A 13 5.27 -10.40 -4.52
C VAL A 13 6.33 -9.69 -5.39
N SER A 14 7.49 -10.32 -5.59
CA SER A 14 8.61 -9.70 -6.32
C SER A 14 8.81 -10.50 -7.61
N LEU A 15 8.58 -9.84 -8.76
CA LEU A 15 8.87 -10.43 -10.07
C LEU A 15 10.39 -10.68 -10.18
N PRO A 16 10.83 -11.84 -10.79
CA PRO A 16 12.23 -12.31 -10.75
C PRO A 16 13.27 -11.20 -11.03
N GLY A 17 13.32 -10.72 -12.29
CA GLY A 17 14.25 -9.66 -12.69
C GLY A 17 15.72 -10.07 -12.54
N LEU A 18 16.25 -9.89 -11.32
CA LEU A 18 17.62 -10.28 -10.96
C LEU A 18 17.65 -11.74 -10.46
N ASP A 19 16.61 -12.11 -9.66
CA ASP A 19 16.45 -13.43 -9.00
C ASP A 19 15.01 -13.54 -8.48
N GLN A 20 14.44 -14.75 -8.59
CA GLN A 20 13.07 -15.02 -8.12
C GLN A 20 13.09 -15.28 -6.59
N GLN A 21 13.06 -14.20 -5.80
CA GLN A 21 12.99 -14.28 -4.33
C GLN A 21 11.53 -14.46 -3.89
N ASP A 22 11.32 -15.30 -2.86
CA ASP A 22 9.97 -15.68 -2.39
C ASP A 22 9.46 -14.67 -1.36
N ILE A 23 9.23 -13.43 -1.81
CA ILE A 23 8.60 -12.42 -0.97
C ILE A 23 7.10 -12.49 -1.27
N ASN A 24 6.31 -12.63 -0.21
CA ASN A 24 4.86 -12.67 -0.31
C ASN A 24 4.28 -12.13 1.01
N ILE A 25 3.69 -10.94 0.92
CA ILE A 25 3.30 -10.16 2.10
C ILE A 25 1.86 -9.67 1.94
N HIS A 26 1.11 -9.74 3.03
CA HIS A 26 -0.26 -9.26 3.13
C HIS A 26 -0.18 -7.91 3.84
N ILE A 27 -0.79 -6.86 3.28
CA ILE A 27 -0.90 -5.56 3.95
C ILE A 27 -2.39 -5.20 4.06
N ARG A 28 -2.90 -5.24 5.29
CA ARG A 28 -4.23 -4.75 5.60
C ARG A 28 -4.09 -3.33 6.12
N TYR A 29 -4.80 -2.38 5.50
CA TYR A 29 -4.91 -1.02 6.01
C TYR A 29 -6.36 -0.84 6.46
N GLU A 30 -6.53 -0.60 7.77
CA GLU A 30 -7.85 -0.55 8.42
C GLU A 30 -8.00 0.79 9.15
N VAL A 31 -8.92 1.64 8.66
CA VAL A 31 -9.16 2.98 9.22
C VAL A 31 -9.96 2.88 10.53
N ARG A 32 -9.42 3.48 11.58
CA ARG A 32 -10.04 3.57 12.91
C ARG A 32 -9.67 4.96 13.48
N GLN A 33 -10.49 5.48 14.40
CA GLN A 33 -10.29 6.82 14.97
C GLN A 33 -9.57 6.74 16.32
N ASN A 34 -8.44 7.48 16.43
CA ASN A 34 -7.67 7.66 17.67
C ASN A 34 -8.04 9.02 18.30
N ALA A 35 -8.01 9.09 19.64
CA ALA A 35 -8.35 10.32 20.38
C ALA A 35 -7.25 11.41 20.26
N GLU A 36 -6.09 11.01 19.71
CA GLU A 36 -4.91 11.89 19.56
C GLU A 36 -5.09 12.89 18.39
N SER A 37 -5.37 12.36 17.20
CA SER A 37 -5.31 13.14 15.93
C SER A 37 -6.59 12.97 15.10
N GLY A 38 -7.54 12.22 15.62
CA GLY A 38 -8.80 11.93 14.94
C GLY A 38 -8.71 10.63 14.15
N ALA A 39 -8.61 10.72 12.82
CA ALA A 39 -8.41 9.53 11.97
C ALA A 39 -6.96 9.01 12.04
N TYR A 40 -6.83 7.67 11.92
CA TYR A 40 -5.55 6.99 11.66
C TYR A 40 -5.86 5.67 10.95
N VAL A 41 -4.81 4.97 10.50
CA VAL A 41 -4.94 3.66 9.86
C VAL A 41 -4.01 2.65 10.54
N HIS A 42 -4.57 1.50 10.91
CA HIS A 42 -3.83 0.36 11.46
C HIS A 42 -3.36 -0.52 10.28
N PHE A 43 -2.03 -0.55 10.04
CA PHE A 43 -1.43 -1.36 8.97
C PHE A 43 -0.92 -2.68 9.57
N ASP A 44 -1.11 -3.78 8.85
CA ASP A 44 -0.74 -5.13 9.31
C ASP A 44 -0.03 -5.88 8.18
N MET A 45 1.16 -6.44 8.47
CA MET A 45 2.00 -7.16 7.48
C MET A 45 2.30 -8.58 7.99
N ASP A 46 2.11 -9.59 7.13
CA ASP A 46 2.40 -11.00 7.49
C ASP A 46 2.53 -11.84 6.22
N GLY A 47 3.15 -13.01 6.34
CA GLY A 47 3.32 -13.94 5.22
C GLY A 47 4.57 -14.74 5.38
N GLU A 48 5.42 -14.76 4.35
CA GLU A 48 6.73 -15.43 4.39
C GLU A 48 7.66 -14.80 3.35
N ILE A 49 8.98 -15.10 3.47
CA ILE A 49 10.04 -14.29 2.84
C ILE A 49 11.21 -15.29 2.71
N ASP A 50 11.46 -15.80 1.49
CA ASP A 50 12.36 -16.95 1.24
C ASP A 50 11.85 -18.19 1.99
N GLY A 51 10.51 -18.34 2.02
CA GLY A 51 9.84 -19.43 2.74
C GLY A 51 9.64 -19.21 4.24
N LYS A 52 10.45 -18.30 4.85
CA LYS A 52 10.45 -18.07 6.30
C LYS A 52 9.28 -17.16 6.71
N PRO A 53 8.34 -17.63 7.60
CA PRO A 53 7.14 -16.85 8.01
C PRO A 53 7.46 -15.66 8.94
N PHE A 54 6.56 -14.65 8.97
CA PHE A 54 6.69 -13.50 9.90
C PHE A 54 5.32 -12.85 10.20
N SER A 55 5.27 -12.08 11.29
CA SER A 55 4.13 -11.21 11.64
C SER A 55 4.66 -9.89 12.25
N ASP A 56 4.40 -8.77 11.56
CA ASP A 56 4.82 -7.41 11.99
C ASP A 56 3.72 -6.40 11.59
N SER A 57 3.48 -5.37 12.40
CA SER A 57 2.40 -4.38 12.14
C SER A 57 2.80 -3.00 12.68
N PHE A 58 2.30 -1.94 12.01
CA PHE A 58 2.57 -0.54 12.38
C PHE A 58 1.32 0.33 12.19
N GLU A 59 1.18 1.40 13.00
CA GLU A 59 0.04 2.33 12.93
C GLU A 59 0.54 3.76 12.67
N LEU A 60 -0.09 4.46 11.70
CA LEU A 60 0.25 5.85 11.36
C LEU A 60 -1.02 6.72 11.39
N PRO A 61 -0.93 7.98 11.93
CA PRO A 61 -2.05 8.96 11.88
C PRO A 61 -2.41 9.35 10.43
N ARG A 62 -3.65 9.86 10.24
CA ARG A 62 -4.18 10.39 8.95
C ARG A 62 -3.16 11.26 8.14
N ASP A 63 -2.31 12.02 8.85
CA ASP A 63 -1.31 12.94 8.24
C ASP A 63 -0.15 12.18 7.55
N THR A 64 0.04 10.91 7.93
CA THR A 64 1.16 10.07 7.46
C THR A 64 0.64 8.69 7.00
N ALA A 65 -0.69 8.55 6.90
CA ALA A 65 -1.37 7.28 6.52
C ALA A 65 -0.99 6.86 5.08
N PHE A 66 -0.99 7.85 4.18
CA PHE A 66 -0.58 7.68 2.76
C PHE A 66 0.93 7.43 2.62
N ASN A 67 1.69 7.87 3.65
CA ASN A 67 3.16 7.84 3.65
C ASN A 67 3.66 6.41 4.01
N PHE A 68 2.70 5.55 4.42
CA PHE A 68 2.97 4.16 4.84
C PHE A 68 3.75 3.37 3.80
N ALA A 69 3.59 3.68 2.49
CA ALA A 69 4.35 3.03 1.41
C ALA A 69 5.87 3.02 1.68
N SER A 70 6.37 4.08 2.32
CA SER A 70 7.78 4.19 2.73
C SER A 70 8.09 3.18 3.87
N ASP A 71 7.21 3.18 4.90
CA ASP A 71 7.34 2.29 6.07
C ASP A 71 7.21 0.82 5.70
N ALA A 72 6.09 0.46 5.06
CA ALA A 72 5.78 -0.88 4.51
C ALA A 72 6.96 -1.53 3.76
N THR A 73 7.64 -0.74 2.90
CA THR A 73 8.84 -1.21 2.17
C THR A 73 10.03 -1.40 3.14
N ARG A 74 10.17 -0.47 4.10
CA ARG A 74 11.27 -0.46 5.09
C ARG A 74 11.15 -1.64 6.08
N VAL A 75 9.92 -1.95 6.51
CA VAL A 75 9.58 -3.12 7.35
C VAL A 75 9.97 -4.39 6.60
N ALA A 76 9.51 -4.49 5.34
CA ALA A 76 9.70 -5.66 4.49
C ALA A 76 11.20 -5.95 4.26
N GLN A 77 11.99 -4.88 3.99
CA GLN A 77 13.42 -5.00 3.67
C GLN A 77 14.24 -5.41 4.91
N LYS A 78 13.84 -4.91 6.10
CA LYS A 78 14.43 -5.35 7.39
C LYS A 78 14.11 -6.83 7.66
N HIS A 79 12.95 -7.30 7.17
CA HIS A 79 12.47 -8.68 7.37
C HIS A 79 12.96 -9.62 6.25
N GLY A 80 13.80 -9.14 5.31
CA GLY A 80 14.44 -10.02 4.33
C GLY A 80 14.57 -9.46 2.91
N LEU A 81 13.66 -8.54 2.54
CA LEU A 81 13.64 -7.97 1.16
C LEU A 81 14.83 -7.04 0.90
N HIS A 82 15.15 -6.87 -0.39
CA HIS A 82 15.99 -5.78 -0.92
C HIS A 82 15.35 -5.35 -2.27
N PRO A 83 14.19 -4.61 -2.24
CA PRO A 83 13.47 -4.19 -3.46
C PRO A 83 13.95 -2.81 -3.96
N LYS A 84 15.22 -2.51 -3.67
CA LYS A 84 15.83 -1.18 -3.87
C LYS A 84 15.95 -0.81 -5.34
N PHE A 85 16.29 -1.80 -6.18
CA PHE A 85 16.43 -1.61 -7.63
C PHE A 85 15.04 -1.66 -8.28
N GLY A 86 14.21 -2.61 -7.82
CA GLY A 86 12.81 -2.72 -8.23
C GLY A 86 12.45 -4.14 -8.67
N ALA A 87 13.12 -4.61 -9.75
CA ALA A 87 12.93 -5.95 -10.39
C ALA A 87 11.62 -6.04 -11.23
N ILE A 88 10.52 -5.52 -10.68
CA ILE A 88 9.20 -5.47 -11.35
C ILE A 88 9.24 -4.49 -12.55
N THR A 89 9.14 -5.04 -13.78
CA THR A 89 9.19 -4.25 -15.03
C THR A 89 7.97 -3.33 -15.18
N ARG A 90 6.78 -3.89 -14.91
CA ARG A 90 5.52 -3.12 -14.85
C ARG A 90 5.42 -2.41 -13.50
N VAL A 91 6.20 -1.32 -13.38
CA VAL A 91 6.32 -0.53 -12.15
C VAL A 91 4.97 0.11 -11.83
N HIS A 92 4.37 -0.30 -10.71
CA HIS A 92 3.06 0.19 -10.30
C HIS A 92 3.19 1.59 -9.70
N LYS A 93 2.97 2.60 -10.56
CA LYS A 93 3.00 4.03 -10.17
C LYS A 93 1.57 4.52 -9.85
N GLU A 94 0.68 3.57 -9.51
CA GLU A 94 -0.72 3.85 -9.14
C GLU A 94 -0.82 4.19 -7.63
N TYR A 95 0.24 4.82 -7.11
CA TYR A 95 0.29 5.38 -5.75
C TYR A 95 -0.75 6.50 -5.59
N ASP A 96 -0.99 7.23 -6.68
CA ASP A 96 -2.04 8.27 -6.74
C ASP A 96 -3.47 7.65 -6.71
N ALA A 97 -3.60 6.43 -7.27
CA ALA A 97 -4.88 5.70 -7.30
C ALA A 97 -5.27 5.21 -5.89
N MET A 98 -4.33 4.57 -5.20
CA MET A 98 -4.51 4.19 -3.77
C MET A 98 -4.62 5.43 -2.87
N PHE A 99 -3.92 6.51 -3.26
CA PHE A 99 -3.97 7.81 -2.52
C PHE A 99 -5.44 8.33 -2.43
N GLU A 100 -6.18 8.27 -3.55
CA GLU A 100 -7.59 8.75 -3.61
C GLU A 100 -8.57 7.75 -2.96
N ASP A 101 -8.20 6.45 -2.97
CA ASP A 101 -8.99 5.40 -2.32
C ASP A 101 -8.95 5.59 -0.78
N ILE A 102 -7.71 5.56 -0.24
CA ILE A 102 -7.42 5.72 1.20
C ILE A 102 -7.97 7.06 1.77
N ARG A 103 -7.89 8.16 0.99
CA ARG A 103 -8.44 9.48 1.45
C ARG A 103 -9.97 9.41 1.65
N ALA A 104 -10.64 8.55 0.87
CA ALA A 104 -12.08 8.35 0.96
C ALA A 104 -12.43 7.54 2.22
N LYS A 105 -11.61 6.50 2.48
CA LYS A 105 -11.65 5.72 3.75
C LYS A 105 -11.47 6.61 5.00
N LEU A 106 -10.47 7.52 4.94
CA LEU A 106 -10.20 8.52 6.00
C LEU A 106 -11.37 9.51 6.17
N HIS A 107 -12.14 9.69 5.09
CA HIS A 107 -13.36 10.52 5.11
C HIS A 107 -14.59 9.69 5.60
N ALA A 108 -14.44 8.34 5.57
CA ALA A 108 -15.44 7.36 6.08
C ALA A 108 -16.64 7.24 5.12
N HIS A 109 -16.48 7.77 3.91
CA HIS A 109 -17.53 7.82 2.88
C HIS A 109 -16.87 7.73 1.49
N PRO A 110 -17.44 6.92 0.53
CA PRO A 110 -16.88 6.78 -0.83
C PRO A 110 -17.03 8.09 -1.65
N GLY A 111 -15.92 8.80 -1.84
CA GLY A 111 -15.90 10.08 -2.57
C GLY A 111 -14.80 10.11 -3.62
N GLU A 112 -14.71 9.02 -4.40
CA GLU A 112 -13.71 8.86 -5.46
C GLU A 112 -14.06 9.77 -6.66
N PRO A 113 -13.03 10.35 -7.38
CA PRO A 113 -13.25 11.31 -8.48
C PRO A 113 -13.86 10.64 -9.72
N VAL A 114 -14.66 11.39 -10.47
CA VAL A 114 -15.34 10.90 -11.68
C VAL A 114 -14.35 10.87 -12.86
N ASP A 115 -14.57 9.92 -13.78
CA ASP A 115 -13.69 9.68 -14.94
C ASP A 115 -14.53 9.36 -16.18
N LEU A 116 -15.74 9.96 -16.27
CA LEU A 116 -16.68 9.74 -17.39
C LEU A 116 -16.05 10.19 -18.73
N GLU A 117 -15.39 11.36 -18.68
CA GLU A 117 -14.75 12.00 -19.86
C GLU A 117 -13.43 11.32 -20.21
N ARG A 118 -12.81 10.62 -19.23
CA ARG A 118 -11.43 10.04 -19.32
C ARG A 118 -11.22 9.23 -20.60
N ILE A 119 -12.18 8.33 -20.85
CA ILE A 119 -12.17 7.42 -22.01
C ILE A 119 -12.61 8.16 -23.29
N ILE A 120 -13.46 9.19 -23.11
CA ILE A 120 -14.05 9.98 -24.22
C ILE A 120 -13.02 10.94 -24.86
N ARG A 121 -11.96 11.32 -24.08
CA ARG A 121 -10.94 12.30 -24.52
C ARG A 121 -10.13 11.76 -25.73
N HIS A 122 -10.72 11.94 -26.94
CA HIS A 122 -10.18 11.45 -28.22
C HIS A 122 -10.77 12.27 -29.36
N GLU A 123 -9.93 12.57 -30.36
CA GLU A 123 -10.35 13.24 -31.61
C GLU A 123 -9.33 12.90 -32.72
N GLY A 124 -9.50 11.71 -33.33
CA GLY A 124 -8.64 11.24 -34.42
C GLY A 124 -9.22 11.61 -35.77
N SER A 125 -10.30 10.90 -36.15
CA SER A 125 -11.03 11.14 -37.41
C SER A 125 -12.53 10.81 -37.19
N GLN A 1 -2.74 -13.91 -11.19
CA GLN A 1 -3.14 -12.74 -10.39
C GLN A 1 -1.93 -12.26 -9.57
N GLY A 2 -1.63 -12.95 -8.45
CA GLY A 2 -0.45 -12.68 -7.63
C GLY A 2 -0.52 -11.35 -6.86
N HIS A 3 -0.29 -10.24 -7.59
CA HIS A 3 -0.31 -8.87 -7.04
C HIS A 3 -1.77 -8.35 -6.88
N MET A 4 -2.55 -9.08 -6.06
CA MET A 4 -3.98 -8.82 -5.86
C MET A 4 -4.17 -7.68 -4.85
N PHE A 5 -4.55 -6.49 -5.35
CA PHE A 5 -4.97 -5.38 -4.50
C PHE A 5 -6.50 -5.37 -4.40
N GLU A 6 -6.99 -5.10 -3.18
CA GLU A 6 -8.41 -4.92 -2.87
C GLU A 6 -8.53 -3.77 -1.82
N PRO A 7 -9.74 -3.14 -1.66
CA PRO A 7 -9.96 -2.17 -0.57
C PRO A 7 -9.79 -2.81 0.82
N GLY A 8 -8.71 -2.44 1.52
CA GLY A 8 -8.44 -2.93 2.89
C GLY A 8 -7.26 -3.91 2.96
N HIS A 9 -6.80 -4.43 1.81
CA HIS A 9 -5.73 -5.46 1.76
C HIS A 9 -4.96 -5.43 0.41
N LEU A 10 -3.66 -5.75 0.47
CA LEU A 10 -2.78 -5.91 -0.71
C LEU A 10 -1.91 -7.17 -0.52
N HIS A 11 -1.89 -8.06 -1.51
CA HIS A 11 -0.98 -9.22 -1.54
C HIS A 11 0.20 -8.90 -2.46
N LEU A 12 1.43 -9.05 -1.92
CA LEU A 12 2.67 -8.93 -2.70
C LEU A 12 3.30 -10.31 -2.90
N VAL A 13 3.72 -10.55 -4.12
CA VAL A 13 4.54 -11.69 -4.54
C VAL A 13 5.40 -11.18 -5.71
N SER A 14 6.45 -11.90 -6.12
CA SER A 14 7.23 -11.49 -7.28
C SER A 14 6.40 -11.80 -8.56
N LEU A 15 5.83 -10.73 -9.14
CA LEU A 15 4.92 -10.81 -10.29
C LEU A 15 5.68 -11.05 -11.61
N PRO A 16 5.01 -11.62 -12.67
CA PRO A 16 5.64 -11.80 -14.01
C PRO A 16 6.10 -10.43 -14.59
N GLY A 17 7.43 -10.28 -14.66
CA GLY A 17 8.07 -9.01 -15.02
C GLY A 17 9.41 -8.88 -14.32
N LEU A 18 9.41 -9.26 -13.02
CA LEU A 18 10.60 -9.24 -12.14
C LEU A 18 11.18 -10.66 -11.99
N ASP A 19 12.42 -10.74 -11.46
CA ASP A 19 13.09 -12.02 -11.17
C ASP A 19 12.34 -12.76 -10.05
N GLN A 20 12.20 -14.09 -10.21
CA GLN A 20 11.44 -14.94 -9.29
C GLN A 20 12.07 -14.96 -7.88
N GLN A 21 11.21 -14.85 -6.86
CA GLN A 21 11.62 -15.06 -5.46
C GLN A 21 10.41 -15.58 -4.68
N ASP A 22 10.67 -16.30 -3.59
CA ASP A 22 9.65 -17.00 -2.78
C ASP A 22 9.02 -16.04 -1.74
N ILE A 23 8.73 -14.81 -2.18
CA ILE A 23 8.17 -13.75 -1.33
C ILE A 23 6.63 -13.80 -1.37
N ASN A 24 6.03 -13.58 -0.20
CA ASN A 24 4.57 -13.42 -0.07
C ASN A 24 4.28 -12.56 1.15
N ILE A 25 3.54 -11.47 0.93
CA ILE A 25 3.28 -10.43 1.93
C ILE A 25 1.79 -10.12 1.97
N HIS A 26 1.25 -10.07 3.18
CA HIS A 26 -0.14 -9.72 3.43
C HIS A 26 -0.15 -8.32 4.07
N ILE A 27 -0.61 -7.31 3.34
CA ILE A 27 -0.67 -5.92 3.82
C ILE A 27 -2.14 -5.60 4.15
N ARG A 28 -2.43 -5.50 5.43
CA ARG A 28 -3.76 -5.19 5.95
C ARG A 28 -3.78 -3.74 6.37
N TYR A 29 -4.50 -2.87 5.64
CA TYR A 29 -4.65 -1.46 6.01
C TYR A 29 -6.14 -1.22 6.31
N GLU A 30 -6.44 -0.84 7.55
CA GLU A 30 -7.82 -0.65 8.03
C GLU A 30 -7.95 0.74 8.64
N VAL A 31 -8.77 1.59 7.99
CA VAL A 31 -9.02 2.95 8.46
C VAL A 31 -10.10 2.94 9.56
N ARG A 32 -9.79 3.54 10.70
CA ARG A 32 -10.70 3.65 11.84
C ARG A 32 -10.52 5.04 12.47
N GLN A 33 -11.44 5.46 13.36
CA GLN A 33 -11.33 6.73 14.07
C GLN A 33 -11.03 6.45 15.56
N ASN A 34 -9.86 6.90 16.05
CA ASN A 34 -9.49 6.85 17.48
C ASN A 34 -9.91 8.16 18.17
N ALA A 35 -10.09 8.11 19.50
CA ALA A 35 -10.60 9.26 20.29
C ALA A 35 -9.56 10.41 20.43
N GLU A 36 -8.27 10.10 20.23
CA GLU A 36 -7.16 11.02 20.50
C GLU A 36 -6.91 11.97 19.30
N SER A 37 -6.72 11.37 18.12
CA SER A 37 -6.25 12.07 16.91
C SER A 37 -7.29 12.03 15.78
N GLY A 38 -8.48 11.46 16.05
CA GLY A 38 -9.55 11.37 15.06
C GLY A 38 -9.30 10.20 14.14
N ALA A 39 -9.21 10.47 12.83
CA ALA A 39 -8.94 9.42 11.83
C ALA A 39 -7.50 8.87 11.93
N TYR A 40 -7.35 7.58 11.62
CA TYR A 40 -6.03 6.93 11.42
C TYR A 40 -6.21 5.68 10.56
N VAL A 41 -5.09 5.07 10.13
CA VAL A 41 -5.11 3.76 9.46
C VAL A 41 -4.11 2.82 10.16
N HIS A 42 -4.57 1.62 10.50
CA HIS A 42 -3.73 0.55 11.07
C HIS A 42 -3.14 -0.25 9.90
N PHE A 43 -1.82 -0.46 9.90
CA PHE A 43 -1.13 -1.28 8.88
C PHE A 43 -0.53 -2.52 9.57
N ASP A 44 -0.71 -3.69 8.94
CA ASP A 44 -0.21 -4.97 9.46
C ASP A 44 0.37 -5.77 8.28
N MET A 45 1.47 -6.48 8.52
CA MET A 45 2.18 -7.24 7.48
C MET A 45 2.55 -8.62 8.05
N ASP A 46 2.26 -9.69 7.29
CA ASP A 46 2.61 -11.07 7.68
C ASP A 46 2.84 -11.95 6.45
N GLY A 47 3.50 -13.09 6.67
CA GLY A 47 3.71 -14.09 5.62
C GLY A 47 5.06 -14.77 5.79
N GLU A 48 5.68 -15.08 4.65
CA GLU A 48 7.03 -15.65 4.57
C GLU A 48 7.71 -15.14 3.29
N ILE A 49 9.05 -15.24 3.20
CA ILE A 49 9.84 -14.44 2.25
C ILE A 49 11.14 -15.24 2.05
N ASP A 50 11.29 -15.91 0.90
CA ASP A 50 12.49 -16.76 0.60
C ASP A 50 12.72 -17.84 1.72
N GLY A 51 11.62 -18.24 2.40
CA GLY A 51 11.67 -19.14 3.57
C GLY A 51 11.99 -18.42 4.89
N LYS A 52 11.24 -17.33 5.17
CA LYS A 52 11.46 -16.45 6.36
C LYS A 52 10.12 -15.90 6.89
N PRO A 53 9.61 -16.39 8.09
CA PRO A 53 8.31 -15.94 8.64
C PRO A 53 8.43 -14.57 9.36
N PHE A 54 7.65 -13.57 8.90
CA PHE A 54 7.69 -12.21 9.46
C PHE A 54 6.30 -11.75 9.90
N SER A 55 6.23 -11.00 11.01
CA SER A 55 5.00 -10.35 11.47
C SER A 55 5.34 -8.94 11.99
N ASP A 56 4.90 -7.92 11.25
CA ASP A 56 5.10 -6.50 11.56
C ASP A 56 3.75 -5.81 11.69
N SER A 57 3.69 -4.74 12.50
CA SER A 57 2.50 -3.90 12.63
C SER A 57 2.90 -2.47 12.99
N PHE A 58 2.48 -1.51 12.17
CA PHE A 58 2.75 -0.07 12.36
C PHE A 58 1.47 0.71 12.03
N GLU A 59 1.24 1.83 12.73
CA GLU A 59 0.05 2.69 12.53
C GLU A 59 0.49 4.12 12.22
N LEU A 60 -0.22 4.76 11.29
CA LEU A 60 0.00 6.18 10.95
C LEU A 60 -1.33 6.94 11.11
N PRO A 61 -1.33 8.11 11.84
CA PRO A 61 -2.54 8.95 11.98
C PRO A 61 -3.00 9.57 10.65
N ARG A 62 -4.20 10.17 10.66
CA ARG A 62 -4.79 10.88 9.49
C ARG A 62 -3.77 11.76 8.71
N ASP A 63 -2.89 12.43 9.47
CA ASP A 63 -1.92 13.41 8.95
C ASP A 63 -0.81 12.74 8.12
N THR A 64 -0.46 11.49 8.43
CA THR A 64 0.74 10.82 7.87
C THR A 64 0.40 9.42 7.33
N ALA A 65 -0.91 9.08 7.26
CA ALA A 65 -1.39 7.75 6.78
C ALA A 65 -0.97 7.47 5.33
N PHE A 66 -0.90 8.57 4.57
CA PHE A 66 -0.49 8.57 3.15
C PHE A 66 0.97 8.13 2.95
N ASN A 67 1.80 8.23 3.99
CA ASN A 67 3.24 7.89 3.93
C ASN A 67 3.49 6.36 3.86
N PHE A 68 2.39 5.57 3.80
CA PHE A 68 2.43 4.09 3.88
C PHE A 68 3.00 3.46 2.59
N ALA A 69 2.98 4.20 1.47
CA ALA A 69 3.28 3.63 0.15
C ALA A 69 4.80 3.44 0.03
N SER A 70 5.50 4.47 0.50
CA SER A 70 6.95 4.48 0.62
C SER A 70 7.39 3.60 1.82
N ASP A 71 6.62 3.68 2.93
CA ASP A 71 6.99 3.05 4.20
C ASP A 71 6.82 1.51 4.17
N ALA A 72 5.59 1.03 3.91
CA ALA A 72 5.25 -0.41 3.84
C ALA A 72 6.13 -1.17 2.83
N THR A 73 6.48 -0.51 1.71
CA THR A 73 7.41 -1.07 0.73
C THR A 73 8.81 -1.19 1.36
N ARG A 74 9.28 -0.12 2.02
CA ARG A 74 10.58 -0.11 2.76
C ARG A 74 10.63 -1.21 3.86
N VAL A 75 9.46 -1.47 4.48
CA VAL A 75 9.30 -2.53 5.51
C VAL A 75 9.44 -3.91 4.84
N ALA A 76 8.93 -4.02 3.60
CA ALA A 76 8.95 -5.26 2.82
C ALA A 76 10.40 -5.59 2.42
N GLN A 77 11.08 -4.58 1.85
CA GLN A 77 12.45 -4.70 1.30
C GLN A 77 13.48 -5.00 2.40
N LYS A 78 13.13 -4.59 3.65
CA LYS A 78 13.92 -4.86 4.87
C LYS A 78 14.08 -6.39 5.11
N HIS A 79 13.08 -7.16 4.65
CA HIS A 79 13.03 -8.62 4.85
C HIS A 79 13.69 -9.39 3.69
N GLY A 80 14.44 -8.68 2.81
CA GLY A 80 15.13 -9.31 1.68
C GLY A 80 14.22 -9.59 0.50
N LEU A 81 13.84 -8.54 -0.24
CA LEU A 81 13.13 -8.65 -1.55
C LEU A 81 14.02 -8.07 -2.67
N HIS A 82 13.84 -8.60 -3.90
CA HIS A 82 14.49 -8.06 -5.11
C HIS A 82 14.14 -6.56 -5.37
N PRO A 83 12.82 -6.10 -5.32
CA PRO A 83 12.44 -4.66 -5.56
C PRO A 83 13.15 -3.59 -4.68
N LYS A 84 14.07 -4.01 -3.78
CA LYS A 84 14.87 -3.12 -2.93
C LYS A 84 15.70 -2.14 -3.79
N PHE A 85 16.35 -2.65 -4.86
CA PHE A 85 17.09 -1.80 -5.82
C PHE A 85 16.10 -0.96 -6.66
N GLY A 86 14.89 -1.50 -6.83
CA GLY A 86 13.85 -0.90 -7.64
C GLY A 86 13.13 0.25 -6.94
N ALA A 87 13.84 1.37 -6.77
CA ALA A 87 13.26 2.64 -6.34
C ALA A 87 12.59 3.32 -7.55
N ILE A 88 11.57 4.16 -7.28
CA ILE A 88 10.79 4.91 -8.30
C ILE A 88 9.77 3.99 -9.05
N THR A 89 10.15 2.72 -9.35
CA THR A 89 9.23 1.74 -9.96
C THR A 89 8.20 1.23 -8.94
N ARG A 90 8.53 1.38 -7.65
CA ARG A 90 7.64 1.05 -6.52
C ARG A 90 6.53 2.12 -6.39
N VAL A 91 6.85 3.36 -6.82
CA VAL A 91 5.93 4.50 -6.80
C VAL A 91 5.89 5.15 -8.21
N HIS A 92 5.07 4.57 -9.09
CA HIS A 92 4.91 5.03 -10.50
C HIS A 92 3.87 6.18 -10.58
N LYS A 93 3.96 7.12 -9.60
CA LYS A 93 3.14 8.34 -9.49
C LYS A 93 1.64 8.03 -9.23
N GLU A 94 1.31 6.75 -8.97
CA GLU A 94 -0.07 6.33 -8.56
C GLU A 94 -0.33 6.71 -7.10
N TYR A 95 0.78 7.08 -6.41
CA TYR A 95 0.79 7.55 -5.02
C TYR A 95 -0.20 8.70 -4.79
N ASP A 96 -0.27 9.61 -5.77
CA ASP A 96 -1.12 10.81 -5.71
C ASP A 96 -2.63 10.45 -5.75
N ALA A 97 -2.97 9.33 -6.41
CA ALA A 97 -4.37 8.86 -6.54
C ALA A 97 -4.85 8.20 -5.23
N MET A 98 -4.04 7.26 -4.68
CA MET A 98 -4.36 6.59 -3.39
C MET A 98 -4.23 7.54 -2.19
N PHE A 99 -3.38 8.56 -2.34
CA PHE A 99 -3.35 9.77 -1.47
C PHE A 99 -4.77 10.37 -1.33
N GLU A 100 -5.49 10.43 -2.47
CA GLU A 100 -6.87 10.96 -2.50
C GLU A 100 -7.90 9.93 -2.01
N ASP A 101 -7.58 8.63 -2.17
CA ASP A 101 -8.47 7.55 -1.72
C ASP A 101 -8.51 7.43 -0.19
N ILE A 102 -7.34 7.38 0.46
CA ILE A 102 -7.25 7.40 1.95
C ILE A 102 -7.86 8.70 2.54
N ARG A 103 -7.64 9.85 1.87
CA ARG A 103 -8.24 11.14 2.33
C ARG A 103 -9.78 11.08 2.22
N ALA A 104 -10.29 10.27 1.26
CA ALA A 104 -11.73 10.07 1.08
C ALA A 104 -12.30 9.16 2.20
N LYS A 105 -11.54 8.12 2.58
CA LYS A 105 -11.80 7.30 3.78
C LYS A 105 -11.81 8.14 5.07
N LEU A 106 -10.87 9.08 5.15
CA LEU A 106 -10.78 10.08 6.23
C LEU A 106 -12.01 11.03 6.23
N HIS A 107 -12.63 11.20 5.04
CA HIS A 107 -13.91 11.94 4.87
C HIS A 107 -15.13 11.05 5.26
N ALA A 108 -14.89 9.71 5.30
CA ALA A 108 -15.86 8.67 5.74
C ALA A 108 -16.85 8.30 4.62
N HIS A 109 -16.33 8.28 3.39
CA HIS A 109 -17.09 7.88 2.17
C HIS A 109 -16.13 7.18 1.17
N PRO A 110 -16.68 6.41 0.12
CA PRO A 110 -15.88 5.63 -0.86
C PRO A 110 -14.51 6.23 -1.28
N GLY A 111 -13.45 5.51 -0.94
CA GLY A 111 -12.08 5.88 -1.26
C GLY A 111 -11.27 4.63 -1.50
N GLU A 112 -11.74 3.83 -2.46
CA GLU A 112 -11.16 2.52 -2.81
C GLU A 112 -10.20 2.72 -3.99
N PRO A 113 -8.85 2.53 -3.83
CA PRO A 113 -7.87 2.75 -4.93
C PRO A 113 -8.04 1.75 -6.09
N VAL A 114 -8.80 2.15 -7.12
CA VAL A 114 -8.97 1.35 -8.34
C VAL A 114 -7.81 1.68 -9.31
N ASP A 115 -6.76 0.86 -9.20
CA ASP A 115 -5.48 1.05 -9.93
C ASP A 115 -5.48 0.28 -11.27
N LEU A 116 -6.61 0.34 -12.02
CA LEU A 116 -6.75 -0.36 -13.31
C LEU A 116 -5.74 0.14 -14.36
N GLU A 117 -5.33 1.42 -14.24
CA GLU A 117 -4.30 2.03 -15.12
C GLU A 117 -2.88 1.58 -14.70
N ARG A 118 -2.73 1.14 -13.44
CA ARG A 118 -1.45 0.59 -12.93
C ARG A 118 -1.28 -0.87 -13.37
N ILE A 119 -2.39 -1.50 -13.79
CA ILE A 119 -2.43 -2.89 -14.24
C ILE A 119 -1.89 -2.95 -15.68
N ILE A 120 -0.57 -3.17 -15.75
CA ILE A 120 0.17 -3.62 -16.95
C ILE A 120 0.51 -2.45 -17.92
N ARG A 121 -0.23 -1.32 -17.83
CA ARG A 121 -0.05 -0.18 -18.74
C ARG A 121 1.32 0.48 -18.54
N HIS A 122 2.21 0.32 -19.53
CA HIS A 122 3.50 1.02 -19.56
C HIS A 122 3.26 2.48 -19.99
N GLU A 123 4.06 3.40 -19.42
CA GLU A 123 3.92 4.84 -19.64
C GLU A 123 4.91 5.32 -20.70
N GLY A 124 4.38 5.92 -21.78
CA GLY A 124 5.19 6.52 -22.85
C GLY A 124 4.62 7.86 -23.30
N SER A 125 3.76 8.45 -22.44
CA SER A 125 3.13 9.76 -22.66
C SER A 125 2.82 10.39 -21.27
N GLN A 1 0.97 -14.38 -10.66
CA GLN A 1 0.65 -13.31 -9.70
C GLN A 1 1.83 -12.32 -9.58
N GLY A 2 1.53 -11.11 -9.07
CA GLY A 2 2.53 -10.05 -8.95
C GLY A 2 2.10 -8.96 -7.97
N HIS A 3 0.79 -8.66 -7.94
CA HIS A 3 0.21 -7.60 -7.11
C HIS A 3 -1.31 -7.77 -7.00
N MET A 4 -1.88 -7.41 -5.83
CA MET A 4 -3.33 -7.45 -5.59
C MET A 4 -3.72 -6.43 -4.52
N PHE A 5 -4.16 -5.23 -4.93
CA PHE A 5 -4.63 -4.18 -4.02
C PHE A 5 -6.16 -4.21 -3.94
N GLU A 6 -6.68 -3.99 -2.74
CA GLU A 6 -8.11 -3.98 -2.43
C GLU A 6 -8.33 -3.08 -1.18
N PRO A 7 -9.56 -2.51 -0.96
CA PRO A 7 -9.84 -1.69 0.24
C PRO A 7 -9.83 -2.58 1.50
N GLY A 8 -8.64 -2.69 2.11
CA GLY A 8 -8.43 -3.50 3.32
C GLY A 8 -7.17 -4.35 3.30
N HIS A 9 -6.54 -4.51 2.11
CA HIS A 9 -5.40 -5.45 1.95
C HIS A 9 -4.62 -5.19 0.63
N LEU A 10 -3.32 -5.55 0.61
CA LEU A 10 -2.44 -5.47 -0.57
C LEU A 10 -1.48 -6.70 -0.52
N HIS A 11 -1.33 -7.42 -1.64
CA HIS A 11 -0.38 -8.56 -1.75
C HIS A 11 0.74 -8.22 -2.76
N LEU A 12 1.99 -8.51 -2.37
CA LEU A 12 3.18 -8.34 -3.23
C LEU A 12 3.72 -9.72 -3.58
N VAL A 13 3.96 -10.00 -4.89
CA VAL A 13 4.53 -11.28 -5.35
C VAL A 13 5.63 -11.03 -6.41
N SER A 14 6.88 -10.87 -5.94
CA SER A 14 8.05 -11.05 -6.80
C SER A 14 8.51 -12.52 -6.67
N LEU A 15 8.17 -13.32 -7.69
CA LEU A 15 8.50 -14.75 -7.77
C LEU A 15 9.96 -14.94 -8.22
N PRO A 16 10.61 -16.10 -7.88
CA PRO A 16 12.00 -16.37 -8.28
C PRO A 16 12.17 -16.46 -9.82
N GLY A 17 11.27 -17.18 -10.51
CA GLY A 17 11.30 -17.32 -11.97
C GLY A 17 12.61 -17.93 -12.49
N LEU A 18 13.64 -17.08 -12.68
CA LEU A 18 15.02 -17.49 -13.05
C LEU A 18 15.92 -17.56 -11.79
N ASP A 19 15.34 -18.06 -10.68
CA ASP A 19 16.04 -18.26 -9.39
C ASP A 19 16.50 -16.93 -8.76
N GLN A 20 15.53 -16.01 -8.60
CA GLN A 20 15.67 -14.81 -7.74
C GLN A 20 15.49 -15.22 -6.26
N GLN A 21 15.11 -14.26 -5.40
CA GLN A 21 14.66 -14.53 -4.03
C GLN A 21 13.14 -14.44 -4.03
N ASP A 22 12.48 -15.34 -3.29
CA ASP A 22 11.02 -15.43 -3.27
C ASP A 22 10.48 -14.51 -2.18
N ILE A 23 9.78 -13.44 -2.60
CA ILE A 23 9.06 -12.57 -1.68
C ILE A 23 7.55 -12.77 -1.92
N ASN A 24 6.82 -12.81 -0.82
CA ASN A 24 5.36 -12.69 -0.83
C ASN A 24 4.94 -12.10 0.51
N ILE A 25 4.15 -11.01 0.46
CA ILE A 25 3.93 -10.10 1.59
C ILE A 25 2.44 -9.72 1.66
N HIS A 26 1.84 -9.87 2.84
CA HIS A 26 0.48 -9.40 3.12
C HIS A 26 0.61 -8.01 3.74
N ILE A 27 -0.17 -7.04 3.25
CA ILE A 27 -0.28 -5.72 3.86
C ILE A 27 -1.76 -5.54 4.21
N ARG A 28 -2.07 -5.68 5.48
CA ARG A 28 -3.43 -5.52 6.02
C ARG A 28 -3.58 -4.05 6.46
N TYR A 29 -4.76 -3.46 6.22
CA TYR A 29 -5.08 -2.13 6.73
C TYR A 29 -6.58 -1.97 6.97
N GLU A 30 -6.93 -1.34 8.10
CA GLU A 30 -8.32 -1.08 8.50
C GLU A 30 -8.43 0.37 8.99
N VAL A 31 -9.43 1.09 8.47
CA VAL A 31 -9.71 2.47 8.90
C VAL A 31 -10.52 2.43 10.20
N ARG A 32 -9.93 2.98 11.26
CA ARG A 32 -10.50 3.01 12.62
C ARG A 32 -10.34 4.44 13.16
N GLN A 33 -11.03 4.78 14.26
CA GLN A 33 -10.94 6.12 14.88
C GLN A 33 -10.11 6.08 16.19
N ASN A 34 -9.10 6.96 16.27
CA ASN A 34 -8.31 7.22 17.50
C ASN A 34 -8.80 8.56 18.11
N ALA A 35 -8.77 8.67 19.45
CA ALA A 35 -9.25 9.88 20.17
C ALA A 35 -8.30 11.09 20.00
N GLU A 36 -7.09 10.85 19.48
CA GLU A 36 -6.04 11.88 19.34
C GLU A 36 -6.30 12.80 18.14
N SER A 37 -6.46 12.20 16.96
CA SER A 37 -6.53 12.91 15.66
C SER A 37 -7.94 12.79 15.03
N GLY A 38 -8.68 11.75 15.43
CA GLY A 38 -9.92 11.37 14.77
C GLY A 38 -9.73 10.09 13.97
N ALA A 39 -9.88 10.16 12.64
CA ALA A 39 -9.61 9.02 11.75
C ALA A 39 -8.13 8.60 11.78
N TYR A 40 -7.88 7.31 11.57
CA TYR A 40 -6.52 6.75 11.29
C TYR A 40 -6.66 5.39 10.61
N VAL A 41 -5.53 4.82 10.16
CA VAL A 41 -5.51 3.47 9.60
C VAL A 41 -4.47 2.62 10.36
N HIS A 42 -4.95 1.47 10.90
CA HIS A 42 -4.09 0.47 11.55
C HIS A 42 -3.57 -0.50 10.47
N PHE A 43 -2.24 -0.63 10.35
CA PHE A 43 -1.60 -1.52 9.37
C PHE A 43 -0.97 -2.74 10.09
N ASP A 44 -1.13 -3.94 9.49
CA ASP A 44 -0.46 -5.18 9.94
C ASP A 44 0.19 -5.84 8.72
N MET A 45 1.51 -6.04 8.73
CA MET A 45 2.23 -6.69 7.62
C MET A 45 2.86 -8.00 8.10
N ASP A 46 2.63 -9.08 7.34
CA ASP A 46 3.08 -10.44 7.69
C ASP A 46 3.21 -11.28 6.41
N GLY A 47 3.93 -12.38 6.49
CA GLY A 47 4.11 -13.30 5.36
C GLY A 47 5.35 -14.15 5.56
N GLU A 48 6.00 -14.59 4.48
CA GLU A 48 7.27 -15.33 4.57
C GLU A 48 8.15 -15.03 3.35
N ILE A 49 9.22 -14.30 3.61
CA ILE A 49 10.24 -14.01 2.58
C ILE A 49 11.46 -14.93 2.73
N ASP A 50 11.77 -15.66 1.62
CA ASP A 50 12.82 -16.71 1.58
C ASP A 50 12.45 -17.87 2.53
N GLY A 51 11.14 -17.99 2.82
CA GLY A 51 10.61 -18.99 3.73
C GLY A 51 10.62 -18.55 5.18
N LYS A 52 11.05 -17.29 5.44
CA LYS A 52 11.15 -16.73 6.80
C LYS A 52 9.86 -15.98 7.19
N PRO A 53 9.03 -16.54 8.13
CA PRO A 53 7.79 -15.90 8.58
C PRO A 53 8.08 -14.67 9.47
N PHE A 54 7.48 -13.52 9.12
CA PHE A 54 7.77 -12.23 9.77
C PHE A 54 6.46 -11.53 10.16
N SER A 55 6.50 -10.74 11.23
CA SER A 55 5.36 -9.91 11.66
C SER A 55 5.85 -8.52 12.11
N ASP A 56 5.27 -7.48 11.51
CA ASP A 56 5.48 -6.07 11.86
C ASP A 56 4.13 -5.36 11.74
N SER A 57 3.89 -4.35 12.57
CA SER A 57 2.61 -3.60 12.56
C SER A 57 2.87 -2.15 12.97
N PHE A 58 2.19 -1.21 12.29
CA PHE A 58 2.36 0.23 12.51
C PHE A 58 1.02 0.96 12.30
N GLU A 59 0.83 2.08 13.00
CA GLU A 59 -0.41 2.87 12.96
C GLU A 59 -0.08 4.32 12.61
N LEU A 60 -0.81 4.88 11.65
CA LEU A 60 -0.60 6.25 11.19
C LEU A 60 -1.95 6.99 11.24
N PRO A 61 -2.02 8.18 11.94
CA PRO A 61 -3.22 9.05 11.92
C PRO A 61 -3.55 9.52 10.50
N ARG A 62 -4.83 9.89 10.26
CA ARG A 62 -5.32 10.44 8.97
C ARG A 62 -4.38 11.50 8.34
N ASP A 63 -3.62 12.20 9.19
CA ASP A 63 -2.72 13.28 8.76
C ASP A 63 -1.46 12.73 8.05
N THR A 64 -1.07 11.48 8.40
CA THR A 64 0.18 10.84 7.92
C THR A 64 -0.10 9.40 7.42
N ALA A 65 -1.40 9.02 7.34
CA ALA A 65 -1.84 7.69 6.85
C ALA A 65 -1.41 7.44 5.40
N PHE A 66 -1.37 8.54 4.64
CA PHE A 66 -0.94 8.56 3.24
C PHE A 66 0.57 8.32 3.06
N ASN A 67 1.33 8.29 4.17
CA ASN A 67 2.78 8.04 4.17
C ASN A 67 3.05 6.53 4.31
N PHE A 68 1.96 5.73 4.40
CA PHE A 68 2.00 4.27 4.60
C PHE A 68 2.88 3.57 3.57
N ALA A 69 2.77 3.97 2.28
CA ALA A 69 3.50 3.35 1.16
C ALA A 69 5.02 3.39 1.35
N SER A 70 5.52 4.43 2.05
CA SER A 70 6.95 4.59 2.33
C SER A 70 7.39 3.57 3.40
N ASP A 71 6.64 3.52 4.52
CA ASP A 71 6.98 2.66 5.67
C ASP A 71 6.74 1.17 5.36
N ALA A 72 5.60 0.85 4.75
CA ALA A 72 5.31 -0.49 4.18
C ALA A 72 6.46 -1.05 3.32
N THR A 73 7.11 -0.17 2.54
CA THR A 73 8.32 -0.53 1.76
C THR A 73 9.55 -0.74 2.68
N ARG A 74 9.67 0.10 3.74
CA ARG A 74 10.72 -0.02 4.78
C ARG A 74 10.69 -1.40 5.46
N VAL A 75 9.48 -1.81 5.88
CA VAL A 75 9.24 -3.12 6.52
C VAL A 75 9.67 -4.26 5.57
N ALA A 76 9.22 -4.15 4.33
CA ALA A 76 9.38 -5.20 3.31
C ALA A 76 10.86 -5.41 2.91
N GLN A 77 11.60 -4.29 2.76
CA GLN A 77 13.01 -4.30 2.31
C GLN A 77 13.94 -4.84 3.40
N LYS A 78 13.63 -4.52 4.68
CA LYS A 78 14.38 -5.03 5.86
C LYS A 78 14.23 -6.55 5.99
N HIS A 79 13.11 -7.10 5.50
CA HIS A 79 12.84 -8.55 5.54
C HIS A 79 13.19 -9.23 4.21
N GLY A 80 13.80 -8.48 3.27
CA GLY A 80 14.29 -9.02 2.01
C GLY A 80 13.37 -8.70 0.85
N LEU A 81 13.64 -7.60 0.13
CA LEU A 81 12.85 -7.22 -1.04
C LEU A 81 13.75 -6.61 -2.12
N HIS A 82 13.37 -6.87 -3.39
CA HIS A 82 14.00 -6.27 -4.58
C HIS A 82 12.92 -5.52 -5.41
N PRO A 83 12.59 -4.23 -5.02
CA PRO A 83 11.54 -3.43 -5.69
C PRO A 83 11.96 -2.92 -7.08
N LYS A 84 13.27 -2.76 -7.27
CA LYS A 84 13.86 -2.27 -8.52
C LYS A 84 14.03 -3.43 -9.52
N PHE A 85 14.64 -4.53 -9.02
CA PHE A 85 14.98 -5.71 -9.83
C PHE A 85 13.72 -6.50 -10.26
N GLY A 86 12.59 -6.26 -9.58
CA GLY A 86 11.30 -6.88 -9.95
C GLY A 86 10.85 -6.53 -11.38
N ALA A 87 11.22 -5.32 -11.84
CA ALA A 87 10.99 -4.84 -13.22
C ALA A 87 9.48 -4.71 -13.57
N ILE A 88 8.62 -4.71 -12.54
CA ILE A 88 7.17 -4.62 -12.69
C ILE A 88 6.79 -3.16 -13.05
N THR A 89 6.35 -2.95 -14.31
CA THR A 89 5.90 -1.64 -14.81
C THR A 89 4.55 -1.23 -14.19
N ARG A 90 3.78 -2.25 -13.75
CA ARG A 90 2.54 -2.06 -12.98
C ARG A 90 2.89 -1.86 -11.50
N VAL A 91 1.98 -1.20 -10.73
CA VAL A 91 2.16 -0.83 -9.29
C VAL A 91 3.56 -0.25 -8.96
N HIS A 92 4.16 0.39 -9.98
CA HIS A 92 5.53 0.90 -9.91
C HIS A 92 5.52 2.33 -9.37
N LYS A 93 4.53 3.14 -9.82
CA LYS A 93 4.36 4.54 -9.40
C LYS A 93 2.88 4.84 -9.11
N GLU A 94 2.11 3.80 -8.72
CA GLU A 94 0.65 3.90 -8.46
C GLU A 94 0.35 4.42 -7.04
N TYR A 95 1.26 5.26 -6.50
CA TYR A 95 1.12 5.91 -5.20
C TYR A 95 -0.21 6.67 -5.13
N ASP A 96 -0.52 7.37 -6.23
CA ASP A 96 -1.72 8.22 -6.37
C ASP A 96 -3.03 7.42 -6.27
N ALA A 97 -3.02 6.16 -6.73
CA ALA A 97 -4.24 5.32 -6.79
C ALA A 97 -4.66 4.90 -5.37
N MET A 98 -3.69 4.32 -4.65
CA MET A 98 -3.83 3.95 -3.22
C MET A 98 -4.10 5.19 -2.33
N PHE A 99 -3.51 6.33 -2.72
CA PHE A 99 -3.66 7.62 -2.01
C PHE A 99 -5.14 8.06 -2.05
N GLU A 100 -5.70 8.13 -3.27
CA GLU A 100 -7.08 8.56 -3.52
C GLU A 100 -8.11 7.54 -3.02
N ASP A 101 -7.71 6.26 -2.98
CA ASP A 101 -8.55 5.18 -2.44
C ASP A 101 -8.79 5.39 -0.93
N ILE A 102 -7.67 5.44 -0.18
CA ILE A 102 -7.66 5.70 1.27
C ILE A 102 -8.29 7.06 1.67
N ARG A 103 -8.08 8.15 0.87
CA ARG A 103 -8.65 9.50 1.22
C ARG A 103 -10.18 9.48 1.20
N ALA A 104 -10.74 8.68 0.28
CA ALA A 104 -12.18 8.56 0.08
C ALA A 104 -12.81 7.77 1.24
N LYS A 105 -12.19 6.63 1.57
CA LYS A 105 -12.58 5.77 2.72
C LYS A 105 -12.52 6.56 4.05
N LEU A 106 -11.48 7.39 4.21
CA LEU A 106 -11.28 8.22 5.42
C LEU A 106 -12.38 9.28 5.57
N HIS A 107 -12.83 9.87 4.44
CA HIS A 107 -13.94 10.84 4.44
C HIS A 107 -15.30 10.12 4.67
N ALA A 108 -15.38 8.85 4.21
CA ALA A 108 -16.52 7.92 4.47
C ALA A 108 -17.84 8.34 3.80
N HIS A 109 -17.79 9.37 2.94
CA HIS A 109 -18.99 9.96 2.29
C HIS A 109 -18.64 10.35 0.84
N PRO A 110 -19.64 10.35 -0.12
CA PRO A 110 -19.44 10.80 -1.52
C PRO A 110 -18.83 12.22 -1.63
N GLY A 111 -17.49 12.27 -1.72
CA GLY A 111 -16.72 13.50 -1.83
C GLY A 111 -15.37 13.27 -2.47
N GLU A 112 -15.32 12.24 -3.34
CA GLU A 112 -14.09 11.77 -4.00
C GLU A 112 -13.76 12.65 -5.24
N PRO A 113 -12.44 12.85 -5.56
CA PRO A 113 -12.00 13.59 -6.77
C PRO A 113 -11.85 12.65 -7.99
N VAL A 114 -11.22 13.16 -9.06
CA VAL A 114 -10.90 12.35 -10.26
C VAL A 114 -9.38 12.35 -10.49
N ASP A 115 -8.87 11.22 -10.97
CA ASP A 115 -7.42 10.93 -11.08
C ASP A 115 -6.79 11.49 -12.37
N LEU A 116 -7.60 12.08 -13.29
CA LEU A 116 -7.06 12.66 -14.56
C LEU A 116 -6.15 13.86 -14.27
N GLU A 117 -6.48 14.62 -13.21
CA GLU A 117 -5.73 15.83 -12.80
C GLU A 117 -4.51 15.46 -11.92
N ARG A 118 -4.36 14.16 -11.63
CA ARG A 118 -3.29 13.65 -10.74
C ARG A 118 -2.00 13.40 -11.53
N ILE A 119 -2.13 13.25 -12.85
CA ILE A 119 -0.98 13.17 -13.77
C ILE A 119 -0.48 14.59 -14.03
N ILE A 120 -1.38 15.43 -14.61
CA ILE A 120 -1.09 16.82 -14.94
C ILE A 120 -1.67 17.73 -13.83
N ARG A 121 -0.81 18.09 -12.85
CA ARG A 121 -1.23 18.90 -11.70
C ARG A 121 -1.22 20.39 -12.07
N HIS A 122 -0.02 20.95 -12.29
CA HIS A 122 0.17 22.34 -12.79
C HIS A 122 1.63 22.56 -13.19
N GLU A 123 1.80 23.06 -14.44
CA GLU A 123 3.09 23.52 -15.07
C GLU A 123 4.40 22.96 -14.44
N GLY A 124 4.78 23.55 -13.30
CA GLY A 124 6.07 23.29 -12.64
C GLY A 124 6.73 24.59 -12.18
N SER A 125 5.89 25.58 -11.88
CA SER A 125 6.29 26.92 -11.41
C SER A 125 6.20 26.97 -9.86
N GLN A 1 -0.02 -13.73 -11.42
CA GLN A 1 -0.54 -14.15 -10.09
C GLN A 1 0.33 -13.53 -8.98
N GLY A 2 -0.02 -13.84 -7.72
CA GLY A 2 0.71 -13.35 -6.56
C GLY A 2 0.41 -11.90 -6.24
N HIS A 3 1.07 -10.96 -6.97
CA HIS A 3 0.94 -9.51 -6.71
C HIS A 3 -0.53 -9.05 -6.91
N MET A 4 -1.08 -8.41 -5.88
CA MET A 4 -2.49 -7.96 -5.87
C MET A 4 -2.59 -6.56 -5.22
N PHE A 5 -3.70 -5.88 -5.51
CA PHE A 5 -4.09 -4.63 -4.84
C PHE A 5 -5.63 -4.57 -4.82
N GLU A 6 -6.17 -4.27 -3.63
CA GLU A 6 -7.62 -4.22 -3.37
C GLU A 6 -7.89 -3.24 -2.20
N PRO A 7 -9.16 -2.75 -2.04
CA PRO A 7 -9.57 -1.95 -0.87
C PRO A 7 -9.30 -2.67 0.47
N GLY A 8 -8.19 -2.29 1.13
CA GLY A 8 -7.84 -2.79 2.47
C GLY A 8 -6.65 -3.73 2.51
N HIS A 9 -6.11 -4.12 1.34
CA HIS A 9 -5.04 -5.15 1.26
C HIS A 9 -4.25 -5.05 -0.06
N LEU A 10 -2.98 -5.48 -0.02
CA LEU A 10 -2.03 -5.53 -1.15
C LEU A 10 -1.11 -6.75 -0.94
N HIS A 11 -0.63 -7.38 -2.02
CA HIS A 11 0.24 -8.58 -1.94
C HIS A 11 1.52 -8.38 -2.77
N LEU A 12 2.67 -8.85 -2.22
CA LEU A 12 4.01 -8.80 -2.85
C LEU A 12 4.58 -10.24 -2.86
N VAL A 13 5.16 -10.65 -4.01
CA VAL A 13 5.78 -11.97 -4.19
C VAL A 13 7.12 -11.84 -4.97
N SER A 14 8.19 -12.37 -4.34
CA SER A 14 9.49 -12.65 -5.01
C SER A 14 9.29 -13.17 -6.47
N LEU A 15 9.77 -12.36 -7.43
CA LEU A 15 9.46 -12.52 -8.87
C LEU A 15 10.77 -12.49 -9.70
N PRO A 16 10.74 -13.01 -10.99
CA PRO A 16 11.91 -13.01 -11.92
C PRO A 16 12.56 -11.61 -12.04
N GLY A 17 13.74 -11.50 -11.43
CA GLY A 17 14.50 -10.26 -11.32
C GLY A 17 15.40 -10.29 -10.10
N LEU A 18 14.89 -10.92 -9.03
CA LEU A 18 15.64 -11.10 -7.75
C LEU A 18 16.51 -12.38 -7.85
N ASP A 19 15.87 -13.54 -7.57
CA ASP A 19 16.46 -14.89 -7.57
C ASP A 19 15.35 -15.86 -7.10
N GLN A 20 15.64 -17.18 -7.07
CA GLN A 20 14.70 -18.20 -6.56
C GLN A 20 14.71 -18.23 -5.00
N GLN A 21 14.33 -17.09 -4.39
CA GLN A 21 14.20 -16.93 -2.94
C GLN A 21 12.72 -16.74 -2.63
N ASP A 22 12.26 -17.23 -1.50
CA ASP A 22 10.84 -17.23 -1.15
C ASP A 22 10.51 -16.01 -0.27
N ILE A 23 10.19 -14.86 -0.90
CA ILE A 23 9.68 -13.68 -0.16
C ILE A 23 8.17 -13.58 -0.47
N ASN A 24 7.38 -13.47 0.60
CA ASN A 24 5.92 -13.32 0.53
C ASN A 24 5.55 -12.27 1.56
N ILE A 25 4.73 -11.28 1.16
CA ILE A 25 4.39 -10.11 2.01
C ILE A 25 2.95 -9.71 1.74
N HIS A 26 2.20 -9.43 2.81
CA HIS A 26 0.85 -8.86 2.75
C HIS A 26 0.97 -7.44 3.33
N ILE A 27 0.27 -6.47 2.74
CA ILE A 27 0.18 -5.10 3.26
C ILE A 27 -1.30 -4.75 3.35
N ARG A 28 -1.82 -4.72 4.58
CA ARG A 28 -3.20 -4.34 4.89
C ARG A 28 -3.21 -2.88 5.33
N TYR A 29 -4.24 -2.13 4.92
CA TYR A 29 -4.52 -0.80 5.49
C TYR A 29 -5.97 -0.80 5.96
N GLU A 30 -6.18 -0.60 7.27
CA GLU A 30 -7.50 -0.64 7.90
C GLU A 30 -7.72 0.67 8.66
N VAL A 31 -8.68 1.50 8.21
CA VAL A 31 -9.01 2.76 8.86
C VAL A 31 -9.90 2.48 10.08
N ARG A 32 -9.40 2.83 11.26
CA ARG A 32 -10.12 2.75 12.55
C ARG A 32 -10.15 4.17 13.15
N GLN A 33 -11.08 4.47 14.05
CA GLN A 33 -11.24 5.81 14.62
C GLN A 33 -10.75 5.84 16.09
N ASN A 34 -9.75 6.70 16.38
CA ASN A 34 -9.28 6.96 17.76
C ASN A 34 -9.87 8.29 18.25
N ALA A 35 -10.18 8.39 19.55
CA ALA A 35 -10.74 9.61 20.16
C ALA A 35 -9.75 10.80 20.17
N GLU A 36 -8.45 10.47 20.00
CA GLU A 36 -7.34 11.44 20.11
C GLU A 36 -7.27 12.41 18.90
N SER A 37 -7.35 11.86 17.68
CA SER A 37 -7.14 12.63 16.43
C SER A 37 -8.21 12.30 15.37
N GLY A 38 -9.06 11.29 15.66
CA GLY A 38 -10.15 10.88 14.76
C GLY A 38 -9.74 9.70 13.90
N ALA A 39 -9.82 9.85 12.58
CA ALA A 39 -9.42 8.79 11.63
C ALA A 39 -7.90 8.50 11.70
N TYR A 40 -7.56 7.21 11.85
CA TYR A 40 -6.17 6.71 11.75
C TYR A 40 -6.20 5.37 11.02
N VAL A 41 -5.05 4.92 10.50
CA VAL A 41 -4.97 3.63 9.78
C VAL A 41 -3.99 2.69 10.50
N HIS A 42 -4.47 1.47 10.80
CA HIS A 42 -3.64 0.35 11.21
C HIS A 42 -3.11 -0.33 9.93
N PHE A 43 -1.81 -0.16 9.67
CA PHE A 43 -1.15 -0.85 8.56
C PHE A 43 -0.50 -2.12 9.12
N ASP A 44 -0.97 -3.27 8.64
CA ASP A 44 -0.52 -4.59 9.11
C ASP A 44 0.28 -5.26 7.99
N MET A 45 1.45 -5.86 8.30
CA MET A 45 2.24 -6.61 7.30
C MET A 45 2.61 -8.00 7.85
N ASP A 46 2.34 -9.06 7.06
CA ASP A 46 2.68 -10.46 7.43
C ASP A 46 2.97 -11.28 6.17
N GLY A 47 3.78 -12.33 6.28
CA GLY A 47 4.10 -13.22 5.15
C GLY A 47 5.19 -14.19 5.51
N GLU A 48 6.07 -14.56 4.55
CA GLU A 48 7.26 -15.39 4.85
C GLU A 48 8.42 -15.14 3.85
N ILE A 49 9.47 -14.50 4.38
CA ILE A 49 10.72 -14.22 3.61
C ILE A 49 11.83 -15.20 3.96
N ASP A 50 12.43 -15.82 2.91
CA ASP A 50 13.37 -16.95 2.99
C ASP A 50 12.61 -18.19 3.53
N GLY A 51 11.28 -18.17 3.33
CA GLY A 51 10.37 -19.18 3.89
C GLY A 51 10.05 -18.95 5.37
N LYS A 52 10.57 -17.84 5.93
CA LYS A 52 10.49 -17.53 7.37
C LYS A 52 9.32 -16.56 7.65
N PRO A 53 8.23 -17.05 8.34
CA PRO A 53 7.03 -16.22 8.62
C PRO A 53 7.34 -15.02 9.54
N PHE A 54 6.67 -13.89 9.27
CA PHE A 54 6.87 -12.64 10.03
C PHE A 54 5.53 -11.90 10.16
N SER A 55 5.42 -11.06 11.19
CA SER A 55 4.25 -10.20 11.41
C SER A 55 4.67 -8.90 12.11
N ASP A 56 4.21 -7.78 11.56
CA ASP A 56 4.49 -6.40 12.02
C ASP A 56 3.24 -5.54 11.87
N SER A 57 3.19 -4.41 12.59
CA SER A 57 2.13 -3.40 12.46
C SER A 57 2.71 -2.00 12.77
N PHE A 58 2.30 -1.00 11.97
CA PHE A 58 2.61 0.42 12.18
C PHE A 58 1.33 1.23 11.92
N GLU A 59 1.02 2.15 12.83
CA GLU A 59 -0.24 2.92 12.80
C GLU A 59 0.10 4.39 12.54
N LEU A 60 -0.51 4.96 11.49
CA LEU A 60 -0.30 6.34 11.09
C LEU A 60 -1.67 7.04 10.99
N PRO A 61 -1.89 8.20 11.69
CA PRO A 61 -3.17 8.97 11.59
C PRO A 61 -3.40 9.53 10.17
N ARG A 62 -4.62 10.01 9.89
CA ARG A 62 -4.97 10.71 8.62
C ARG A 62 -3.94 11.82 8.23
N ASP A 63 -3.27 12.37 9.25
CA ASP A 63 -2.21 13.39 9.09
C ASP A 63 -0.94 12.83 8.38
N THR A 64 -0.57 11.58 8.69
CA THR A 64 0.74 10.98 8.26
C THR A 64 0.56 9.60 7.58
N ALA A 65 -0.72 9.19 7.36
CA ALA A 65 -1.08 7.88 6.75
C ALA A 65 -0.42 7.66 5.38
N PHE A 66 -0.37 8.76 4.62
CA PHE A 66 0.14 8.79 3.23
C PHE A 66 1.68 8.64 3.12
N ASN A 67 2.37 8.47 4.26
CA ASN A 67 3.83 8.18 4.31
C ASN A 67 4.10 6.67 4.37
N PHE A 68 3.01 5.88 4.39
CA PHE A 68 3.04 4.42 4.62
C PHE A 68 3.97 3.67 3.66
N ALA A 69 4.11 4.12 2.39
CA ALA A 69 4.91 3.41 1.36
C ALA A 69 6.37 3.23 1.78
N SER A 70 6.89 4.21 2.53
CA SER A 70 8.29 4.22 2.97
C SER A 70 8.50 3.18 4.10
N ASP A 71 7.49 3.08 5.00
CA ASP A 71 7.48 2.09 6.10
C ASP A 71 7.23 0.66 5.57
N ALA A 72 6.14 0.51 4.81
CA ALA A 72 5.79 -0.72 4.06
C ALA A 72 6.96 -1.30 3.23
N THR A 73 7.86 -0.41 2.76
CA THR A 73 9.12 -0.82 2.10
C THR A 73 10.20 -1.18 3.15
N ARG A 74 10.29 -0.38 4.23
CA ARG A 74 11.33 -0.54 5.28
C ARG A 74 11.17 -1.89 6.03
N VAL A 75 9.91 -2.26 6.34
CA VAL A 75 9.55 -3.55 6.99
C VAL A 75 9.80 -4.72 6.01
N ALA A 76 9.48 -4.48 4.73
CA ALA A 76 9.58 -5.48 3.65
C ALA A 76 11.04 -5.91 3.44
N GLN A 77 11.91 -4.90 3.37
CA GLN A 77 13.34 -5.08 3.06
C GLN A 77 14.10 -5.59 4.30
N LYS A 78 13.66 -5.13 5.49
CA LYS A 78 14.22 -5.51 6.81
C LYS A 78 14.35 -7.04 6.99
N HIS A 79 13.26 -7.76 6.67
CA HIS A 79 13.16 -9.21 6.94
C HIS A 79 13.88 -10.07 5.87
N GLY A 80 14.72 -9.44 5.02
CA GLY A 80 15.62 -10.16 4.10
C GLY A 80 15.22 -10.00 2.66
N LEU A 81 15.03 -8.75 2.24
CA LEU A 81 14.60 -8.40 0.88
C LEU A 81 15.31 -7.11 0.42
N HIS A 82 15.44 -6.96 -0.90
CA HIS A 82 15.94 -5.75 -1.56
C HIS A 82 15.43 -5.76 -3.02
N PRO A 83 14.15 -5.31 -3.27
CA PRO A 83 13.49 -5.47 -4.58
C PRO A 83 13.91 -4.35 -5.56
N LYS A 84 15.06 -4.53 -6.22
CA LYS A 84 15.59 -3.54 -7.18
C LYS A 84 14.82 -3.59 -8.52
N PHE A 85 14.34 -4.79 -8.90
CA PHE A 85 13.46 -4.96 -10.09
C PHE A 85 11.99 -4.69 -9.70
N GLY A 86 11.63 -5.06 -8.46
CA GLY A 86 10.26 -4.88 -7.95
C GLY A 86 9.89 -3.42 -7.72
N ALA A 87 10.83 -2.67 -7.12
CA ALA A 87 10.64 -1.26 -6.74
C ALA A 87 12.00 -0.54 -6.66
N ILE A 88 12.49 -0.06 -7.81
CA ILE A 88 13.79 0.64 -7.91
C ILE A 88 13.67 2.07 -7.33
N THR A 89 12.50 2.70 -7.54
CA THR A 89 12.22 4.06 -7.05
C THR A 89 11.54 4.03 -5.65
N ARG A 90 11.15 2.80 -5.20
CA ARG A 90 10.40 2.56 -3.94
C ARG A 90 8.93 2.99 -4.08
N VAL A 91 8.71 4.29 -4.30
CA VAL A 91 7.40 4.84 -4.63
C VAL A 91 7.03 4.48 -6.10
N HIS A 92 6.12 3.50 -6.25
CA HIS A 92 5.61 3.02 -7.54
C HIS A 92 4.70 4.10 -8.20
N LYS A 93 4.46 3.99 -9.52
CA LYS A 93 3.44 4.81 -10.22
C LYS A 93 2.04 4.40 -9.72
N GLU A 94 0.97 5.08 -10.21
CA GLU A 94 -0.46 4.88 -9.77
C GLU A 94 -0.64 4.92 -8.23
N TYR A 95 0.37 5.49 -7.53
CA TYR A 95 0.39 5.65 -6.08
C TYR A 95 -0.55 6.77 -5.68
N ASP A 96 -0.70 7.78 -6.56
CA ASP A 96 -1.64 8.89 -6.40
C ASP A 96 -3.10 8.37 -6.43
N ALA A 97 -3.34 7.28 -7.19
CA ALA A 97 -4.66 6.64 -7.27
C ALA A 97 -5.00 5.93 -5.93
N MET A 98 -4.02 5.16 -5.41
CA MET A 98 -4.12 4.50 -4.08
C MET A 98 -4.23 5.54 -2.95
N PHE A 99 -3.48 6.63 -3.10
CA PHE A 99 -3.49 7.82 -2.22
C PHE A 99 -4.93 8.35 -2.07
N GLU A 100 -5.58 8.55 -3.24
CA GLU A 100 -6.96 9.04 -3.32
C GLU A 100 -7.97 8.05 -2.73
N ASP A 101 -7.67 6.75 -2.88
CA ASP A 101 -8.52 5.68 -2.38
C ASP A 101 -8.53 5.69 -0.83
N ILE A 102 -7.33 5.73 -0.24
CA ILE A 102 -7.13 5.80 1.23
C ILE A 102 -7.66 7.12 1.83
N ARG A 103 -7.46 8.27 1.13
CA ARG A 103 -7.90 9.61 1.62
C ARG A 103 -9.44 9.70 1.62
N ALA A 104 -10.06 8.98 0.66
CA ALA A 104 -11.53 8.88 0.55
C ALA A 104 -12.07 8.00 1.69
N LYS A 105 -11.39 6.87 1.93
CA LYS A 105 -11.71 5.93 3.00
C LYS A 105 -11.58 6.56 4.41
N LEU A 106 -10.59 7.45 4.57
CA LEU A 106 -10.34 8.19 5.81
C LEU A 106 -11.48 9.20 6.14
N HIS A 107 -12.18 9.66 5.10
CA HIS A 107 -13.38 10.52 5.22
C HIS A 107 -14.59 9.67 5.76
N ALA A 108 -14.45 8.33 5.66
CA ALA A 108 -15.47 7.34 6.10
C ALA A 108 -16.73 7.43 5.21
N HIS A 109 -16.49 7.85 3.96
CA HIS A 109 -17.54 8.11 2.95
C HIS A 109 -16.97 7.78 1.56
N PRO A 110 -17.79 7.17 0.62
CA PRO A 110 -17.32 6.76 -0.71
C PRO A 110 -16.95 7.98 -1.60
N GLY A 111 -15.65 8.35 -1.57
CA GLY A 111 -15.14 9.52 -2.30
C GLY A 111 -14.79 9.18 -3.74
N GLU A 112 -15.82 8.87 -4.52
CA GLU A 112 -15.70 8.47 -5.92
C GLU A 112 -15.76 9.70 -6.85
N PRO A 113 -14.74 9.93 -7.74
CA PRO A 113 -14.77 10.99 -8.78
C PRO A 113 -15.68 10.58 -9.97
N VAL A 114 -15.99 11.55 -10.85
CA VAL A 114 -16.84 11.33 -12.04
C VAL A 114 -16.36 12.22 -13.19
N ASP A 115 -16.58 11.77 -14.43
CA ASP A 115 -16.22 12.53 -15.64
C ASP A 115 -17.51 12.85 -16.43
N LEU A 116 -18.34 13.73 -15.84
CA LEU A 116 -19.55 14.29 -16.52
C LEU A 116 -19.25 15.68 -17.10
N GLU A 117 -18.31 16.40 -16.46
CA GLU A 117 -18.00 17.81 -16.75
C GLU A 117 -17.22 17.98 -18.07
N ARG A 118 -16.32 17.03 -18.36
CA ARG A 118 -15.37 17.14 -19.48
C ARG A 118 -16.08 16.97 -20.85
N ILE A 119 -17.33 16.48 -20.82
CA ILE A 119 -18.17 16.31 -22.01
C ILE A 119 -18.69 17.69 -22.47
N ILE A 120 -19.32 18.41 -21.53
CA ILE A 120 -19.84 19.77 -21.75
C ILE A 120 -19.05 20.73 -20.86
N ARG A 121 -17.97 21.32 -21.40
CA ARG A 121 -17.04 22.19 -20.65
C ARG A 121 -16.96 23.58 -21.31
N HIS A 122 -16.74 23.60 -22.64
CA HIS A 122 -16.70 24.84 -23.43
C HIS A 122 -17.01 24.54 -24.91
N GLU A 123 -17.87 25.39 -25.52
CA GLU A 123 -18.14 25.36 -26.97
C GLU A 123 -17.35 26.51 -27.63
N GLY A 124 -17.66 27.75 -27.22
CA GLY A 124 -17.03 28.96 -27.75
C GLY A 124 -17.05 30.10 -26.75
N SER A 125 -16.90 31.34 -27.25
CA SER A 125 -16.87 32.58 -26.44
C SER A 125 -15.66 32.57 -25.45
N GLN A 1 -4.28 -12.66 -10.19
CA GLN A 1 -3.13 -13.21 -9.44
C GLN A 1 -1.84 -12.45 -9.82
N GLY A 2 -0.97 -12.21 -8.82
CA GLY A 2 0.28 -11.46 -9.01
C GLY A 2 0.25 -10.15 -8.25
N HIS A 3 -0.65 -9.24 -8.68
CA HIS A 3 -0.83 -7.91 -8.07
C HIS A 3 -2.32 -7.63 -7.91
N MET A 4 -2.82 -7.72 -6.66
CA MET A 4 -4.24 -7.52 -6.34
C MET A 4 -4.41 -6.34 -5.37
N PHE A 5 -4.96 -5.22 -5.87
CA PHE A 5 -5.36 -4.09 -5.02
C PHE A 5 -6.89 -4.06 -4.93
N GLU A 6 -7.39 -3.86 -3.70
CA GLU A 6 -8.82 -3.71 -3.40
C GLU A 6 -8.97 -2.72 -2.22
N PRO A 7 -10.15 -2.02 -2.08
CA PRO A 7 -10.44 -1.18 -0.90
C PRO A 7 -10.33 -1.97 0.43
N GLY A 8 -9.29 -1.67 1.22
CA GLY A 8 -9.06 -2.29 2.54
C GLY A 8 -7.82 -3.18 2.57
N HIS A 9 -7.39 -3.71 1.41
CA HIS A 9 -6.32 -4.73 1.33
C HIS A 9 -5.50 -4.63 0.02
N LEU A 10 -4.19 -4.86 0.15
CA LEU A 10 -3.24 -4.99 -0.96
C LEU A 10 -2.51 -6.33 -0.82
N HIS A 11 -2.29 -7.05 -1.93
CA HIS A 11 -1.49 -8.28 -1.97
C HIS A 11 -0.42 -8.17 -3.08
N LEU A 12 0.86 -8.22 -2.66
CA LEU A 12 2.01 -8.10 -3.58
C LEU A 12 2.88 -9.36 -3.49
N VAL A 13 2.86 -10.16 -4.56
CA VAL A 13 3.81 -11.29 -4.78
C VAL A 13 4.61 -10.97 -6.05
N SER A 14 5.67 -11.73 -6.37
CA SER A 14 6.36 -11.60 -7.66
C SER A 14 5.70 -12.63 -8.59
N LEU A 15 5.27 -12.18 -9.80
CA LEU A 15 4.48 -13.02 -10.73
C LEU A 15 5.28 -14.30 -11.13
N PRO A 16 4.59 -15.49 -11.31
CA PRO A 16 5.26 -16.78 -11.59
C PRO A 16 5.79 -16.88 -13.05
N GLY A 17 6.23 -18.10 -13.43
CA GLY A 17 6.84 -18.36 -14.73
C GLY A 17 8.34 -18.54 -14.60
N LEU A 18 9.02 -17.47 -14.15
CA LEU A 18 10.44 -17.50 -13.78
C LEU A 18 10.55 -17.45 -12.25
N ASP A 19 11.28 -18.42 -11.67
CA ASP A 19 11.55 -18.45 -10.22
C ASP A 19 12.62 -17.42 -9.86
N GLN A 20 12.18 -16.16 -9.67
CA GLN A 20 13.06 -15.05 -9.30
C GLN A 20 13.36 -15.14 -7.79
N GLN A 21 12.38 -14.75 -6.96
CA GLN A 21 12.50 -14.70 -5.51
C GLN A 21 11.11 -14.84 -4.87
N ASP A 22 11.06 -15.45 -3.69
CA ASP A 22 9.80 -15.81 -3.01
C ASP A 22 9.33 -14.63 -2.12
N ILE A 23 9.11 -13.47 -2.72
CA ILE A 23 8.53 -12.31 -2.03
C ILE A 23 7.00 -12.38 -2.16
N ASN A 24 6.33 -12.44 -1.01
CA ASN A 24 4.87 -12.53 -0.93
C ASN A 24 4.40 -11.85 0.37
N ILE A 25 3.63 -10.78 0.19
CA ILE A 25 3.28 -9.84 1.26
C ILE A 25 1.81 -9.47 1.11
N HIS A 26 1.11 -9.27 2.22
CA HIS A 26 -0.25 -8.72 2.22
C HIS A 26 -0.35 -7.61 3.27
N ILE A 27 -0.82 -6.43 2.82
CA ILE A 27 -0.93 -5.22 3.62
C ILE A 27 -2.42 -4.94 3.89
N ARG A 28 -2.79 -4.84 5.17
CA ARG A 28 -4.15 -4.49 5.61
C ARG A 28 -4.13 -3.09 6.22
N TYR A 29 -4.87 -2.15 5.62
CA TYR A 29 -5.01 -0.79 6.14
C TYR A 29 -6.45 -0.60 6.61
N GLU A 30 -6.59 -0.31 7.92
CA GLU A 30 -7.89 -0.21 8.60
C GLU A 30 -8.04 1.19 9.21
N VAL A 31 -8.99 1.97 8.70
CA VAL A 31 -9.28 3.32 9.23
C VAL A 31 -10.15 3.22 10.49
N ARG A 32 -9.63 3.77 11.60
CA ARG A 32 -10.27 3.74 12.92
C ARG A 32 -10.03 5.12 13.57
N GLN A 33 -10.81 5.44 14.62
CA GLN A 33 -10.67 6.70 15.36
C GLN A 33 -10.13 6.41 16.79
N ASN A 34 -8.93 6.95 17.10
CA ASN A 34 -8.34 6.93 18.47
C ASN A 34 -8.50 8.30 19.13
N ALA A 35 -8.67 8.32 20.46
CA ALA A 35 -8.87 9.56 21.24
C ALA A 35 -7.57 10.40 21.30
N GLU A 36 -6.42 9.75 21.05
CA GLU A 36 -5.10 10.38 21.08
C GLU A 36 -4.90 11.35 19.91
N SER A 37 -5.12 10.86 18.68
CA SER A 37 -4.78 11.61 17.44
C SER A 37 -6.01 11.89 16.56
N GLY A 38 -7.20 11.47 17.02
CA GLY A 38 -8.43 11.61 16.22
C GLY A 38 -8.56 10.46 15.23
N ALA A 39 -8.59 10.77 13.94
CA ALA A 39 -8.55 9.75 12.87
C ALA A 39 -7.14 9.17 12.74
N TYR A 40 -7.05 7.87 12.42
CA TYR A 40 -5.77 7.21 12.08
C TYR A 40 -6.01 5.93 11.28
N VAL A 41 -4.93 5.35 10.73
CA VAL A 41 -4.98 4.07 10.02
C VAL A 41 -3.99 3.08 10.68
N HIS A 42 -4.46 1.86 10.92
CA HIS A 42 -3.65 0.75 11.40
C HIS A 42 -3.22 -0.10 10.20
N PHE A 43 -1.94 -0.46 10.13
CA PHE A 43 -1.38 -1.24 9.00
C PHE A 43 -0.82 -2.57 9.50
N ASP A 44 -1.13 -3.66 8.79
CA ASP A 44 -0.58 -5.00 9.02
C ASP A 44 0.26 -5.43 7.81
N MET A 45 1.40 -6.07 8.06
CA MET A 45 2.20 -6.73 7.00
C MET A 45 2.64 -8.11 7.52
N ASP A 46 2.38 -9.16 6.74
CA ASP A 46 2.66 -10.57 7.12
C ASP A 46 2.76 -11.42 5.84
N GLY A 47 3.43 -12.57 5.97
CA GLY A 47 3.56 -13.53 4.89
C GLY A 47 4.84 -14.31 5.05
N GLU A 48 5.66 -14.32 3.99
CA GLU A 48 7.00 -14.91 4.01
C GLU A 48 7.81 -14.33 2.85
N ILE A 49 9.14 -14.46 2.88
CA ILE A 49 10.04 -13.70 2.00
C ILE A 49 11.31 -14.55 1.96
N ASP A 50 11.58 -15.22 0.81
CA ASP A 50 12.58 -16.31 0.69
C ASP A 50 12.12 -17.51 1.57
N GLY A 51 10.79 -17.75 1.55
CA GLY A 51 10.17 -18.83 2.34
C GLY A 51 10.05 -18.58 3.85
N LYS A 52 10.81 -17.61 4.38
CA LYS A 52 10.89 -17.36 5.83
C LYS A 52 9.79 -16.38 6.27
N PRO A 53 8.90 -16.76 7.24
CA PRO A 53 7.72 -15.95 7.62
C PRO A 53 8.08 -14.67 8.41
N PHE A 54 7.22 -13.65 8.29
CA PHE A 54 7.35 -12.37 9.03
C PHE A 54 5.95 -11.86 9.39
N SER A 55 5.81 -11.20 10.54
CA SER A 55 4.55 -10.57 10.98
C SER A 55 4.86 -9.27 11.74
N ASP A 56 4.46 -8.14 11.17
CA ASP A 56 4.70 -6.78 11.69
C ASP A 56 3.38 -5.99 11.62
N SER A 57 3.30 -4.92 12.42
CA SER A 57 2.19 -3.95 12.36
C SER A 57 2.66 -2.57 12.81
N PHE A 58 2.25 -1.52 12.07
CA PHE A 58 2.56 -0.12 12.38
C PHE A 58 1.31 0.74 12.19
N GLU A 59 1.12 1.73 13.07
CA GLU A 59 -0.06 2.62 13.04
C GLU A 59 0.41 4.05 12.74
N LEU A 60 -0.16 4.66 11.71
CA LEU A 60 0.13 6.06 11.34
C LEU A 60 -1.14 6.90 11.52
N PRO A 61 -1.09 8.03 12.31
CA PRO A 61 -2.21 8.99 12.42
C PRO A 61 -2.56 9.63 11.07
N ARG A 62 -3.81 10.12 10.92
CA ARG A 62 -4.32 10.82 9.71
C ARG A 62 -3.29 11.82 9.11
N ASP A 63 -2.67 12.59 10.00
CA ASP A 63 -1.70 13.65 9.68
C ASP A 63 -0.45 13.09 8.95
N THR A 64 -0.14 11.80 9.16
CA THR A 64 1.05 11.14 8.58
C THR A 64 0.64 9.77 7.95
N ALA A 65 -0.67 9.58 7.68
CA ALA A 65 -1.20 8.29 7.17
C ALA A 65 -0.72 8.01 5.75
N PHE A 66 -0.78 9.06 4.91
CA PHE A 66 -0.35 9.01 3.48
C PHE A 66 1.18 8.89 3.33
N ASN A 67 1.92 8.93 4.45
CA ASN A 67 3.37 8.66 4.51
C ASN A 67 3.66 7.13 4.50
N PHE A 68 2.59 6.31 4.35
CA PHE A 68 2.65 4.84 4.43
C PHE A 68 3.51 4.21 3.32
N ALA A 69 3.77 4.94 2.21
CA ALA A 69 4.35 4.36 1.00
C ALA A 69 5.84 4.09 1.21
N SER A 70 6.50 5.06 1.85
CA SER A 70 7.93 4.99 2.17
C SER A 70 8.18 3.97 3.29
N ASP A 71 7.27 3.94 4.29
CA ASP A 71 7.42 3.10 5.49
C ASP A 71 7.13 1.61 5.17
N ALA A 72 6.01 1.33 4.49
CA ALA A 72 5.61 -0.05 4.10
C ALA A 72 6.66 -0.75 3.23
N THR A 73 7.26 -0.01 2.27
CA THR A 73 8.35 -0.51 1.44
C THR A 73 9.62 -0.75 2.30
N ARG A 74 9.91 0.21 3.20
CA ARG A 74 10.98 0.10 4.23
C ARG A 74 10.82 -1.19 5.08
N VAL A 75 9.56 -1.55 5.39
CA VAL A 75 9.24 -2.76 6.17
C VAL A 75 9.49 -4.01 5.32
N ALA A 76 9.16 -3.93 4.01
CA ALA A 76 9.23 -5.07 3.10
C ALA A 76 10.69 -5.46 2.83
N GLN A 77 11.48 -4.45 2.48
CA GLN A 77 12.92 -4.59 2.17
C GLN A 77 13.75 -4.91 3.43
N LYS A 78 13.22 -4.53 4.61
CA LYS A 78 13.81 -4.91 5.92
C LYS A 78 13.85 -6.44 6.10
N HIS A 79 12.87 -7.13 5.47
CA HIS A 79 12.76 -8.60 5.52
C HIS A 79 13.33 -9.23 4.24
N GLY A 80 14.01 -8.42 3.40
CA GLY A 80 14.71 -8.93 2.22
C GLY A 80 13.84 -8.98 0.97
N LEU A 81 13.06 -7.92 0.73
CA LEU A 81 12.29 -7.75 -0.53
C LEU A 81 13.25 -7.84 -1.73
N HIS A 82 14.28 -6.98 -1.66
CA HIS A 82 15.44 -6.97 -2.55
C HIS A 82 16.60 -6.27 -1.80
N PRO A 83 17.90 -6.58 -2.12
CA PRO A 83 19.08 -5.99 -1.40
C PRO A 83 19.30 -4.48 -1.71
N LYS A 84 20.49 -3.95 -1.31
CA LYS A 84 20.87 -2.52 -1.46
C LYS A 84 21.01 -2.10 -2.94
N PHE A 85 20.94 -3.06 -3.87
CA PHE A 85 20.94 -2.81 -5.32
C PHE A 85 19.65 -2.08 -5.76
N GLY A 86 18.57 -2.25 -4.98
CA GLY A 86 17.28 -1.59 -5.23
C GLY A 86 16.10 -2.49 -4.88
N ALA A 87 15.22 -2.02 -3.96
CA ALA A 87 13.99 -2.74 -3.57
C ALA A 87 13.03 -2.84 -4.77
N ILE A 88 12.60 -1.67 -5.27
CA ILE A 88 11.72 -1.52 -6.44
C ILE A 88 12.09 -0.19 -7.15
N THR A 89 13.12 -0.26 -8.01
CA THR A 89 13.66 0.93 -8.72
C THR A 89 12.69 1.35 -9.84
N ARG A 90 12.25 0.37 -10.65
CA ARG A 90 11.21 0.57 -11.67
C ARG A 90 9.82 0.32 -11.04
N VAL A 91 9.58 1.01 -9.90
CA VAL A 91 8.32 0.97 -9.18
C VAL A 91 7.21 1.67 -9.97
N HIS A 92 6.06 0.99 -10.07
CA HIS A 92 4.85 1.53 -10.69
C HIS A 92 4.20 2.52 -9.71
N LYS A 93 3.69 3.66 -10.22
CA LYS A 93 3.10 4.72 -9.36
C LYS A 93 1.61 4.40 -8.99
N GLU A 94 1.40 3.18 -8.47
CA GLU A 94 0.08 2.71 -7.99
C GLU A 94 -0.28 3.36 -6.64
N TYR A 95 0.72 4.07 -6.05
CA TYR A 95 0.54 4.88 -4.85
C TYR A 95 -0.60 5.87 -5.01
N ASP A 96 -0.72 6.51 -6.20
CA ASP A 96 -1.78 7.52 -6.47
C ASP A 96 -3.21 6.96 -6.27
N ALA A 97 -3.45 5.70 -6.71
CA ALA A 97 -4.78 5.06 -6.58
C ALA A 97 -5.06 4.67 -5.13
N MET A 98 -4.06 4.06 -4.47
CA MET A 98 -4.12 3.67 -3.05
C MET A 98 -4.26 4.92 -2.14
N PHE A 99 -3.63 6.01 -2.56
CA PHE A 99 -3.75 7.35 -1.95
C PHE A 99 -5.22 7.80 -1.97
N GLU A 100 -5.84 7.72 -3.17
CA GLU A 100 -7.23 8.14 -3.38
C GLU A 100 -8.21 7.19 -2.67
N ASP A 101 -7.80 5.93 -2.49
CA ASP A 101 -8.60 4.94 -1.78
C ASP A 101 -8.63 5.27 -0.27
N ILE A 102 -7.43 5.39 0.33
CA ILE A 102 -7.26 5.70 1.76
C ILE A 102 -7.90 7.07 2.14
N ARG A 103 -7.74 8.10 1.27
CA ARG A 103 -8.37 9.44 1.51
C ARG A 103 -9.91 9.33 1.52
N ALA A 104 -10.41 8.35 0.74
CA ALA A 104 -11.84 8.06 0.61
C ALA A 104 -12.37 7.31 1.85
N LYS A 105 -11.61 6.30 2.32
CA LYS A 105 -11.89 5.55 3.56
C LYS A 105 -11.89 6.48 4.80
N LEU A 106 -10.94 7.44 4.82
CA LEU A 106 -10.86 8.50 5.86
C LEU A 106 -12.12 9.40 5.86
N HIS A 107 -12.77 9.54 4.70
CA HIS A 107 -14.01 10.31 4.55
C HIS A 107 -15.24 9.51 5.06
N ALA A 108 -15.05 8.18 5.23
CA ALA A 108 -16.07 7.21 5.72
C ALA A 108 -16.96 6.72 4.58
N HIS A 109 -17.46 7.68 3.76
CA HIS A 109 -18.16 7.39 2.51
C HIS A 109 -17.15 7.48 1.36
N PRO A 110 -16.74 6.32 0.76
CA PRO A 110 -15.61 6.25 -0.20
C PRO A 110 -15.96 6.81 -1.61
N GLY A 111 -15.12 7.75 -2.07
CA GLY A 111 -15.13 8.24 -3.45
C GLY A 111 -14.11 7.50 -4.28
N GLU A 112 -14.51 6.34 -4.81
CA GLU A 112 -13.64 5.47 -5.62
C GLU A 112 -13.16 6.19 -6.92
N PRO A 113 -11.82 6.23 -7.21
CA PRO A 113 -11.30 6.84 -8.46
C PRO A 113 -11.73 6.05 -9.72
N VAL A 114 -12.68 6.61 -10.48
CA VAL A 114 -13.13 6.05 -11.78
C VAL A 114 -12.09 6.39 -12.86
N ASP A 115 -11.93 5.51 -13.87
CA ASP A 115 -10.84 5.63 -14.88
C ASP A 115 -11.38 5.65 -16.32
N LEU A 116 -12.69 5.94 -16.50
CA LEU A 116 -13.33 5.96 -17.84
C LEU A 116 -12.69 7.01 -18.76
N GLU A 117 -12.30 8.17 -18.18
CA GLU A 117 -11.60 9.25 -18.89
C GLU A 117 -10.09 8.95 -18.99
N ARG A 118 -9.56 8.23 -18.00
CA ARG A 118 -8.12 7.89 -17.91
C ARG A 118 -7.71 6.94 -19.05
N ILE A 119 -8.68 6.13 -19.52
CA ILE A 119 -8.51 5.25 -20.69
C ILE A 119 -8.45 6.10 -21.98
N ILE A 120 -9.17 7.25 -21.97
CA ILE A 120 -9.18 8.20 -23.10
C ILE A 120 -7.86 9.01 -23.12
N ARG A 121 -6.81 8.38 -23.65
CA ARG A 121 -5.52 9.02 -23.94
C ARG A 121 -5.28 8.89 -25.44
N HIS A 122 -5.66 9.93 -26.21
CA HIS A 122 -5.55 9.91 -27.67
C HIS A 122 -4.07 9.87 -28.10
N GLU A 123 -3.74 8.90 -28.95
CA GLU A 123 -2.37 8.71 -29.46
C GLU A 123 -2.19 9.54 -30.74
N GLY A 124 -0.97 10.10 -30.90
CA GLY A 124 -0.64 10.92 -32.06
C GLY A 124 0.86 11.12 -32.18
N SER A 125 1.49 11.54 -31.07
CA SER A 125 2.93 11.87 -31.03
C SER A 125 3.43 11.83 -29.56
N GLN A 1 -8.04 -15.33 -1.08
CA GLN A 1 -8.25 -15.86 -2.45
C GLN A 1 -7.26 -15.19 -3.43
N GLY A 2 -6.27 -15.98 -3.88
CA GLY A 2 -5.23 -15.50 -4.81
C GLY A 2 -4.15 -14.66 -4.12
N HIS A 3 -3.02 -14.48 -4.80
CA HIS A 3 -1.90 -13.63 -4.30
C HIS A 3 -1.96 -12.22 -4.93
N MET A 4 -3.15 -11.83 -5.39
CA MET A 4 -3.41 -10.53 -6.01
C MET A 4 -4.03 -9.56 -4.97
N PHE A 5 -4.21 -8.29 -5.36
CA PHE A 5 -4.80 -7.24 -4.52
C PHE A 5 -6.32 -7.42 -4.46
N GLU A 6 -6.90 -7.26 -3.27
CA GLU A 6 -8.35 -7.33 -3.02
C GLU A 6 -8.81 -6.01 -2.32
N PRO A 7 -10.10 -5.57 -2.47
CA PRO A 7 -10.62 -4.35 -1.80
C PRO A 7 -10.55 -4.44 -0.25
N GLY A 8 -9.65 -3.66 0.37
CA GLY A 8 -9.50 -3.63 1.83
C GLY A 8 -8.19 -4.26 2.30
N HIS A 9 -7.44 -4.88 1.35
CA HIS A 9 -6.23 -5.66 1.68
C HIS A 9 -5.35 -5.83 0.41
N LEU A 10 -4.09 -5.45 0.52
CA LEU A 10 -3.12 -5.44 -0.59
C LEU A 10 -2.22 -6.67 -0.47
N HIS A 11 -1.81 -7.23 -1.62
CA HIS A 11 -0.78 -8.29 -1.66
C HIS A 11 0.35 -7.85 -2.59
N LEU A 12 1.59 -7.69 -2.06
CA LEU A 12 2.79 -7.40 -2.86
C LEU A 12 3.44 -8.72 -3.29
N VAL A 13 3.36 -9.04 -4.58
CA VAL A 13 4.14 -10.14 -5.21
C VAL A 13 4.89 -9.55 -6.40
N SER A 14 6.07 -10.10 -6.74
CA SER A 14 6.89 -9.60 -7.83
C SER A 14 6.29 -10.08 -9.17
N LEU A 15 6.66 -9.40 -10.27
CA LEU A 15 6.15 -9.66 -11.64
C LEU A 15 6.14 -11.17 -12.02
N PRO A 16 5.07 -11.67 -12.74
CA PRO A 16 5.02 -13.08 -13.24
C PRO A 16 5.97 -13.31 -14.43
N GLY A 17 5.73 -14.37 -15.22
CA GLY A 17 6.60 -14.72 -16.35
C GLY A 17 7.79 -15.52 -15.88
N LEU A 18 8.65 -14.88 -15.06
CA LEU A 18 9.77 -15.53 -14.37
C LEU A 18 9.61 -15.31 -12.85
N ASP A 19 9.56 -16.42 -12.09
CA ASP A 19 9.55 -16.39 -10.62
C ASP A 19 10.97 -16.03 -10.11
N GLN A 20 11.22 -14.71 -10.01
CA GLN A 20 12.55 -14.17 -9.75
C GLN A 20 12.92 -14.28 -8.25
N GLN A 21 12.05 -13.77 -7.37
CA GLN A 21 12.27 -13.80 -5.90
C GLN A 21 10.91 -13.92 -5.19
N ASP A 22 10.89 -14.60 -4.03
CA ASP A 22 9.66 -15.02 -3.33
C ASP A 22 9.18 -13.92 -2.37
N ILE A 23 9.01 -12.71 -2.90
CA ILE A 23 8.48 -11.59 -2.12
C ILE A 23 6.93 -11.65 -2.21
N ASN A 24 6.31 -11.90 -1.07
CA ASN A 24 4.86 -12.07 -0.95
C ASN A 24 4.40 -11.50 0.39
N ILE A 25 3.68 -10.37 0.31
CA ILE A 25 3.40 -9.52 1.47
C ILE A 25 1.90 -9.22 1.53
N HIS A 26 1.36 -9.20 2.73
CA HIS A 26 -0.01 -8.76 3.01
C HIS A 26 0.07 -7.40 3.69
N ILE A 27 -0.56 -6.36 3.12
CA ILE A 27 -0.69 -5.04 3.77
C ILE A 27 -2.17 -4.70 3.86
N ARG A 28 -2.72 -4.72 5.07
CA ARG A 28 -4.14 -4.40 5.29
C ARG A 28 -4.24 -2.90 5.59
N TYR A 29 -5.19 -2.22 4.94
CA TYR A 29 -5.45 -0.80 5.18
C TYR A 29 -6.93 -0.63 5.55
N GLU A 30 -7.17 -0.13 6.77
CA GLU A 30 -8.53 0.08 7.31
C GLU A 30 -8.61 1.50 7.86
N VAL A 31 -9.42 2.37 7.23
CA VAL A 31 -9.65 3.72 7.77
C VAL A 31 -10.72 3.64 8.86
N ARG A 32 -10.31 3.98 10.08
CA ARG A 32 -11.17 3.95 11.26
C ARG A 32 -11.08 5.33 11.94
N GLN A 33 -12.05 5.65 12.79
CA GLN A 33 -12.09 6.93 13.50
C GLN A 33 -11.83 6.69 14.99
N ASN A 34 -10.70 7.22 15.49
CA ASN A 34 -10.37 7.23 16.93
C ASN A 34 -10.75 8.58 17.56
N ALA A 35 -11.00 8.57 18.88
CA ALA A 35 -11.26 9.80 19.66
C ALA A 35 -9.97 10.65 19.86
N GLU A 36 -8.81 10.02 19.61
CA GLU A 36 -7.48 10.64 19.81
C GLU A 36 -7.17 11.69 18.72
N SER A 37 -7.29 11.29 17.45
CA SER A 37 -6.82 12.09 16.29
C SER A 37 -7.92 12.32 15.23
N GLY A 38 -9.12 11.75 15.47
CA GLY A 38 -10.20 11.78 14.48
C GLY A 38 -10.07 10.61 13.54
N ALA A 39 -9.81 10.87 12.26
CA ALA A 39 -9.50 9.82 11.28
C ALA A 39 -8.08 9.27 11.48
N TYR A 40 -7.92 7.97 11.23
CA TYR A 40 -6.58 7.33 11.11
C TYR A 40 -6.71 6.08 10.22
N VAL A 41 -5.57 5.47 9.85
CA VAL A 41 -5.57 4.20 9.10
C VAL A 41 -4.77 3.13 9.87
N HIS A 42 -5.39 1.97 10.08
CA HIS A 42 -4.74 0.79 10.65
C HIS A 42 -4.05 0.04 9.51
N PHE A 43 -2.74 -0.18 9.64
CA PHE A 43 -1.96 -1.03 8.71
C PHE A 43 -1.43 -2.25 9.46
N ASP A 44 -1.45 -3.42 8.80
CA ASP A 44 -0.82 -4.66 9.33
C ASP A 44 -0.20 -5.47 8.19
N MET A 45 1.01 -6.00 8.45
CA MET A 45 1.83 -6.70 7.45
C MET A 45 2.18 -8.12 7.92
N ASP A 46 2.09 -9.10 7.00
CA ASP A 46 2.53 -10.49 7.26
C ASP A 46 2.70 -11.27 5.94
N GLY A 47 3.41 -12.40 6.01
CA GLY A 47 3.61 -13.29 4.87
C GLY A 47 4.99 -13.93 4.92
N GLU A 48 5.73 -13.88 3.80
CA GLU A 48 7.15 -14.32 3.73
C GLU A 48 7.85 -13.64 2.54
N ILE A 49 9.19 -13.71 2.50
CA ILE A 49 10.01 -12.80 1.67
C ILE A 49 11.32 -13.56 1.42
N ASP A 50 11.51 -14.10 0.20
CA ASP A 50 12.62 -15.02 -0.13
C ASP A 50 12.49 -16.29 0.75
N GLY A 51 11.21 -16.69 1.02
CA GLY A 51 10.90 -17.79 1.93
C GLY A 51 10.85 -17.39 3.41
N LYS A 52 11.52 -16.27 3.79
CA LYS A 52 11.66 -15.84 5.20
C LYS A 52 10.37 -15.17 5.72
N PRO A 53 9.66 -15.79 6.72
CA PRO A 53 8.35 -15.30 7.20
C PRO A 53 8.46 -14.05 8.12
N PHE A 54 7.39 -13.23 8.16
CA PHE A 54 7.35 -12.02 9.00
C PHE A 54 5.91 -11.67 9.41
N SER A 55 5.78 -10.92 10.52
CA SER A 55 4.53 -10.28 10.94
C SER A 55 4.83 -9.03 11.79
N ASP A 56 4.29 -7.89 11.36
CA ASP A 56 4.41 -6.57 12.03
C ASP A 56 3.08 -5.79 11.84
N SER A 57 2.87 -4.72 12.61
CA SER A 57 1.67 -3.87 12.46
C SER A 57 1.97 -2.43 12.94
N PHE A 58 1.41 -1.44 12.22
CA PHE A 58 1.59 0.00 12.55
C PHE A 58 0.29 0.76 12.24
N GLU A 59 -0.05 1.72 13.11
CA GLU A 59 -1.28 2.54 12.97
C GLU A 59 -0.88 4.01 12.99
N LEU A 60 -1.31 4.74 11.95
CA LEU A 60 -0.87 6.12 11.71
C LEU A 60 -2.10 7.03 11.70
N PRO A 61 -2.06 8.20 12.42
CA PRO A 61 -3.14 9.21 12.37
C PRO A 61 -3.27 9.81 10.97
N ARG A 62 -4.42 10.42 10.67
CA ARG A 62 -4.69 11.09 9.37
C ARG A 62 -3.59 12.11 8.97
N ASP A 63 -2.93 12.68 9.98
CA ASP A 63 -1.82 13.63 9.81
C ASP A 63 -0.59 12.96 9.13
N THR A 64 -0.31 11.70 9.48
CA THR A 64 0.94 11.00 9.05
C THR A 64 0.63 9.64 8.36
N ALA A 65 -0.65 9.41 8.00
CA ALA A 65 -1.10 8.13 7.37
C ALA A 65 -0.41 7.91 6.00
N PHE A 66 -0.17 9.03 5.30
CA PHE A 66 0.48 9.05 3.97
C PHE A 66 1.99 8.69 4.02
N ASN A 67 2.58 8.64 5.22
CA ASN A 67 3.99 8.23 5.42
C ASN A 67 4.16 6.70 5.47
N PHE A 68 3.03 5.97 5.31
CA PHE A 68 2.93 4.50 5.46
C PHE A 68 3.92 3.72 4.59
N ALA A 69 4.35 4.31 3.46
CA ALA A 69 5.07 3.59 2.40
C ALA A 69 6.51 3.32 2.85
N SER A 70 7.06 4.26 3.64
CA SER A 70 8.42 4.16 4.18
C SER A 70 8.50 3.05 5.24
N ASP A 71 7.43 2.93 6.06
CA ASP A 71 7.35 1.93 7.14
C ASP A 71 7.16 0.53 6.55
N ALA A 72 6.21 0.45 5.59
CA ALA A 72 5.88 -0.79 4.87
C ALA A 72 7.11 -1.38 4.14
N THR A 73 7.80 -0.53 3.37
CA THR A 73 9.00 -0.94 2.62
C THR A 73 10.19 -1.24 3.57
N ARG A 74 10.18 -0.67 4.79
CA ARG A 74 11.25 -0.89 5.80
C ARG A 74 11.12 -2.30 6.41
N VAL A 75 9.86 -2.76 6.57
CA VAL A 75 9.54 -4.12 7.04
C VAL A 75 9.80 -5.15 5.92
N ALA A 76 9.60 -4.71 4.67
CA ALA A 76 9.69 -5.56 3.48
C ALA A 76 11.16 -5.85 3.15
N GLN A 77 11.92 -4.76 3.01
CA GLN A 77 13.38 -4.77 2.78
C GLN A 77 14.17 -5.39 3.93
N LYS A 78 13.57 -5.41 5.16
CA LYS A 78 14.15 -6.10 6.33
C LYS A 78 14.62 -7.54 6.01
N HIS A 79 13.86 -8.26 5.13
CA HIS A 79 14.32 -9.57 4.60
C HIS A 79 14.72 -9.44 3.11
N GLY A 80 14.05 -8.53 2.38
CA GLY A 80 14.58 -8.02 1.10
C GLY A 80 13.52 -8.02 0.02
N LEU A 81 12.85 -6.87 -0.15
CA LEU A 81 11.80 -6.67 -1.16
C LEU A 81 12.42 -6.47 -2.56
N HIS A 82 12.95 -7.58 -3.12
CA HIS A 82 13.57 -7.65 -4.46
C HIS A 82 14.63 -6.52 -4.67
N PRO A 83 15.59 -6.33 -3.70
CA PRO A 83 16.37 -5.07 -3.54
C PRO A 83 17.47 -4.84 -4.60
N LYS A 84 17.83 -5.89 -5.36
CA LYS A 84 18.84 -5.79 -6.43
C LYS A 84 18.22 -5.03 -7.62
N PHE A 85 16.97 -5.39 -7.95
CA PHE A 85 16.15 -4.67 -8.96
C PHE A 85 15.61 -3.36 -8.35
N GLY A 86 15.28 -3.43 -7.06
CA GLY A 86 14.68 -2.32 -6.32
C GLY A 86 13.26 -2.02 -6.79
N ALA A 87 13.05 -0.81 -7.32
CA ALA A 87 11.75 -0.34 -7.82
C ALA A 87 11.94 0.39 -9.16
N ILE A 88 12.93 -0.05 -9.95
CA ILE A 88 13.23 0.56 -11.26
C ILE A 88 12.20 0.11 -12.31
N THR A 89 11.07 0.82 -12.36
CA THR A 89 9.96 0.57 -13.30
C THR A 89 9.56 1.89 -14.00
N ARG A 90 9.86 3.03 -13.32
CA ARG A 90 9.51 4.41 -13.74
C ARG A 90 7.97 4.62 -13.74
N VAL A 91 7.30 4.02 -14.72
CA VAL A 91 5.82 4.03 -14.82
C VAL A 91 5.23 2.93 -13.88
N HIS A 92 3.90 3.01 -13.62
CA HIS A 92 3.15 2.10 -12.70
C HIS A 92 3.46 2.43 -11.22
N LYS A 93 4.07 3.60 -10.99
CA LYS A 93 4.28 4.14 -9.64
C LYS A 93 2.98 4.79 -9.16
N GLU A 94 2.07 3.92 -8.70
CA GLU A 94 0.74 4.31 -8.23
C GLU A 94 0.73 4.58 -6.71
N TYR A 95 1.88 5.11 -6.22
CA TYR A 95 1.98 5.67 -4.87
C TYR A 95 1.03 6.87 -4.74
N ASP A 96 0.97 7.71 -5.80
CA ASP A 96 0.07 8.89 -5.85
C ASP A 96 -1.40 8.44 -5.83
N ALA A 97 -1.69 7.27 -6.44
CA ALA A 97 -3.06 6.71 -6.51
C ALA A 97 -3.54 6.28 -5.12
N MET A 98 -2.70 5.51 -4.40
CA MET A 98 -2.99 5.04 -3.03
C MET A 98 -2.99 6.21 -2.02
N PHE A 99 -2.12 7.19 -2.27
CA PHE A 99 -2.09 8.49 -1.56
C PHE A 99 -3.48 9.18 -1.66
N GLU A 100 -4.02 9.20 -2.90
CA GLU A 100 -5.33 9.79 -3.19
C GLU A 100 -6.49 8.93 -2.67
N ASP A 101 -6.25 7.61 -2.54
CA ASP A 101 -7.22 6.70 -1.90
C ASP A 101 -7.38 7.10 -0.43
N ILE A 102 -6.28 7.03 0.33
CA ILE A 102 -6.24 7.31 1.77
C ILE A 102 -6.82 8.71 2.10
N ARG A 103 -6.50 9.73 1.27
CA ARG A 103 -6.98 11.12 1.47
C ARG A 103 -8.51 11.20 1.38
N ALA A 104 -9.12 10.33 0.55
CA ALA A 104 -10.57 10.33 0.28
C ALA A 104 -11.37 9.95 1.54
N LYS A 105 -11.01 8.83 2.16
CA LYS A 105 -11.68 8.32 3.38
C LYS A 105 -11.32 9.19 4.60
N LEU A 106 -10.13 9.81 4.57
CA LEU A 106 -9.69 10.75 5.61
C LEU A 106 -10.48 12.08 5.51
N HIS A 107 -10.90 12.41 4.27
CA HIS A 107 -11.77 13.57 3.96
C HIS A 107 -13.25 13.21 4.25
N ALA A 108 -13.51 11.87 4.36
CA ALA A 108 -14.85 11.27 4.58
C ALA A 108 -15.79 11.41 3.36
N HIS A 109 -15.19 11.68 2.18
CA HIS A 109 -15.95 11.89 0.91
C HIS A 109 -15.24 11.16 -0.24
N PRO A 110 -16.01 10.61 -1.24
CA PRO A 110 -15.45 9.82 -2.38
C PRO A 110 -14.43 10.63 -3.22
N GLY A 111 -13.34 9.97 -3.61
CA GLY A 111 -12.29 10.58 -4.44
C GLY A 111 -11.05 9.69 -4.48
N GLU A 112 -11.28 8.41 -4.80
CA GLU A 112 -10.26 7.35 -4.74
C GLU A 112 -10.26 6.52 -6.04
N PRO A 113 -9.15 5.79 -6.36
CA PRO A 113 -9.13 4.79 -7.45
C PRO A 113 -10.13 3.63 -7.18
N VAL A 114 -11.04 3.39 -8.12
CA VAL A 114 -12.06 2.31 -8.01
C VAL A 114 -11.42 0.94 -8.35
N ASP A 115 -11.64 -0.05 -7.48
CA ASP A 115 -10.95 -1.36 -7.54
C ASP A 115 -11.76 -2.42 -8.31
N LEU A 116 -12.93 -2.04 -8.89
CA LEU A 116 -13.89 -3.01 -9.47
C LEU A 116 -13.21 -3.93 -10.50
N GLU A 117 -12.23 -3.36 -11.24
CA GLU A 117 -11.28 -4.11 -12.04
C GLU A 117 -9.89 -3.53 -11.75
N ARG A 118 -9.24 -4.04 -10.71
CA ARG A 118 -7.81 -3.78 -10.44
C ARG A 118 -7.14 -5.14 -10.11
N ILE A 119 -7.68 -6.21 -10.72
CA ILE A 119 -7.26 -7.60 -10.47
C ILE A 119 -6.46 -8.12 -11.67
N ILE A 120 -7.05 -7.99 -12.86
CA ILE A 120 -6.43 -8.43 -14.12
C ILE A 120 -5.59 -7.26 -14.67
N ARG A 121 -4.44 -7.03 -14.03
CA ARG A 121 -3.46 -6.01 -14.41
C ARG A 121 -2.18 -6.69 -14.96
N HIS A 122 -1.19 -5.88 -15.36
CA HIS A 122 0.10 -6.38 -15.90
C HIS A 122 1.22 -5.43 -15.46
N GLU A 123 2.30 -6.00 -14.90
CA GLU A 123 3.46 -5.21 -14.42
C GLU A 123 4.69 -5.49 -15.29
N GLY A 124 5.02 -6.79 -15.44
CA GLY A 124 6.19 -7.22 -16.22
C GLY A 124 5.82 -7.72 -17.60
N SER A 125 5.08 -6.89 -18.36
CA SER A 125 4.65 -7.21 -19.73
C SER A 125 5.28 -6.21 -20.74
N GLN A 1 -0.66 -11.66 -11.84
CA GLN A 1 -0.65 -12.83 -10.94
C GLN A 1 0.19 -12.54 -9.69
N GLY A 2 -0.32 -12.97 -8.51
CA GLY A 2 0.38 -12.81 -7.25
C GLY A 2 0.05 -11.49 -6.55
N HIS A 3 0.27 -10.37 -7.25
CA HIS A 3 0.03 -9.01 -6.71
C HIS A 3 -1.49 -8.70 -6.71
N MET A 4 -2.20 -9.29 -5.73
CA MET A 4 -3.67 -9.19 -5.60
C MET A 4 -4.06 -7.98 -4.75
N PHE A 5 -4.55 -6.93 -5.41
CA PHE A 5 -5.07 -5.71 -4.75
C PHE A 5 -6.59 -5.79 -4.62
N GLU A 6 -7.09 -5.36 -3.46
CA GLU A 6 -8.53 -5.33 -3.13
C GLU A 6 -8.77 -4.20 -2.11
N PRO A 7 -10.02 -3.65 -2.00
CA PRO A 7 -10.34 -2.64 -0.95
C PRO A 7 -10.11 -3.20 0.47
N GLY A 8 -8.99 -2.79 1.10
CA GLY A 8 -8.65 -3.16 2.48
C GLY A 8 -7.44 -4.07 2.62
N HIS A 9 -6.90 -4.59 1.49
CA HIS A 9 -5.78 -5.55 1.49
C HIS A 9 -5.02 -5.56 0.14
N LEU A 10 -3.72 -5.91 0.21
CA LEU A 10 -2.82 -6.06 -0.94
C LEU A 10 -1.90 -7.28 -0.68
N HIS A 11 -1.61 -8.05 -1.74
CA HIS A 11 -0.65 -9.17 -1.69
C HIS A 11 0.60 -8.82 -2.52
N LEU A 12 1.79 -9.16 -1.99
CA LEU A 12 3.08 -8.95 -2.67
C LEU A 12 3.75 -10.31 -2.88
N VAL A 13 4.13 -10.58 -4.13
CA VAL A 13 5.06 -11.65 -4.53
C VAL A 13 6.23 -10.94 -5.23
N SER A 14 7.36 -11.63 -5.49
CA SER A 14 8.51 -11.01 -6.15
C SER A 14 8.26 -10.98 -7.67
N LEU A 15 9.02 -10.12 -8.38
CA LEU A 15 8.83 -9.83 -9.81
C LEU A 15 8.73 -11.13 -10.68
N PRO A 16 7.73 -11.18 -11.64
CA PRO A 16 7.29 -12.44 -12.32
C PRO A 16 8.44 -13.20 -13.01
N GLY A 17 8.58 -14.49 -12.66
CA GLY A 17 9.70 -15.32 -13.10
C GLY A 17 10.54 -15.79 -11.92
N LEU A 18 10.41 -15.06 -10.79
CA LEU A 18 11.08 -15.37 -9.50
C LEU A 18 12.61 -15.29 -9.64
N ASP A 19 13.08 -14.21 -10.29
CA ASP A 19 14.52 -13.83 -10.35
C ASP A 19 15.01 -13.47 -8.93
N GLN A 20 14.13 -12.78 -8.18
CA GLN A 20 14.31 -12.50 -6.74
C GLN A 20 14.05 -13.80 -5.95
N GLN A 21 14.35 -13.82 -4.63
CA GLN A 21 14.15 -15.04 -3.80
C GLN A 21 12.65 -15.29 -3.52
N ASP A 22 12.36 -16.33 -2.72
CA ASP A 22 10.99 -16.81 -2.51
C ASP A 22 10.26 -15.94 -1.46
N ILE A 23 9.68 -14.81 -1.92
CA ILE A 23 9.03 -13.82 -1.03
C ILE A 23 7.50 -13.87 -1.19
N ASN A 24 6.81 -13.62 -0.06
CA ASN A 24 5.37 -13.36 -0.02
C ASN A 24 5.08 -12.47 1.19
N ILE A 25 4.21 -11.47 0.99
CA ILE A 25 3.89 -10.44 2.00
C ILE A 25 2.40 -10.13 1.89
N HIS A 26 1.75 -10.02 3.03
CA HIS A 26 0.33 -9.61 3.14
C HIS A 26 0.34 -8.19 3.70
N ILE A 27 -0.48 -7.29 3.15
CA ILE A 27 -0.63 -5.91 3.65
C ILE A 27 -2.13 -5.60 3.82
N ARG A 28 -2.58 -5.52 5.07
CA ARG A 28 -3.90 -5.03 5.42
C ARG A 28 -3.79 -3.54 5.71
N TYR A 29 -4.71 -2.73 5.18
CA TYR A 29 -4.84 -1.32 5.52
C TYR A 29 -6.31 -1.09 5.86
N GLU A 30 -6.57 -0.71 7.12
CA GLU A 30 -7.93 -0.61 7.68
C GLU A 30 -8.08 0.73 8.41
N VAL A 31 -9.00 1.58 7.91
CA VAL A 31 -9.22 2.90 8.49
C VAL A 31 -10.10 2.77 9.74
N ARG A 32 -9.52 3.13 10.88
CA ARG A 32 -10.19 3.17 12.19
C ARG A 32 -10.09 4.61 12.72
N GLN A 33 -10.93 4.98 13.70
CA GLN A 33 -10.91 6.32 14.30
C GLN A 33 -10.29 6.28 15.70
N ASN A 34 -9.25 7.11 15.92
CA ASN A 34 -8.69 7.41 17.25
C ASN A 34 -9.34 8.69 17.77
N ALA A 35 -9.58 8.75 19.10
CA ALA A 35 -10.25 9.91 19.75
C ALA A 35 -9.35 11.17 19.77
N GLU A 36 -8.05 10.98 19.45
CA GLU A 36 -7.04 12.03 19.50
C GLU A 36 -7.08 12.96 18.25
N SER A 37 -7.09 12.35 17.05
CA SER A 37 -6.92 13.07 15.77
C SER A 37 -8.04 12.73 14.77
N GLY A 38 -8.92 11.79 15.13
CA GLY A 38 -10.01 11.36 14.26
C GLY A 38 -9.60 10.16 13.43
N ALA A 39 -9.60 10.31 12.10
CA ALA A 39 -9.30 9.21 11.17
C ALA A 39 -7.79 8.82 11.19
N TYR A 40 -7.54 7.50 11.16
CA TYR A 40 -6.19 6.93 10.97
C TYR A 40 -6.31 5.53 10.34
N VAL A 41 -5.18 4.94 9.92
CA VAL A 41 -5.15 3.58 9.37
C VAL A 41 -4.24 2.69 10.22
N HIS A 42 -4.77 1.54 10.65
CA HIS A 42 -3.99 0.46 11.23
C HIS A 42 -3.53 -0.44 10.08
N PHE A 43 -2.24 -0.41 9.75
CA PHE A 43 -1.65 -1.29 8.73
C PHE A 43 -1.06 -2.53 9.43
N ASP A 44 -1.32 -3.70 8.87
CA ASP A 44 -0.81 -4.99 9.37
C ASP A 44 -0.09 -5.71 8.23
N MET A 45 1.10 -6.30 8.49
CA MET A 45 1.90 -7.00 7.46
C MET A 45 2.44 -8.34 8.00
N ASP A 46 2.27 -9.44 7.24
CA ASP A 46 2.74 -10.79 7.65
C ASP A 46 2.98 -11.72 6.44
N GLY A 47 3.74 -12.80 6.65
CA GLY A 47 4.00 -13.82 5.62
C GLY A 47 5.25 -14.62 5.98
N GLU A 48 5.97 -15.14 4.96
CA GLU A 48 7.29 -15.76 5.19
C GLU A 48 8.21 -15.58 3.95
N ILE A 49 9.25 -14.75 4.13
CA ILE A 49 10.26 -14.52 3.07
C ILE A 49 11.49 -15.39 3.29
N ASP A 50 11.84 -16.17 2.23
CA ASP A 50 12.87 -17.23 2.25
C ASP A 50 12.43 -18.36 3.24
N GLY A 51 11.10 -18.47 3.43
CA GLY A 51 10.50 -19.41 4.38
C GLY A 51 10.52 -18.92 5.82
N LYS A 52 10.99 -17.67 6.03
CA LYS A 52 11.14 -17.06 7.38
C LYS A 52 9.91 -16.23 7.76
N PRO A 53 9.09 -16.69 8.77
CA PRO A 53 7.83 -16.02 9.16
C PRO A 53 8.09 -14.65 9.85
N PHE A 54 7.25 -13.66 9.53
CA PHE A 54 7.32 -12.32 10.13
C PHE A 54 5.92 -11.77 10.38
N SER A 55 5.77 -11.00 11.47
CA SER A 55 4.54 -10.27 11.81
C SER A 55 4.92 -8.89 12.37
N ASP A 56 4.55 -7.83 11.63
CA ASP A 56 4.92 -6.44 11.94
C ASP A 56 3.75 -5.52 11.53
N SER A 57 3.63 -4.36 12.20
CA SER A 57 2.51 -3.42 11.98
C SER A 57 2.96 -1.96 12.20
N PHE A 58 2.24 -1.03 11.56
CA PHE A 58 2.41 0.43 11.77
C PHE A 58 1.06 1.14 11.65
N GLU A 59 0.89 2.23 12.40
CA GLU A 59 -0.37 3.03 12.43
C GLU A 59 -0.04 4.48 12.12
N LEU A 60 -0.76 5.05 11.14
CA LEU A 60 -0.51 6.41 10.62
C LEU A 60 -1.84 7.20 10.62
N PRO A 61 -1.89 8.40 11.29
CA PRO A 61 -3.06 9.31 11.21
C PRO A 61 -3.28 9.85 9.78
N ARG A 62 -4.49 10.41 9.53
CA ARG A 62 -4.89 11.01 8.24
C ARG A 62 -3.81 11.93 7.61
N ASP A 63 -3.05 12.61 8.46
CA ASP A 63 -2.00 13.56 8.03
C ASP A 63 -0.78 12.83 7.43
N THR A 64 -0.44 11.65 7.98
CA THR A 64 0.81 10.91 7.65
C THR A 64 0.50 9.53 7.04
N ALA A 65 -0.80 9.29 6.73
CA ALA A 65 -1.27 8.04 6.09
C ALA A 65 -0.58 7.82 4.73
N PHE A 66 -0.21 8.94 4.10
CA PHE A 66 0.49 9.00 2.80
C PHE A 66 1.96 8.53 2.88
N ASN A 67 2.46 8.30 4.10
CA ASN A 67 3.82 7.77 4.36
C ASN A 67 3.80 6.23 4.45
N PHE A 68 2.61 5.64 4.12
CA PHE A 68 2.36 4.19 4.17
C PHE A 68 3.44 3.40 3.42
N ALA A 69 3.79 3.88 2.21
CA ALA A 69 4.77 3.24 1.34
C ALA A 69 6.18 3.20 1.95
N SER A 70 6.54 4.18 2.79
CA SER A 70 7.88 4.25 3.40
C SER A 70 8.08 3.07 4.38
N ASP A 71 7.10 2.88 5.27
CA ASP A 71 7.12 1.81 6.28
C ASP A 71 6.91 0.43 5.64
N ALA A 72 5.87 0.33 4.78
CA ALA A 72 5.53 -0.92 4.03
C ALA A 72 6.74 -1.50 3.28
N THR A 73 7.42 -0.63 2.51
CA THR A 73 8.67 -0.99 1.81
C THR A 73 9.77 -1.41 2.81
N ARG A 74 9.88 -0.66 3.91
CA ARG A 74 10.92 -0.85 4.95
C ARG A 74 10.82 -2.27 5.54
N VAL A 75 9.59 -2.67 5.92
CA VAL A 75 9.30 -3.99 6.52
C VAL A 75 9.65 -5.13 5.51
N ALA A 76 9.41 -4.86 4.22
CA ALA A 76 9.59 -5.85 3.15
C ALA A 76 11.08 -6.14 2.92
N GLN A 77 11.84 -5.05 2.70
CA GLN A 77 13.25 -5.09 2.28
C GLN A 77 14.19 -5.58 3.41
N LYS A 78 13.86 -5.21 4.68
CA LYS A 78 14.59 -5.70 5.87
C LYS A 78 14.50 -7.24 5.97
N HIS A 79 13.36 -7.79 5.51
CA HIS A 79 13.10 -9.24 5.56
C HIS A 79 13.54 -9.94 4.25
N GLY A 80 14.36 -9.27 3.42
CA GLY A 80 14.91 -9.89 2.21
C GLY A 80 14.17 -9.56 0.93
N LEU A 81 14.18 -8.28 0.56
CA LEU A 81 13.85 -7.83 -0.82
C LEU A 81 15.01 -7.00 -1.37
N HIS A 82 15.86 -6.46 -0.44
CA HIS A 82 16.85 -5.37 -0.73
C HIS A 82 16.08 -4.05 -1.05
N PRO A 83 16.73 -2.83 -1.06
CA PRO A 83 16.09 -1.58 -1.52
C PRO A 83 15.34 -1.74 -2.86
N LYS A 84 13.99 -1.85 -2.80
CA LYS A 84 13.12 -2.11 -3.97
C LYS A 84 13.09 -0.89 -4.91
N PHE A 85 13.52 0.27 -4.40
CA PHE A 85 13.68 1.49 -5.19
C PHE A 85 15.03 1.44 -5.95
N GLY A 86 16.02 0.78 -5.33
CA GLY A 86 17.32 0.52 -5.96
C GLY A 86 17.22 -0.50 -7.11
N ALA A 87 16.24 -1.41 -7.00
CA ALA A 87 15.88 -2.36 -8.08
C ALA A 87 14.35 -2.31 -8.29
N ILE A 88 13.90 -1.33 -9.08
CA ILE A 88 12.47 -1.00 -9.27
C ILE A 88 11.66 -2.14 -9.92
N THR A 89 10.33 -2.03 -9.77
CA THR A 89 9.37 -2.93 -10.43
C THR A 89 9.49 -2.81 -11.96
N ARG A 90 9.58 -1.53 -12.44
CA ARG A 90 9.74 -1.14 -13.86
C ARG A 90 8.40 -1.31 -14.65
N VAL A 91 7.65 -2.39 -14.34
CA VAL A 91 6.25 -2.59 -14.76
C VAL A 91 5.30 -1.51 -14.16
N HIS A 92 3.97 -1.71 -14.32
CA HIS A 92 2.94 -0.79 -13.81
C HIS A 92 3.12 -0.54 -12.30
N LYS A 93 2.91 0.72 -11.89
CA LYS A 93 3.06 1.17 -10.50
C LYS A 93 1.74 1.77 -10.02
N GLU A 94 1.23 1.28 -8.88
CA GLU A 94 -0.12 1.61 -8.37
C GLU A 94 -0.04 2.53 -7.13
N TYR A 95 1.10 3.24 -6.94
CA TYR A 95 1.30 4.10 -5.77
C TYR A 95 0.25 5.22 -5.73
N ASP A 96 0.17 5.99 -6.84
CA ASP A 96 -0.78 7.14 -6.96
C ASP A 96 -2.24 6.67 -6.92
N ALA A 97 -2.52 5.45 -7.42
CA ALA A 97 -3.88 4.87 -7.41
C ALA A 97 -4.35 4.58 -5.97
N MET A 98 -3.47 3.89 -5.22
CA MET A 98 -3.65 3.58 -3.79
C MET A 98 -3.66 4.87 -2.95
N PHE A 99 -2.85 5.85 -3.37
CA PHE A 99 -2.73 7.18 -2.71
C PHE A 99 -4.07 7.92 -2.73
N GLU A 100 -4.67 8.00 -3.94
CA GLU A 100 -5.98 8.67 -4.15
C GLU A 100 -7.14 7.91 -3.48
N ASP A 101 -7.01 6.58 -3.36
CA ASP A 101 -8.02 5.79 -2.63
C ASP A 101 -7.93 6.07 -1.13
N ILE A 102 -6.69 6.03 -0.59
CA ILE A 102 -6.41 6.32 0.84
C ILE A 102 -6.88 7.73 1.24
N ARG A 103 -6.59 8.75 0.40
CA ARG A 103 -7.01 10.16 0.68
C ARG A 103 -8.54 10.26 0.74
N ALA A 104 -9.22 9.37 -0.01
CA ALA A 104 -10.69 9.26 -0.03
C ALA A 104 -11.23 8.61 1.27
N LYS A 105 -10.67 7.44 1.62
CA LYS A 105 -11.06 6.65 2.82
C LYS A 105 -10.88 7.44 4.12
N LEU A 106 -9.75 8.15 4.22
CA LEU A 106 -9.41 9.00 5.39
C LEU A 106 -10.28 10.26 5.46
N HIS A 107 -10.87 10.69 4.33
CA HIS A 107 -11.91 11.74 4.30
C HIS A 107 -13.26 11.16 4.80
N ALA A 108 -13.41 9.82 4.66
CA ALA A 108 -14.64 9.06 4.96
C ALA A 108 -15.70 9.29 3.86
N HIS A 109 -15.67 8.41 2.84
CA HIS A 109 -16.68 8.33 1.76
C HIS A 109 -17.47 7.01 1.89
N PRO A 110 -18.67 6.86 1.21
CA PRO A 110 -19.37 5.56 1.10
C PRO A 110 -18.61 4.56 0.20
N GLY A 111 -17.51 3.98 0.75
CA GLY A 111 -16.69 3.01 0.02
C GLY A 111 -15.74 3.66 -0.99
N GLU A 112 -16.29 4.02 -2.15
CA GLU A 112 -15.51 4.49 -3.31
C GLU A 112 -15.11 5.98 -3.19
N PRO A 113 -13.93 6.38 -3.78
CA PRO A 113 -13.51 7.81 -3.92
C PRO A 113 -14.54 8.70 -4.66
N VAL A 114 -14.38 10.03 -4.53
CA VAL A 114 -15.26 11.02 -5.18
C VAL A 114 -15.01 11.02 -6.71
N ASP A 115 -16.10 10.77 -7.47
CA ASP A 115 -16.03 10.51 -8.93
C ASP A 115 -16.10 11.80 -9.76
N LEU A 116 -15.63 12.93 -9.19
CA LEU A 116 -15.52 14.20 -9.93
C LEU A 116 -14.47 14.08 -11.07
N GLU A 117 -13.46 13.22 -10.84
CA GLU A 117 -12.36 12.98 -11.79
C GLU A 117 -12.62 11.75 -12.70
N ARG A 118 -13.86 11.20 -12.64
CA ARG A 118 -14.25 9.98 -13.41
C ARG A 118 -14.49 10.31 -14.90
N ILE A 119 -14.51 11.62 -15.21
CA ILE A 119 -14.64 12.15 -16.57
C ILE A 119 -13.34 11.86 -17.37
N ILE A 120 -12.18 12.01 -16.69
CA ILE A 120 -10.86 11.71 -17.28
C ILE A 120 -10.25 10.47 -16.57
N ARG A 121 -10.57 9.28 -17.11
CA ARG A 121 -9.97 8.00 -16.65
C ARG A 121 -9.26 7.34 -17.85
N HIS A 122 -8.81 6.09 -17.68
CA HIS A 122 -8.22 5.30 -18.77
C HIS A 122 -8.98 3.97 -18.89
N GLU A 123 -9.43 3.66 -20.11
CA GLU A 123 -10.32 2.52 -20.42
C GLU A 123 -9.54 1.18 -20.50
N GLY A 124 -8.30 1.24 -21.00
CA GLY A 124 -7.45 0.06 -21.14
C GLY A 124 -6.50 -0.10 -19.97
N SER A 125 -6.56 -1.23 -19.27
CA SER A 125 -5.68 -1.52 -18.12
C SER A 125 -5.17 -2.97 -18.25
N GLN A 1 2.35 -14.90 -8.15
CA GLN A 1 3.31 -14.24 -9.08
C GLN A 1 3.18 -12.70 -9.01
N GLY A 2 4.29 -12.01 -8.70
CA GLY A 2 4.37 -10.55 -8.75
C GLY A 2 3.64 -9.84 -7.61
N HIS A 3 2.34 -9.59 -7.80
CA HIS A 3 1.48 -8.86 -6.85
C HIS A 3 0.02 -9.29 -7.00
N MET A 4 -0.81 -8.93 -6.01
CA MET A 4 -2.26 -9.22 -6.01
C MET A 4 -2.98 -8.31 -5.00
N PHE A 5 -3.76 -7.34 -5.51
CA PHE A 5 -4.46 -6.34 -4.66
C PHE A 5 -5.96 -6.63 -4.57
N GLU A 6 -6.51 -6.41 -3.37
CA GLU A 6 -7.95 -6.45 -3.06
C GLU A 6 -8.26 -5.26 -2.12
N PRO A 7 -9.53 -4.73 -2.08
CA PRO A 7 -9.90 -3.62 -1.16
C PRO A 7 -9.77 -4.05 0.33
N GLY A 8 -8.65 -3.66 0.97
CA GLY A 8 -8.37 -3.99 2.38
C GLY A 8 -7.03 -4.68 2.60
N HIS A 9 -6.44 -5.25 1.52
CA HIS A 9 -5.23 -6.09 1.61
C HIS A 9 -4.47 -6.16 0.27
N LEU A 10 -3.15 -6.35 0.34
CA LEU A 10 -2.24 -6.46 -0.82
C LEU A 10 -1.29 -7.66 -0.59
N HIS A 11 -0.86 -8.30 -1.68
CA HIS A 11 0.14 -9.38 -1.65
C HIS A 11 1.32 -9.02 -2.58
N LEU A 12 2.55 -9.30 -2.12
CA LEU A 12 3.82 -9.12 -2.87
C LEU A 12 4.52 -10.48 -2.89
N VAL A 13 4.92 -10.97 -4.08
CA VAL A 13 5.51 -12.32 -4.21
C VAL A 13 6.54 -12.42 -5.37
N SER A 14 7.80 -12.19 -4.99
CA SER A 14 8.97 -12.57 -5.79
C SER A 14 9.16 -14.09 -5.73
N LEU A 15 8.82 -14.76 -6.84
CA LEU A 15 8.94 -16.22 -6.95
C LEU A 15 10.43 -16.64 -7.16
N PRO A 16 10.89 -17.73 -6.49
CA PRO A 16 12.21 -18.32 -6.75
C PRO A 16 12.17 -19.36 -7.91
N GLY A 17 12.01 -20.68 -7.60
CA GLY A 17 12.03 -21.75 -8.61
C GLY A 17 13.43 -21.97 -9.19
N LEU A 18 13.65 -21.50 -10.44
CA LEU A 18 14.98 -21.50 -11.10
C LEU A 18 15.83 -20.34 -10.55
N ASP A 19 15.14 -19.29 -10.09
CA ASP A 19 15.75 -18.14 -9.42
C ASP A 19 15.93 -18.46 -7.93
N GLN A 20 16.77 -17.69 -7.23
CA GLN A 20 17.06 -17.92 -5.79
C GLN A 20 16.24 -16.99 -4.89
N GLN A 21 16.03 -15.74 -5.34
CA GLN A 21 15.44 -14.71 -4.49
C GLN A 21 13.92 -14.86 -4.32
N ASP A 22 13.59 -15.27 -3.11
CA ASP A 22 12.24 -15.40 -2.58
C ASP A 22 11.88 -14.20 -1.67
N ILE A 23 10.91 -13.37 -2.11
CA ILE A 23 10.22 -12.40 -1.20
C ILE A 23 8.72 -12.72 -1.22
N ASN A 24 8.13 -12.78 -0.01
CA ASN A 24 6.68 -12.97 0.17
C ASN A 24 6.23 -12.07 1.32
N ILE A 25 5.32 -11.14 1.00
CA ILE A 25 4.89 -10.05 1.90
C ILE A 25 3.39 -9.82 1.69
N HIS A 26 2.71 -9.36 2.73
CA HIS A 26 1.31 -8.92 2.65
C HIS A 26 1.25 -7.49 3.22
N ILE A 27 0.36 -6.64 2.70
CA ILE A 27 0.11 -5.31 3.26
C ILE A 27 -1.39 -5.18 3.53
N ARG A 28 -1.75 -5.23 4.81
CA ARG A 28 -3.12 -5.05 5.29
C ARG A 28 -3.26 -3.60 5.74
N TYR A 29 -4.33 -2.95 5.32
CA TYR A 29 -4.64 -1.59 5.72
C TYR A 29 -6.13 -1.54 6.07
N GLU A 30 -6.46 -1.09 7.28
CA GLU A 30 -7.83 -0.94 7.75
C GLU A 30 -8.01 0.48 8.25
N VAL A 31 -8.87 1.26 7.58
CA VAL A 31 -9.12 2.64 7.97
C VAL A 31 -10.21 2.64 9.02
N ARG A 32 -9.86 3.06 10.23
CA ARG A 32 -10.78 3.11 11.37
C ARG A 32 -10.77 4.53 11.93
N GLN A 33 -11.76 4.87 12.74
CA GLN A 33 -11.87 6.17 13.38
C GLN A 33 -11.67 5.98 14.90
N ASN A 34 -10.57 6.50 15.43
CA ASN A 34 -10.32 6.57 16.89
C ASN A 34 -10.74 7.95 17.42
N ALA A 35 -11.28 7.99 18.64
CA ALA A 35 -11.70 9.25 19.29
C ALA A 35 -10.49 10.15 19.64
N GLU A 36 -9.30 9.52 19.68
CA GLU A 36 -8.02 10.17 20.00
C GLU A 36 -7.58 11.17 18.90
N SER A 37 -7.55 10.71 17.63
CA SER A 37 -7.01 11.51 16.49
C SER A 37 -8.03 11.71 15.36
N GLY A 38 -9.12 10.93 15.39
CA GLY A 38 -10.12 10.94 14.33
C GLY A 38 -9.89 9.80 13.35
N ALA A 39 -9.79 10.13 12.05
CA ALA A 39 -9.44 9.15 11.01
C ALA A 39 -7.98 8.70 11.16
N TYR A 40 -7.76 7.38 11.05
CA TYR A 40 -6.41 6.78 10.95
C TYR A 40 -6.49 5.46 10.19
N VAL A 41 -5.33 4.89 9.85
CA VAL A 41 -5.24 3.58 9.19
C VAL A 41 -4.28 2.69 9.99
N HIS A 42 -4.79 1.53 10.44
CA HIS A 42 -3.98 0.50 11.09
C HIS A 42 -3.45 -0.47 10.02
N PHE A 43 -2.12 -0.60 9.93
CA PHE A 43 -1.46 -1.50 8.96
C PHE A 43 -0.87 -2.73 9.67
N ASP A 44 -1.04 -3.91 9.05
CA ASP A 44 -0.38 -5.17 9.46
C ASP A 44 0.33 -5.76 8.23
N MET A 45 1.65 -5.99 8.31
CA MET A 45 2.42 -6.62 7.21
C MET A 45 3.04 -7.93 7.68
N ASP A 46 2.85 -9.01 6.89
CA ASP A 46 3.30 -10.38 7.24
C ASP A 46 3.55 -11.21 5.98
N GLY A 47 4.33 -12.28 6.12
CA GLY A 47 4.59 -13.23 5.02
C GLY A 47 5.79 -14.08 5.33
N GLU A 48 6.58 -14.49 4.31
CA GLU A 48 7.85 -15.19 4.54
C GLU A 48 8.89 -14.87 3.44
N ILE A 49 9.90 -14.07 3.82
CA ILE A 49 11.04 -13.73 2.94
C ILE A 49 12.24 -14.61 3.23
N ASP A 50 12.74 -15.28 2.17
CA ASP A 50 13.95 -16.16 2.23
C ASP A 50 13.65 -17.44 3.06
N GLY A 51 12.34 -17.70 3.28
CA GLY A 51 11.88 -18.78 4.16
C GLY A 51 11.45 -18.29 5.54
N LYS A 52 11.83 -17.04 5.90
CA LYS A 52 11.62 -16.47 7.24
C LYS A 52 10.20 -15.88 7.41
N PRO A 53 9.31 -16.52 8.24
CA PRO A 53 7.97 -15.97 8.53
C PRO A 53 8.09 -14.74 9.46
N PHE A 54 7.30 -13.70 9.17
CA PHE A 54 7.39 -12.41 9.87
C PHE A 54 6.01 -11.77 10.03
N SER A 55 5.89 -10.91 11.05
CA SER A 55 4.70 -10.10 11.29
C SER A 55 5.12 -8.79 11.98
N ASP A 56 4.64 -7.66 11.43
CA ASP A 56 4.99 -6.31 11.90
C ASP A 56 3.73 -5.42 11.73
N SER A 57 3.64 -4.31 12.49
CA SER A 57 2.49 -3.40 12.44
C SER A 57 2.95 -1.94 12.61
N PHE A 58 2.30 -1.04 11.87
CA PHE A 58 2.46 0.42 12.03
C PHE A 58 1.10 1.10 11.85
N GLU A 59 0.87 2.19 12.58
CA GLU A 59 -0.40 2.94 12.55
C GLU A 59 -0.09 4.40 12.26
N LEU A 60 -0.80 4.95 11.27
CA LEU A 60 -0.60 6.32 10.81
C LEU A 60 -1.94 7.05 10.87
N PRO A 61 -2.05 8.18 11.63
CA PRO A 61 -3.26 9.05 11.61
C PRO A 61 -3.45 9.70 10.24
N ARG A 62 -4.66 10.24 9.97
CA ARG A 62 -4.96 10.99 8.72
C ARG A 62 -3.89 12.07 8.43
N ASP A 63 -3.29 12.60 9.50
CA ASP A 63 -2.18 13.55 9.48
C ASP A 63 -0.94 13.02 8.69
N THR A 64 -0.61 11.72 8.89
CA THR A 64 0.61 11.10 8.30
C THR A 64 0.26 9.81 7.54
N ALA A 65 -1.03 9.58 7.23
CA ALA A 65 -1.52 8.37 6.54
C ALA A 65 -0.96 8.28 5.11
N PHE A 66 -0.69 9.45 4.52
CA PHE A 66 -0.12 9.59 3.16
C PHE A 66 1.36 9.16 3.06
N ASN A 67 1.95 8.75 4.19
CA ASN A 67 3.31 8.18 4.25
C ASN A 67 3.23 6.64 4.23
N PHE A 68 2.00 6.10 4.06
CA PHE A 68 1.69 4.67 4.22
C PHE A 68 2.60 3.78 3.38
N ALA A 69 2.73 4.11 2.08
CA ALA A 69 3.43 3.28 1.10
C ALA A 69 4.94 3.36 1.27
N SER A 70 5.41 4.52 1.77
CA SER A 70 6.83 4.79 1.92
C SER A 70 7.38 3.95 3.08
N ASP A 71 6.62 3.93 4.21
CA ASP A 71 6.95 3.13 5.39
C ASP A 71 6.68 1.63 5.13
N ALA A 72 5.57 1.31 4.45
CA ALA A 72 5.26 -0.05 3.92
C ALA A 72 6.43 -0.63 3.10
N THR A 73 7.06 0.23 2.28
CA THR A 73 8.26 -0.15 1.50
C THR A 73 9.46 -0.31 2.44
N ARG A 74 9.61 0.63 3.39
CA ARG A 74 10.71 0.66 4.38
C ARG A 74 10.80 -0.65 5.17
N VAL A 75 9.68 -1.07 5.78
CA VAL A 75 9.59 -2.27 6.62
C VAL A 75 9.72 -3.55 5.77
N ALA A 76 9.24 -3.50 4.52
CA ALA A 76 9.39 -4.61 3.56
C ALA A 76 10.88 -4.89 3.28
N GLN A 77 11.64 -3.79 3.23
CA GLN A 77 13.09 -3.80 2.97
C GLN A 77 13.90 -4.24 4.22
N LYS A 78 13.47 -3.77 5.42
CA LYS A 78 14.11 -4.12 6.71
C LYS A 78 14.23 -5.64 6.92
N HIS A 79 13.22 -6.38 6.43
CA HIS A 79 13.17 -7.86 6.53
C HIS A 79 14.04 -8.57 5.46
N GLY A 80 15.09 -7.87 4.95
CA GLY A 80 16.07 -8.46 4.02
C GLY A 80 15.45 -9.01 2.75
N LEU A 81 14.78 -8.15 1.98
CA LEU A 81 14.02 -8.57 0.80
C LEU A 81 14.97 -8.84 -0.40
N HIS A 82 16.13 -8.15 -0.45
CA HIS A 82 17.06 -8.17 -1.62
C HIS A 82 16.29 -7.76 -2.91
N PRO A 83 16.32 -6.43 -3.30
CA PRO A 83 15.47 -5.89 -4.41
C PRO A 83 15.76 -6.57 -5.77
N LYS A 84 15.02 -7.65 -6.01
CA LYS A 84 15.04 -8.39 -7.28
C LYS A 84 14.31 -7.58 -8.37
N PHE A 85 13.21 -6.91 -7.97
CA PHE A 85 12.40 -6.05 -8.84
C PHE A 85 13.21 -4.81 -9.32
N GLY A 86 14.32 -4.51 -8.59
CA GLY A 86 15.16 -3.34 -8.89
C GLY A 86 14.47 -2.05 -8.51
N ALA A 87 14.14 -1.23 -9.52
CA ALA A 87 13.37 0.02 -9.37
C ALA A 87 12.83 0.45 -10.74
N ILE A 88 11.73 -0.18 -11.16
CA ILE A 88 11.06 0.13 -12.44
C ILE A 88 9.99 1.21 -12.20
N THR A 89 10.40 2.47 -12.44
CA THR A 89 9.52 3.66 -12.31
C THR A 89 8.70 3.88 -13.61
N ARG A 90 8.95 3.03 -14.62
CA ARG A 90 8.38 3.15 -15.98
C ARG A 90 6.93 2.66 -16.01
N VAL A 91 6.67 1.56 -15.29
CA VAL A 91 5.32 0.95 -15.18
C VAL A 91 4.35 1.83 -14.37
N HIS A 92 3.07 1.44 -14.37
CA HIS A 92 2.05 2.10 -13.53
C HIS A 92 2.19 1.63 -12.06
N LYS A 93 3.08 2.31 -11.34
CA LYS A 93 3.19 2.19 -9.87
C LYS A 93 1.84 2.60 -9.23
N GLU A 94 1.30 1.72 -8.37
CA GLU A 94 -0.06 1.84 -7.81
C GLU A 94 -0.09 2.72 -6.53
N TYR A 95 0.86 3.68 -6.42
CA TYR A 95 0.93 4.58 -5.27
C TYR A 95 -0.29 5.50 -5.27
N ASP A 96 -0.50 6.22 -6.38
CA ASP A 96 -1.63 7.17 -6.56
C ASP A 96 -3.00 6.48 -6.36
N ALA A 97 -3.13 5.24 -6.86
CA ALA A 97 -4.39 4.49 -6.79
C ALA A 97 -4.79 4.20 -5.33
N MET A 98 -3.84 3.66 -4.56
CA MET A 98 -4.02 3.34 -3.13
C MET A 98 -4.10 4.62 -2.27
N PHE A 99 -3.38 5.68 -2.71
CA PHE A 99 -3.29 6.99 -2.03
C PHE A 99 -4.67 7.67 -2.00
N GLU A 100 -5.24 7.84 -3.20
CA GLU A 100 -6.53 8.52 -3.40
C GLU A 100 -7.71 7.70 -2.86
N ASP A 101 -7.56 6.38 -2.84
CA ASP A 101 -8.57 5.48 -2.26
C ASP A 101 -8.63 5.68 -0.73
N ILE A 102 -7.45 5.64 -0.09
CA ILE A 102 -7.32 5.82 1.37
C ILE A 102 -7.84 7.20 1.81
N ARG A 103 -7.52 8.29 1.07
CA ARG A 103 -7.97 9.66 1.42
C ARG A 103 -9.50 9.81 1.30
N ALA A 104 -10.09 9.04 0.36
CA ALA A 104 -11.54 8.98 0.19
C ALA A 104 -12.21 8.33 1.41
N LYS A 105 -11.58 7.24 1.88
CA LYS A 105 -12.03 6.49 3.08
C LYS A 105 -11.74 7.26 4.40
N LEU A 106 -10.69 8.10 4.42
CA LEU A 106 -10.37 8.99 5.57
C LEU A 106 -11.48 10.02 5.79
N HIS A 107 -12.10 10.46 4.68
CA HIS A 107 -13.29 11.35 4.70
C HIS A 107 -14.54 10.62 5.26
N ALA A 108 -14.49 9.26 5.28
CA ALA A 108 -15.58 8.33 5.67
C ALA A 108 -16.55 8.14 4.50
N HIS A 109 -17.16 9.26 4.04
CA HIS A 109 -17.87 9.30 2.76
C HIS A 109 -16.82 9.38 1.63
N PRO A 110 -16.91 8.54 0.55
CA PRO A 110 -15.90 8.50 -0.54
C PRO A 110 -15.64 9.89 -1.20
N GLY A 111 -14.64 10.60 -0.66
CA GLY A 111 -14.15 11.85 -1.24
C GLY A 111 -13.08 11.57 -2.29
N GLU A 112 -13.53 11.00 -3.42
CA GLU A 112 -12.65 10.46 -4.48
C GLU A 112 -11.99 11.58 -5.33
N PRO A 113 -10.86 11.27 -6.05
CA PRO A 113 -10.15 12.24 -6.92
C PRO A 113 -11.03 12.80 -8.06
N VAL A 114 -11.61 13.98 -7.82
CA VAL A 114 -12.38 14.75 -8.81
C VAL A 114 -12.63 16.18 -8.30
N ASP A 115 -12.46 17.16 -9.19
CA ASP A 115 -12.57 18.62 -8.86
C ASP A 115 -13.53 19.31 -9.82
N LEU A 116 -14.67 18.62 -10.10
CA LEU A 116 -15.72 19.11 -11.02
C LEU A 116 -16.34 20.44 -10.55
N GLU A 117 -16.47 20.59 -9.21
CA GLU A 117 -17.12 21.76 -8.58
C GLU A 117 -16.08 22.86 -8.25
N ARG A 118 -14.78 22.57 -8.45
CA ARG A 118 -13.70 23.51 -8.06
C ARG A 118 -13.55 24.69 -9.07
N ILE A 119 -14.45 24.75 -10.07
CA ILE A 119 -14.49 25.83 -11.06
C ILE A 119 -15.11 27.11 -10.44
N ILE A 120 -16.39 27.01 -10.09
CA ILE A 120 -17.16 28.11 -9.47
C ILE A 120 -17.43 27.78 -8.00
N ARG A 121 -16.69 28.46 -7.10
CA ARG A 121 -16.83 28.30 -5.64
C ARG A 121 -17.02 29.68 -5.00
N HIS A 122 -18.23 30.25 -5.17
CA HIS A 122 -18.63 31.50 -4.50
C HIS A 122 -19.01 31.22 -3.05
N GLU A 123 -18.41 31.96 -2.11
CA GLU A 123 -18.71 31.82 -0.67
C GLU A 123 -20.06 32.52 -0.35
N GLY A 124 -20.94 31.82 0.36
CA GLY A 124 -22.29 32.31 0.69
C GLY A 124 -22.27 33.49 1.64
N SER A 125 -21.53 33.35 2.75
CA SER A 125 -21.40 34.38 3.79
C SER A 125 -20.26 35.36 3.42
N GLN A 1 -2.74 -11.70 -10.80
CA GLN A 1 -1.94 -12.43 -9.79
C GLN A 1 -0.61 -11.70 -9.53
N GLY A 2 0.18 -12.21 -8.58
CA GLY A 2 1.46 -11.60 -8.23
C GLY A 2 1.30 -10.34 -7.37
N HIS A 3 2.06 -9.27 -7.72
CA HIS A 3 2.00 -7.98 -7.01
C HIS A 3 0.78 -7.18 -7.52
N MET A 4 -0.19 -6.93 -6.61
CA MET A 4 -1.50 -6.34 -6.96
C MET A 4 -1.97 -5.38 -5.87
N PHE A 5 -2.66 -4.29 -6.25
CA PHE A 5 -3.33 -3.38 -5.30
C PHE A 5 -4.86 -3.56 -5.38
N GLU A 6 -5.54 -3.41 -4.23
CA GLU A 6 -7.00 -3.44 -4.13
C GLU A 6 -7.44 -2.65 -2.86
N PRO A 7 -8.68 -2.06 -2.83
CA PRO A 7 -9.21 -1.36 -1.64
C PRO A 7 -9.26 -2.27 -0.38
N GLY A 8 -8.22 -2.15 0.47
CA GLY A 8 -8.12 -2.88 1.73
C GLY A 8 -6.79 -3.63 1.87
N HIS A 9 -6.11 -3.91 0.74
CA HIS A 9 -4.90 -4.77 0.74
C HIS A 9 -3.96 -4.47 -0.47
N LEU A 10 -2.66 -4.71 -0.27
CA LEU A 10 -1.60 -4.59 -1.28
C LEU A 10 -0.68 -5.84 -1.15
N HIS A 11 -0.38 -6.50 -2.27
CA HIS A 11 0.38 -7.76 -2.30
C HIS A 11 1.74 -7.54 -2.99
N LEU A 12 2.79 -8.18 -2.43
CA LEU A 12 4.16 -8.24 -2.97
C LEU A 12 4.60 -9.71 -2.85
N VAL A 13 5.03 -10.38 -3.95
CA VAL A 13 5.33 -11.83 -3.87
C VAL A 13 6.42 -12.33 -4.86
N SER A 14 7.03 -13.44 -4.44
CA SER A 14 7.85 -14.32 -5.29
C SER A 14 6.93 -14.85 -6.41
N LEU A 15 7.08 -14.27 -7.60
CA LEU A 15 6.11 -14.41 -8.73
C LEU A 15 6.78 -15.13 -9.91
N PRO A 16 6.00 -15.57 -10.97
CA PRO A 16 6.59 -16.18 -12.20
C PRO A 16 7.54 -15.19 -12.93
N GLY A 17 8.82 -15.28 -12.55
CA GLY A 17 9.87 -14.38 -13.03
C GLY A 17 10.85 -14.07 -11.92
N LEU A 18 10.31 -13.86 -10.71
CA LEU A 18 11.09 -13.59 -9.49
C LEU A 18 11.08 -14.84 -8.59
N ASP A 19 12.13 -15.66 -8.72
CA ASP A 19 12.32 -16.91 -7.94
C ASP A 19 13.71 -16.92 -7.29
N GLN A 20 14.46 -15.79 -7.40
CA GLN A 20 15.83 -15.67 -6.83
C GLN A 20 15.81 -15.98 -5.32
N GLN A 21 14.84 -15.39 -4.62
CA GLN A 21 14.60 -15.68 -3.19
C GLN A 21 13.10 -15.85 -2.92
N ASP A 22 12.78 -16.59 -1.85
CA ASP A 22 11.40 -16.80 -1.38
C ASP A 22 10.91 -15.57 -0.60
N ILE A 23 10.11 -14.71 -1.25
CA ILE A 23 9.40 -13.61 -0.56
C ILE A 23 7.87 -13.82 -0.68
N ASN A 24 7.17 -13.42 0.37
CA ASN A 24 5.73 -13.20 0.34
C ASN A 24 5.41 -12.17 1.42
N ILE A 25 4.72 -11.10 1.02
CA ILE A 25 4.49 -9.92 1.88
C ILE A 25 3.05 -9.47 1.64
N HIS A 26 2.24 -9.54 2.70
CA HIS A 26 0.83 -9.18 2.68
C HIS A 26 0.71 -7.83 3.37
N ILE A 27 0.16 -6.80 2.70
CA ILE A 27 0.06 -5.45 3.30
C ILE A 27 -1.42 -5.13 3.48
N ARG A 28 -1.87 -5.21 4.71
CA ARG A 28 -3.25 -4.90 5.12
C ARG A 28 -3.29 -3.47 5.65
N TYR A 29 -4.35 -2.74 5.33
CA TYR A 29 -4.63 -1.42 5.93
C TYR A 29 -6.13 -1.32 6.23
N GLU A 30 -6.46 -0.81 7.41
CA GLU A 30 -7.83 -0.77 7.95
C GLU A 30 -8.12 0.65 8.45
N VAL A 31 -9.07 1.33 7.83
CA VAL A 31 -9.43 2.71 8.18
C VAL A 31 -10.48 2.69 9.30
N ARG A 32 -10.14 3.38 10.40
CA ARG A 32 -10.89 3.33 11.68
C ARG A 32 -10.66 4.66 12.43
N GLN A 33 -11.44 4.90 13.50
CA GLN A 33 -11.26 6.07 14.39
C GLN A 33 -10.65 5.62 15.74
N ASN A 34 -9.53 6.26 16.13
CA ASN A 34 -8.91 6.11 17.46
C ASN A 34 -9.27 7.34 18.31
N ALA A 35 -9.40 7.17 19.64
CA ALA A 35 -9.76 8.26 20.57
C ALA A 35 -8.61 9.27 20.76
N GLU A 36 -7.37 8.83 20.44
CA GLU A 36 -6.14 9.61 20.67
C GLU A 36 -6.04 10.82 19.71
N SER A 37 -6.26 10.57 18.40
CA SER A 37 -5.99 11.56 17.33
C SER A 37 -7.18 11.73 16.34
N GLY A 38 -8.22 10.89 16.49
CA GLY A 38 -9.39 10.92 15.60
C GLY A 38 -9.29 9.87 14.49
N ALA A 39 -9.38 10.29 13.23
CA ALA A 39 -9.25 9.38 12.06
C ALA A 39 -7.82 8.84 11.93
N TYR A 40 -7.69 7.53 11.63
CA TYR A 40 -6.37 6.88 11.42
C TYR A 40 -6.54 5.62 10.54
N VAL A 41 -5.39 4.95 10.25
CA VAL A 41 -5.36 3.65 9.56
C VAL A 41 -4.39 2.69 10.31
N HIS A 42 -4.88 1.48 10.64
CA HIS A 42 -4.05 0.39 11.19
C HIS A 42 -3.49 -0.45 10.03
N PHE A 43 -2.17 -0.55 9.93
CA PHE A 43 -1.48 -1.35 8.92
C PHE A 43 -0.99 -2.67 9.55
N ASP A 44 -1.24 -3.81 8.87
CA ASP A 44 -0.90 -5.15 9.37
C ASP A 44 -0.21 -5.96 8.25
N MET A 45 1.09 -6.31 8.42
CA MET A 45 1.85 -7.06 7.41
C MET A 45 2.36 -8.39 7.97
N ASP A 46 2.41 -9.42 7.09
CA ASP A 46 2.91 -10.76 7.45
C ASP A 46 3.37 -11.53 6.20
N GLY A 47 4.25 -12.52 6.43
CA GLY A 47 4.72 -13.45 5.39
C GLY A 47 5.99 -14.15 5.83
N GLU A 48 6.83 -14.63 4.89
CA GLU A 48 8.16 -15.19 5.23
C GLU A 48 9.18 -14.96 4.09
N ILE A 49 10.20 -14.16 4.42
CA ILE A 49 11.32 -13.86 3.48
C ILE A 49 12.53 -14.76 3.77
N ASP A 50 13.06 -15.38 2.68
CA ASP A 50 14.05 -16.48 2.69
C ASP A 50 13.46 -17.76 3.34
N GLY A 51 13.25 -17.66 4.65
CA GLY A 51 12.70 -18.70 5.48
C GLY A 51 12.55 -18.16 6.88
N LYS A 52 11.97 -16.94 6.93
CA LYS A 52 11.88 -16.13 8.16
C LYS A 52 10.48 -15.52 8.24
N PRO A 53 9.58 -16.06 9.12
CA PRO A 53 8.23 -15.50 9.33
C PRO A 53 8.32 -14.15 10.06
N PHE A 54 7.54 -13.17 9.60
CA PHE A 54 7.48 -11.84 10.21
C PHE A 54 6.02 -11.40 10.33
N SER A 55 5.68 -10.80 11.47
CA SER A 55 4.37 -10.21 11.72
C SER A 55 4.58 -8.82 12.35
N ASP A 56 4.12 -7.79 11.65
CA ASP A 56 4.33 -6.39 12.02
C ASP A 56 3.00 -5.63 11.93
N SER A 57 2.74 -4.74 12.89
CA SER A 57 1.54 -3.89 12.90
C SER A 57 1.93 -2.49 13.39
N PHE A 58 1.62 -1.47 12.57
CA PHE A 58 1.94 -0.06 12.86
C PHE A 58 0.73 0.80 12.51
N GLU A 59 0.47 1.82 13.32
CA GLU A 59 -0.72 2.68 13.19
C GLU A 59 -0.31 4.13 12.98
N LEU A 60 -0.89 4.77 11.97
CA LEU A 60 -0.59 6.16 11.59
C LEU A 60 -1.92 6.93 11.50
N PRO A 61 -2.05 8.13 12.15
CA PRO A 61 -3.21 9.04 11.96
C PRO A 61 -3.36 9.45 10.47
N ARG A 62 -4.60 9.82 10.07
CA ARG A 62 -4.92 10.31 8.69
C ARG A 62 -3.88 11.31 8.09
N ASP A 63 -3.14 12.03 8.95
CA ASP A 63 -2.21 13.10 8.55
C ASP A 63 -0.83 12.54 8.18
N THR A 64 -0.57 11.26 8.55
CA THR A 64 0.71 10.56 8.30
C THR A 64 0.47 9.14 7.70
N ALA A 65 -0.82 8.76 7.54
CA ALA A 65 -1.25 7.46 6.97
C ALA A 65 -0.70 7.24 5.55
N PHE A 66 -0.65 8.35 4.80
CA PHE A 66 -0.13 8.38 3.41
C PHE A 66 1.41 8.17 3.33
N ASN A 67 2.08 8.19 4.50
CA ASN A 67 3.55 8.05 4.57
C ASN A 67 3.95 6.57 4.75
N PHE A 68 2.93 5.69 4.96
CA PHE A 68 3.12 4.25 5.20
C PHE A 68 3.96 3.57 4.10
N ALA A 69 3.80 4.01 2.83
CA ALA A 69 4.56 3.47 1.68
C ALA A 69 6.08 3.50 1.90
N SER A 70 6.56 4.44 2.74
CA SER A 70 7.96 4.46 3.17
C SER A 70 8.23 3.31 4.16
N ASP A 71 7.40 3.22 5.23
CA ASP A 71 7.59 2.26 6.35
C ASP A 71 7.25 0.80 5.94
N ALA A 72 6.03 0.56 5.42
CA ALA A 72 5.60 -0.74 4.83
C ALA A 72 6.67 -1.36 3.88
N THR A 73 7.35 -0.49 3.11
CA THR A 73 8.46 -0.91 2.22
C THR A 73 9.75 -1.12 3.06
N ARG A 74 9.97 -0.27 4.07
CA ARG A 74 11.16 -0.30 4.95
C ARG A 74 11.26 -1.62 5.73
N VAL A 75 10.15 -2.02 6.35
CA VAL A 75 10.04 -3.28 7.11
C VAL A 75 10.30 -4.49 6.19
N ALA A 76 9.76 -4.40 4.96
CA ALA A 76 9.87 -5.45 3.93
C ALA A 76 11.33 -5.63 3.48
N GLN A 77 12.02 -4.50 3.23
CA GLN A 77 13.39 -4.49 2.69
C GLN A 77 14.42 -4.86 3.78
N LYS A 78 14.08 -4.58 5.05
CA LYS A 78 14.86 -5.02 6.21
C LYS A 78 14.96 -6.56 6.28
N HIS A 79 13.83 -7.27 6.09
CA HIS A 79 13.82 -8.75 6.15
C HIS A 79 14.46 -9.34 4.90
N GLY A 80 14.35 -8.62 3.77
CA GLY A 80 15.25 -8.79 2.65
C GLY A 80 14.51 -8.62 1.33
N LEU A 81 14.29 -7.36 0.93
CA LEU A 81 13.61 -7.02 -0.33
C LEU A 81 14.30 -5.83 -1.01
N HIS A 82 14.17 -5.79 -2.34
CA HIS A 82 14.66 -4.71 -3.19
C HIS A 82 14.06 -4.84 -4.63
N PRO A 83 14.26 -6.02 -5.37
CA PRO A 83 14.02 -6.22 -6.84
C PRO A 83 13.39 -5.05 -7.65
N LYS A 84 12.23 -5.28 -8.31
CA LYS A 84 11.53 -4.26 -9.11
C LYS A 84 10.65 -3.35 -8.25
N PHE A 85 10.52 -3.68 -6.95
CA PHE A 85 9.64 -2.96 -6.02
C PHE A 85 10.28 -1.62 -5.60
N GLY A 86 11.53 -1.72 -5.08
CA GLY A 86 12.34 -0.57 -4.66
C GLY A 86 11.59 0.49 -3.87
N ALA A 87 11.59 1.72 -4.37
CA ALA A 87 10.85 2.86 -3.79
C ALA A 87 9.85 3.39 -4.81
N ILE A 88 8.84 4.14 -4.31
CA ILE A 88 7.80 4.78 -5.14
C ILE A 88 8.40 5.93 -6.01
N THR A 89 9.54 6.47 -5.55
CA THR A 89 10.31 7.48 -6.29
C THR A 89 11.15 6.83 -7.42
N ARG A 90 11.63 5.60 -7.17
CA ARG A 90 12.47 4.86 -8.13
C ARG A 90 11.62 4.41 -9.33
N VAL A 91 10.58 3.62 -9.04
CA VAL A 91 9.61 3.13 -10.02
C VAL A 91 8.20 3.53 -9.57
N HIS A 92 7.30 3.82 -10.52
CA HIS A 92 5.89 4.10 -10.22
C HIS A 92 5.18 2.78 -9.82
N LYS A 93 5.26 2.48 -8.52
CA LYS A 93 4.78 1.23 -7.91
C LYS A 93 3.30 1.39 -7.47
N GLU A 94 2.48 2.02 -8.35
CA GLU A 94 1.03 2.18 -8.20
C GLU A 94 0.62 2.90 -6.91
N TYR A 95 1.56 3.72 -6.36
CA TYR A 95 1.36 4.50 -5.13
C TYR A 95 0.29 5.57 -5.34
N ASP A 96 0.39 6.33 -6.44
CA ASP A 96 -0.59 7.39 -6.77
C ASP A 96 -2.04 6.84 -6.85
N ALA A 97 -2.18 5.60 -7.34
CA ALA A 97 -3.49 4.89 -7.36
C ALA A 97 -3.92 4.49 -5.93
N MET A 98 -2.96 3.97 -5.17
CA MET A 98 -3.11 3.64 -3.74
C MET A 98 -3.47 4.88 -2.87
N PHE A 99 -2.92 6.03 -3.26
CA PHE A 99 -3.05 7.30 -2.51
C PHE A 99 -4.51 7.81 -2.61
N GLU A 100 -5.00 7.94 -3.87
CA GLU A 100 -6.36 8.40 -4.16
C GLU A 100 -7.45 7.47 -3.57
N ASP A 101 -7.12 6.17 -3.44
CA ASP A 101 -8.01 5.18 -2.82
C ASP A 101 -8.16 5.48 -1.31
N ILE A 102 -7.00 5.57 -0.63
CA ILE A 102 -6.92 5.80 0.82
C ILE A 102 -7.52 7.17 1.24
N ARG A 103 -7.26 8.26 0.48
CA ARG A 103 -7.78 9.61 0.81
C ARG A 103 -9.33 9.63 0.76
N ALA A 104 -9.89 8.79 -0.14
CA ALA A 104 -11.34 8.63 -0.29
C ALA A 104 -11.93 7.85 0.89
N LYS A 105 -11.21 6.78 1.32
CA LYS A 105 -11.56 5.98 2.51
C LYS A 105 -11.64 6.84 3.78
N LEU A 106 -10.61 7.67 4.00
CA LEU A 106 -10.52 8.53 5.20
C LEU A 106 -11.64 9.60 5.18
N HIS A 107 -11.91 10.12 3.99
CA HIS A 107 -13.08 11.00 3.70
C HIS A 107 -14.41 10.27 4.01
N ALA A 108 -14.40 8.92 3.81
CA ALA A 108 -15.58 8.02 3.97
C ALA A 108 -16.56 8.22 2.80
N HIS A 109 -16.09 8.92 1.75
CA HIS A 109 -16.86 9.28 0.56
C HIS A 109 -15.90 9.20 -0.65
N PRO A 110 -16.23 8.37 -1.70
CA PRO A 110 -15.32 8.10 -2.84
C PRO A 110 -15.22 9.30 -3.82
N GLY A 111 -13.98 9.71 -4.16
CA GLY A 111 -13.74 10.83 -5.08
C GLY A 111 -13.87 10.39 -6.55
N GLU A 112 -15.13 10.09 -6.95
CA GLU A 112 -15.47 9.54 -8.27
C GLU A 112 -15.29 10.58 -9.40
N PRO A 113 -15.05 10.14 -10.69
CA PRO A 113 -14.99 11.05 -11.86
C PRO A 113 -16.38 11.64 -12.21
N VAL A 114 -16.39 12.87 -12.73
CA VAL A 114 -17.62 13.58 -13.13
C VAL A 114 -17.38 14.30 -14.47
N ASP A 115 -18.45 14.49 -15.25
CA ASP A 115 -18.38 15.04 -16.63
C ASP A 115 -19.01 16.45 -16.71
N LEU A 116 -19.01 17.20 -15.59
CA LEU A 116 -19.68 18.53 -15.52
C LEU A 116 -18.97 19.60 -16.37
N GLU A 117 -17.63 19.45 -16.52
CA GLU A 117 -16.80 20.41 -17.29
C GLU A 117 -16.62 19.95 -18.75
N ARG A 118 -17.17 18.78 -19.09
CA ARG A 118 -16.93 18.09 -20.38
C ARG A 118 -17.71 18.75 -21.56
N ILE A 119 -18.61 19.69 -21.24
CA ILE A 119 -19.50 20.32 -22.24
C ILE A 119 -18.80 21.57 -22.85
N ILE A 120 -17.72 21.29 -23.62
CA ILE A 120 -17.04 22.25 -24.54
C ILE A 120 -16.65 23.60 -23.83
N ARG A 121 -16.25 23.53 -22.53
CA ARG A 121 -15.90 24.74 -21.76
C ARG A 121 -14.52 25.28 -22.21
N HIS A 122 -14.44 26.60 -22.42
CA HIS A 122 -13.18 27.31 -22.73
C HIS A 122 -13.20 28.68 -22.03
N GLU A 123 -12.15 28.97 -21.25
CA GLU A 123 -12.10 30.18 -20.40
C GLU A 123 -11.77 31.43 -21.26
N GLY A 124 -11.11 31.21 -22.41
CA GLY A 124 -10.79 32.27 -23.37
C GLY A 124 -10.78 31.73 -24.78
N SER A 125 -11.99 31.43 -25.30
CA SER A 125 -12.17 30.83 -26.64
C SER A 125 -11.84 31.85 -27.77
#